data_1IS6
# 
_entry.id   1IS6 
# 
_audit_conform.dict_name       mmcif_pdbx.dic 
_audit_conform.dict_version    5.389 
_audit_conform.dict_location   http://mmcif.pdb.org/dictionaries/ascii/mmcif_pdbx.dic 
# 
loop_
_database_2.database_id 
_database_2.database_code 
_database_2.pdbx_database_accession 
_database_2.pdbx_DOI 
PDB   1IS6         pdb_00001is6 10.2210/pdb1is6/pdb 
RCSB  RCSB005227   ?            ?                   
WWPDB D_1000005227 ?            ?                   
# 
loop_
_pdbx_audit_revision_history.ordinal 
_pdbx_audit_revision_history.data_content_type 
_pdbx_audit_revision_history.major_revision 
_pdbx_audit_revision_history.minor_revision 
_pdbx_audit_revision_history.revision_date 
1 'Structure model' 1 0 2002-09-18 
2 'Structure model' 1 1 2008-04-27 
3 'Structure model' 1 2 2011-07-13 
4 'Structure model' 2 0 2023-12-27 
5 'Structure model' 2 1 2024-04-03 
# 
_pdbx_audit_revision_details.ordinal             1 
_pdbx_audit_revision_details.revision_ordinal    1 
_pdbx_audit_revision_details.data_content_type   'Structure model' 
_pdbx_audit_revision_details.provider            repository 
_pdbx_audit_revision_details.type                'Initial release' 
_pdbx_audit_revision_details.description         ? 
_pdbx_audit_revision_details.details             ? 
# 
loop_
_pdbx_audit_revision_group.ordinal 
_pdbx_audit_revision_group.revision_ordinal 
_pdbx_audit_revision_group.data_content_type 
_pdbx_audit_revision_group.group 
1 2 'Structure model' 'Version format compliance' 
2 3 'Structure model' 'Version format compliance' 
3 4 'Structure model' 'Atomic model'              
4 4 'Structure model' 'Data collection'           
5 4 'Structure model' 'Database references'       
6 4 'Structure model' 'Derived calculations'      
7 5 'Structure model' Advisory                    
8 5 'Structure model' 'Derived calculations'      
9 5 'Structure model' 'Refinement description'    
# 
loop_
_pdbx_audit_revision_category.ordinal 
_pdbx_audit_revision_category.revision_ordinal 
_pdbx_audit_revision_category.data_content_type 
_pdbx_audit_revision_category.category 
1 4 'Structure model' atom_site                     
2 4 'Structure model' chem_comp_atom                
3 4 'Structure model' chem_comp_bond                
4 4 'Structure model' database_2                    
5 4 'Structure model' struct_site                   
6 5 'Structure model' pdbx_initial_refinement_model 
7 5 'Structure model' pdbx_struct_special_symmetry  
8 5 'Structure model' pdbx_validate_symm_contact    
# 
loop_
_pdbx_audit_revision_item.ordinal 
_pdbx_audit_revision_item.revision_ordinal 
_pdbx_audit_revision_item.data_content_type 
_pdbx_audit_revision_item.item 
1 4 'Structure model' '_atom_site.occupancy'                
2 4 'Structure model' '_database_2.pdbx_DOI'                
3 4 'Structure model' '_database_2.pdbx_database_accession' 
4 4 'Structure model' '_struct_site.pdbx_auth_asym_id'      
5 4 'Structure model' '_struct_site.pdbx_auth_comp_id'      
6 4 'Structure model' '_struct_site.pdbx_auth_seq_id'       
# 
_pdbx_database_status.status_code                     REL 
_pdbx_database_status.entry_id                        1IS6 
_pdbx_database_status.recvd_initial_deposition_date   2001-11-12 
_pdbx_database_status.deposit_site                    PDBJ 
_pdbx_database_status.process_site                    PDBJ 
_pdbx_database_status.SG_entry                        . 
_pdbx_database_status.pdb_format_compatible           Y 
_pdbx_database_status.status_code_mr                  ? 
_pdbx_database_status.status_code_sf                  ? 
_pdbx_database_status.status_code_cs                  ? 
_pdbx_database_status.status_code_nmr_data            ? 
_pdbx_database_status.methods_development_category    ? 
# 
loop_
_pdbx_database_related.db_name 
_pdbx_database_related.db_id 
_pdbx_database_related.details 
_pdbx_database_related.content_type 
PDB 1C1L '1C1L contains Lactose-Liganded Congerin I.'                                            unspecified 
PDB 1IS3 '1IS3 contains Lactose and 2-(N-MORPHOLINO)-ETHANESULFONIC ACID LIGANDED  CONGERIN II.' unspecified 
PDB 1IS4 '1IS4 contains Lactose-LIGANDED CONGERIN II.'                                           unspecified 
PDB 1IS5 '1IS5 contains Ligand free Congerin II.'                                                unspecified 
# 
loop_
_audit_author.name 
_audit_author.pdbx_ordinal 
'Shirai, T.'            1 
'Matsui, Y.'            2 
'Shionyu-Mitsuyama, C.' 3 
'Yamane, T.'            4 
'Kamiya, H.'            5 
'Ishii, C.'             6 
'Ogawa, T.'             7 
'Muramoto, K.'          8 
# 
_citation.id                        primary 
_citation.title                     
;Crystal structure of a conger eel galectin (congerin II) at 1.45 A resolution: Implication for the accelerated evolution of a new ligand-binding site following gene duplication
;
_citation.journal_abbrev            J.MOL.BIOL. 
_citation.journal_volume            321 
_citation.page_first                879 
_citation.page_last                 889 
_citation.year                      2002 
_citation.journal_id_ASTM           JMOBAK 
_citation.country                   UK 
_citation.journal_id_ISSN           0022-2836 
_citation.journal_id_CSD            0070 
_citation.book_publisher            ? 
_citation.pdbx_database_id_PubMed   12206768 
_citation.pdbx_database_id_DOI      '10.1016/S0022-2836(02)00700-3' 
# 
loop_
_citation_author.citation_id 
_citation_author.name 
_citation_author.ordinal 
_citation_author.identifier_ORCID 
primary 'Shirai, T.'            1 ? 
primary 'Matsui, Y.'            2 ? 
primary 'Shionyu-Mitsuyama, C.' 3 ? 
primary 'Yamane, T.'            4 ? 
primary 'Kamiya, H.'            5 ? 
primary 'Ishii, C.'             6 ? 
primary 'Ogawa, T.'             7 ? 
primary 'Muramoto, K.'          8 ? 
# 
loop_
_entity.id 
_entity.type 
_entity.src_method 
_entity.pdbx_description 
_entity.formula_weight 
_entity.pdbx_number_of_molecules 
_entity.pdbx_ec 
_entity.pdbx_mutation 
_entity.pdbx_fragment 
_entity.details 
1 polymer     man 'Congerin II'                          15354.119 1  ? ? ? ? 
2 non-polymer syn '2-(N-MORPHOLINO)-ETHANESULFONIC ACID' 195.237   1  ? ? ? ? 
3 water       nat water                                  18.015    69 ? ? ? ? 
# 
_entity_name_com.entity_id   1 
_entity_name_com.name        'BETA-GALACTOSIDE-BINDING LECTIN 2' 
# 
_entity_poly.entity_id                      1 
_entity_poly.type                           'polypeptide(L)' 
_entity_poly.nstd_linkage                   no 
_entity_poly.nstd_monomer                   no 
_entity_poly.pdbx_seq_one_letter_code       
;SDRAEVRNIPFKLGMYLTVGGVVNSNATRFSINVGESTDSIAMHMDHRFSYGADQNVLVLNSLVHNVGWQQEERSKKFPF
TKGDHFQTTITFDTHTFYIQLSNGETVEFPNRNKDAAFNLIYLAGDARLTFVRLE
;
_entity_poly.pdbx_seq_one_letter_code_can   
;SDRAEVRNIPFKLGMYLTVGGVVNSNATRFSINVGESTDSIAMHMDHRFSYGADQNVLVLNSLVHNVGWQQEERSKKFPF
TKGDHFQTTITFDTHTFYIQLSNGETVEFPNRNKDAAFNLIYLAGDARLTFVRLE
;
_entity_poly.pdbx_strand_id                 A 
_entity_poly.pdbx_target_identifier         ? 
# 
loop_
_pdbx_entity_nonpoly.entity_id 
_pdbx_entity_nonpoly.name 
_pdbx_entity_nonpoly.comp_id 
2 '2-(N-MORPHOLINO)-ETHANESULFONIC ACID' MES 
3 water                                  HOH 
# 
loop_
_entity_poly_seq.entity_id 
_entity_poly_seq.num 
_entity_poly_seq.mon_id 
_entity_poly_seq.hetero 
1 1   SER n 
1 2   ASP n 
1 3   ARG n 
1 4   ALA n 
1 5   GLU n 
1 6   VAL n 
1 7   ARG n 
1 8   ASN n 
1 9   ILE n 
1 10  PRO n 
1 11  PHE n 
1 12  LYS n 
1 13  LEU n 
1 14  GLY n 
1 15  MET n 
1 16  TYR n 
1 17  LEU n 
1 18  THR n 
1 19  VAL n 
1 20  GLY n 
1 21  GLY n 
1 22  VAL n 
1 23  VAL n 
1 24  ASN n 
1 25  SER n 
1 26  ASN n 
1 27  ALA n 
1 28  THR n 
1 29  ARG n 
1 30  PHE n 
1 31  SER n 
1 32  ILE n 
1 33  ASN n 
1 34  VAL n 
1 35  GLY n 
1 36  GLU n 
1 37  SER n 
1 38  THR n 
1 39  ASP n 
1 40  SER n 
1 41  ILE n 
1 42  ALA n 
1 43  MET n 
1 44  HIS n 
1 45  MET n 
1 46  ASP n 
1 47  HIS n 
1 48  ARG n 
1 49  PHE n 
1 50  SER n 
1 51  TYR n 
1 52  GLY n 
1 53  ALA n 
1 54  ASP n 
1 55  GLN n 
1 56  ASN n 
1 57  VAL n 
1 58  LEU n 
1 59  VAL n 
1 60  LEU n 
1 61  ASN n 
1 62  SER n 
1 63  LEU n 
1 64  VAL n 
1 65  HIS n 
1 66  ASN n 
1 67  VAL n 
1 68  GLY n 
1 69  TRP n 
1 70  GLN n 
1 71  GLN n 
1 72  GLU n 
1 73  GLU n 
1 74  ARG n 
1 75  SER n 
1 76  LYS n 
1 77  LYS n 
1 78  PHE n 
1 79  PRO n 
1 80  PHE n 
1 81  THR n 
1 82  LYS n 
1 83  GLY n 
1 84  ASP n 
1 85  HIS n 
1 86  PHE n 
1 87  GLN n 
1 88  THR n 
1 89  THR n 
1 90  ILE n 
1 91  THR n 
1 92  PHE n 
1 93  ASP n 
1 94  THR n 
1 95  HIS n 
1 96  THR n 
1 97  PHE n 
1 98  TYR n 
1 99  ILE n 
1 100 GLN n 
1 101 LEU n 
1 102 SER n 
1 103 ASN n 
1 104 GLY n 
1 105 GLU n 
1 106 THR n 
1 107 VAL n 
1 108 GLU n 
1 109 PHE n 
1 110 PRO n 
1 111 ASN n 
1 112 ARG n 
1 113 ASN n 
1 114 LYS n 
1 115 ASP n 
1 116 ALA n 
1 117 ALA n 
1 118 PHE n 
1 119 ASN n 
1 120 LEU n 
1 121 ILE n 
1 122 TYR n 
1 123 LEU n 
1 124 ALA n 
1 125 GLY n 
1 126 ASP n 
1 127 ALA n 
1 128 ARG n 
1 129 LEU n 
1 130 THR n 
1 131 PHE n 
1 132 VAL n 
1 133 ARG n 
1 134 LEU n 
1 135 GLU n 
# 
_entity_src_gen.entity_id                          1 
_entity_src_gen.pdbx_src_id                        1 
_entity_src_gen.pdbx_alt_source_flag               sample 
_entity_src_gen.pdbx_seq_type                      ? 
_entity_src_gen.pdbx_beg_seq_num                   ? 
_entity_src_gen.pdbx_end_seq_num                   ? 
_entity_src_gen.gene_src_common_name               'whitespotted conger' 
_entity_src_gen.gene_src_genus                     Conger 
_entity_src_gen.pdbx_gene_src_gene                 ? 
_entity_src_gen.gene_src_species                   ? 
_entity_src_gen.gene_src_strain                    ? 
_entity_src_gen.gene_src_tissue                    ? 
_entity_src_gen.gene_src_tissue_fraction           ? 
_entity_src_gen.gene_src_details                   ? 
_entity_src_gen.pdbx_gene_src_fragment             ? 
_entity_src_gen.pdbx_gene_src_scientific_name      'Conger myriaster' 
_entity_src_gen.pdbx_gene_src_ncbi_taxonomy_id     7943 
_entity_src_gen.pdbx_gene_src_variant              ? 
_entity_src_gen.pdbx_gene_src_cell_line            ? 
_entity_src_gen.pdbx_gene_src_atcc                 ? 
_entity_src_gen.pdbx_gene_src_organ                ? 
_entity_src_gen.pdbx_gene_src_organelle            ? 
_entity_src_gen.pdbx_gene_src_cell                 ? 
_entity_src_gen.pdbx_gene_src_cellular_location    ? 
_entity_src_gen.host_org_common_name               ? 
_entity_src_gen.pdbx_host_org_scientific_name      'Escherichia coli' 
_entity_src_gen.pdbx_host_org_ncbi_taxonomy_id     562 
_entity_src_gen.host_org_genus                     Escherichia 
_entity_src_gen.pdbx_host_org_gene                 ? 
_entity_src_gen.pdbx_host_org_organ                ? 
_entity_src_gen.host_org_species                   ? 
_entity_src_gen.pdbx_host_org_tissue               ? 
_entity_src_gen.pdbx_host_org_tissue_fraction      ? 
_entity_src_gen.pdbx_host_org_strain               JM109 
_entity_src_gen.pdbx_host_org_variant              ? 
_entity_src_gen.pdbx_host_org_cell_line            ? 
_entity_src_gen.pdbx_host_org_atcc                 ? 
_entity_src_gen.pdbx_host_org_culture_collection   ? 
_entity_src_gen.pdbx_host_org_cell                 ? 
_entity_src_gen.pdbx_host_org_organelle            ? 
_entity_src_gen.pdbx_host_org_cellular_location    ? 
_entity_src_gen.pdbx_host_org_vector_type          PLASMID 
_entity_src_gen.pdbx_host_org_vector               ? 
_entity_src_gen.host_org_details                   ? 
_entity_src_gen.expression_system_id               ? 
_entity_src_gen.plasmid_name                       pTV118N 
_entity_src_gen.plasmid_details                    ? 
_entity_src_gen.pdbx_description                   ? 
# 
loop_
_chem_comp.id 
_chem_comp.type 
_chem_comp.mon_nstd_flag 
_chem_comp.name 
_chem_comp.pdbx_synonyms 
_chem_comp.formula 
_chem_comp.formula_weight 
ALA 'L-peptide linking' y ALANINE                                ? 'C3 H7 N O2'     89.093  
ARG 'L-peptide linking' y ARGININE                               ? 'C6 H15 N4 O2 1' 175.209 
ASN 'L-peptide linking' y ASPARAGINE                             ? 'C4 H8 N2 O3'    132.118 
ASP 'L-peptide linking' y 'ASPARTIC ACID'                        ? 'C4 H7 N O4'     133.103 
GLN 'L-peptide linking' y GLUTAMINE                              ? 'C5 H10 N2 O3'   146.144 
GLU 'L-peptide linking' y 'GLUTAMIC ACID'                        ? 'C5 H9 N O4'     147.129 
GLY 'peptide linking'   y GLYCINE                                ? 'C2 H5 N O2'     75.067  
HIS 'L-peptide linking' y HISTIDINE                              ? 'C6 H10 N3 O2 1' 156.162 
HOH non-polymer         . WATER                                  ? 'H2 O'           18.015  
ILE 'L-peptide linking' y ISOLEUCINE                             ? 'C6 H13 N O2'    131.173 
LEU 'L-peptide linking' y LEUCINE                                ? 'C6 H13 N O2'    131.173 
LYS 'L-peptide linking' y LYSINE                                 ? 'C6 H15 N2 O2 1' 147.195 
MES non-polymer         . '2-(N-MORPHOLINO)-ETHANESULFONIC ACID' ? 'C6 H13 N O4 S'  195.237 
MET 'L-peptide linking' y METHIONINE                             ? 'C5 H11 N O2 S'  149.211 
PHE 'L-peptide linking' y PHENYLALANINE                          ? 'C9 H11 N O2'    165.189 
PRO 'L-peptide linking' y PROLINE                                ? 'C5 H9 N O2'     115.130 
SER 'L-peptide linking' y SERINE                                 ? 'C3 H7 N O3'     105.093 
THR 'L-peptide linking' y THREONINE                              ? 'C4 H9 N O3'     119.119 
TRP 'L-peptide linking' y TRYPTOPHAN                             ? 'C11 H12 N2 O2'  204.225 
TYR 'L-peptide linking' y TYROSINE                               ? 'C9 H11 N O3'    181.189 
VAL 'L-peptide linking' y VALINE                                 ? 'C5 H11 N O2'    117.146 
# 
loop_
_pdbx_poly_seq_scheme.asym_id 
_pdbx_poly_seq_scheme.entity_id 
_pdbx_poly_seq_scheme.seq_id 
_pdbx_poly_seq_scheme.mon_id 
_pdbx_poly_seq_scheme.ndb_seq_num 
_pdbx_poly_seq_scheme.pdb_seq_num 
_pdbx_poly_seq_scheme.auth_seq_num 
_pdbx_poly_seq_scheme.pdb_mon_id 
_pdbx_poly_seq_scheme.auth_mon_id 
_pdbx_poly_seq_scheme.pdb_strand_id 
_pdbx_poly_seq_scheme.pdb_ins_code 
_pdbx_poly_seq_scheme.hetero 
A 1 1   SER 1   1   ?   ?   ?   A . n 
A 1 2   ASP 2   2   2   ASP ASP A . n 
A 1 3   ARG 3   3   3   ARG ARG A . n 
A 1 4   ALA 4   4   4   ALA ALA A . n 
A 1 5   GLU 5   5   5   GLU GLU A . n 
A 1 6   VAL 6   6   6   VAL VAL A . n 
A 1 7   ARG 7   7   7   ARG ARG A . n 
A 1 8   ASN 8   8   8   ASN ASN A . n 
A 1 9   ILE 9   9   9   ILE ILE A . n 
A 1 10  PRO 10  10  10  PRO PRO A . n 
A 1 11  PHE 11  11  11  PHE PHE A . n 
A 1 12  LYS 12  12  12  LYS LYS A . n 
A 1 13  LEU 13  13  13  LEU LEU A . n 
A 1 14  GLY 14  14  14  GLY GLY A . n 
A 1 15  MET 15  15  15  MET MET A . n 
A 1 16  TYR 16  16  16  TYR TYR A . n 
A 1 17  LEU 17  17  17  LEU LEU A . n 
A 1 18  THR 18  18  18  THR THR A . n 
A 1 19  VAL 19  19  19  VAL VAL A . n 
A 1 20  GLY 20  20  20  GLY GLY A . n 
A 1 21  GLY 21  21  21  GLY GLY A . n 
A 1 22  VAL 22  22  22  VAL VAL A . n 
A 1 23  VAL 23  23  23  VAL VAL A . n 
A 1 24  ASN 24  24  24  ASN ASN A . n 
A 1 25  SER 25  25  25  SER SER A . n 
A 1 26  ASN 26  26  26  ASN ASN A . n 
A 1 27  ALA 27  27  27  ALA ALA A . n 
A 1 28  THR 28  28  28  THR THR A . n 
A 1 29  ARG 29  29  29  ARG ARG A . n 
A 1 30  PHE 30  30  30  PHE PHE A . n 
A 1 31  SER 31  31  31  SER SER A . n 
A 1 32  ILE 32  32  32  ILE ILE A . n 
A 1 33  ASN 33  33  33  ASN ASN A . n 
A 1 34  VAL 34  34  34  VAL VAL A . n 
A 1 35  GLY 35  35  35  GLY GLY A . n 
A 1 36  GLU 36  36  36  GLU GLU A . n 
A 1 37  SER 37  37  37  SER SER A . n 
A 1 38  THR 38  38  38  THR THR A . n 
A 1 39  ASP 39  39  39  ASP ASP A . n 
A 1 40  SER 40  40  40  SER SER A . n 
A 1 41  ILE 41  41  41  ILE ILE A . n 
A 1 42  ALA 42  42  42  ALA ALA A . n 
A 1 43  MET 43  43  43  MET MET A . n 
A 1 44  HIS 44  44  44  HIS HIS A . n 
A 1 45  MET 45  45  45  MET MET A . n 
A 1 46  ASP 46  46  46  ASP ASP A . n 
A 1 47  HIS 47  47  47  HIS HIS A . n 
A 1 48  ARG 48  48  48  ARG ARG A . n 
A 1 49  PHE 49  49  49  PHE PHE A . n 
A 1 50  SER 50  50  50  SER SER A . n 
A 1 51  TYR 51  51  51  TYR TYR A . n 
A 1 52  GLY 52  52  52  GLY GLY A . n 
A 1 53  ALA 53  53  53  ALA ALA A . n 
A 1 54  ASP 54  54  54  ASP ASP A . n 
A 1 55  GLN 55  55  55  GLN GLN A . n 
A 1 56  ASN 56  56  56  ASN ASN A . n 
A 1 57  VAL 57  57  57  VAL VAL A . n 
A 1 58  LEU 58  58  58  LEU LEU A . n 
A 1 59  VAL 59  59  59  VAL VAL A . n 
A 1 60  LEU 60  60  60  LEU LEU A . n 
A 1 61  ASN 61  61  61  ASN ASN A . n 
A 1 62  SER 62  62  62  SER SER A . n 
A 1 63  LEU 63  63  63  LEU LEU A . n 
A 1 64  VAL 64  64  64  VAL VAL A . n 
A 1 65  HIS 65  65  65  HIS HIS A . n 
A 1 66  ASN 66  66  66  ASN ASN A . n 
A 1 67  VAL 67  67  67  VAL VAL A . n 
A 1 68  GLY 68  68  68  GLY GLY A . n 
A 1 69  TRP 69  69  69  TRP TRP A . n 
A 1 70  GLN 70  70  70  GLN GLN A . n 
A 1 71  GLN 71  71  71  GLN GLN A . n 
A 1 72  GLU 72  72  72  GLU GLU A . n 
A 1 73  GLU 73  73  73  GLU GLU A . n 
A 1 74  ARG 74  74  74  ARG ARG A . n 
A 1 75  SER 75  75  75  SER SER A . n 
A 1 76  LYS 76  76  76  LYS LYS A . n 
A 1 77  LYS 77  77  77  LYS LYS A . n 
A 1 78  PHE 78  78  78  PHE PHE A . n 
A 1 79  PRO 79  79  79  PRO PRO A . n 
A 1 80  PHE 80  80  80  PHE PHE A . n 
A 1 81  THR 81  81  81  THR THR A . n 
A 1 82  LYS 82  82  82  LYS LYS A . n 
A 1 83  GLY 83  83  83  GLY GLY A . n 
A 1 84  ASP 84  84  84  ASP ASP A . n 
A 1 85  HIS 85  85  85  HIS HIS A . n 
A 1 86  PHE 86  86  86  PHE PHE A . n 
A 1 87  GLN 87  87  87  GLN GLN A . n 
A 1 88  THR 88  88  88  THR THR A . n 
A 1 89  THR 89  89  89  THR THR A . n 
A 1 90  ILE 90  90  90  ILE ILE A . n 
A 1 91  THR 91  91  91  THR THR A . n 
A 1 92  PHE 92  92  92  PHE PHE A . n 
A 1 93  ASP 93  93  93  ASP ASP A . n 
A 1 94  THR 94  94  94  THR THR A . n 
A 1 95  HIS 95  95  95  HIS HIS A . n 
A 1 96  THR 96  96  96  THR THR A . n 
A 1 97  PHE 97  97  97  PHE PHE A . n 
A 1 98  TYR 98  98  98  TYR TYR A . n 
A 1 99  ILE 99  99  99  ILE ILE A . n 
A 1 100 GLN 100 100 100 GLN GLN A . n 
A 1 101 LEU 101 101 101 LEU LEU A . n 
A 1 102 SER 102 102 102 SER SER A . n 
A 1 103 ASN 103 103 103 ASN ASN A . n 
A 1 104 GLY 104 104 104 GLY GLY A . n 
A 1 105 GLU 105 105 105 GLU GLU A . n 
A 1 106 THR 106 106 106 THR THR A . n 
A 1 107 VAL 107 107 107 VAL VAL A . n 
A 1 108 GLU 108 108 108 GLU GLU A . n 
A 1 109 PHE 109 109 109 PHE PHE A . n 
A 1 110 PRO 110 110 110 PRO PRO A . n 
A 1 111 ASN 111 111 111 ASN ASN A . n 
A 1 112 ARG 112 112 112 ARG ARG A . n 
A 1 113 ASN 113 113 113 ASN ASN A . n 
A 1 114 LYS 114 114 114 LYS LYS A . n 
A 1 115 ASP 115 115 115 ASP ASP A . n 
A 1 116 ALA 116 116 116 ALA ALA A . n 
A 1 117 ALA 117 117 117 ALA ALA A . n 
A 1 118 PHE 118 118 118 PHE PHE A . n 
A 1 119 ASN 119 119 119 ASN ASN A . n 
A 1 120 LEU 120 120 120 LEU LEU A . n 
A 1 121 ILE 121 121 121 ILE ILE A . n 
A 1 122 TYR 122 122 122 TYR TYR A . n 
A 1 123 LEU 123 123 123 LEU LEU A . n 
A 1 124 ALA 124 124 124 ALA ALA A . n 
A 1 125 GLY 125 125 125 GLY GLY A . n 
A 1 126 ASP 126 126 126 ASP ASP A . n 
A 1 127 ALA 127 127 127 ALA ALA A . n 
A 1 128 ARG 128 128 128 ARG ARG A . n 
A 1 129 LEU 129 129 129 LEU LEU A . n 
A 1 130 THR 130 130 130 THR THR A . n 
A 1 131 PHE 131 131 131 PHE PHE A . n 
A 1 132 VAL 132 132 132 VAL VAL A . n 
A 1 133 ARG 133 133 133 ARG ARG A . n 
A 1 134 LEU 134 134 134 LEU LEU A . n 
A 1 135 GLU 135 135 135 GLU GLU A . n 
# 
loop_
_pdbx_nonpoly_scheme.asym_id 
_pdbx_nonpoly_scheme.entity_id 
_pdbx_nonpoly_scheme.mon_id 
_pdbx_nonpoly_scheme.ndb_seq_num 
_pdbx_nonpoly_scheme.pdb_seq_num 
_pdbx_nonpoly_scheme.auth_seq_num 
_pdbx_nonpoly_scheme.pdb_mon_id 
_pdbx_nonpoly_scheme.auth_mon_id 
_pdbx_nonpoly_scheme.pdb_strand_id 
_pdbx_nonpoly_scheme.pdb_ins_code 
B 2 MES 1  777 777 MES MES A . 
C 3 HOH 1  401 401 HOH HOH A . 
C 3 HOH 2  402 402 HOH HOH A . 
C 3 HOH 3  403 403 HOH HOH A . 
C 3 HOH 4  404 404 HOH HOH A . 
C 3 HOH 5  405 405 HOH HOH A . 
C 3 HOH 6  406 406 HOH HOH A . 
C 3 HOH 7  407 407 HOH HOH A . 
C 3 HOH 8  408 408 HOH HOH A . 
C 3 HOH 9  409 409 HOH HOH A . 
C 3 HOH 10 410 410 HOH HOH A . 
C 3 HOH 11 411 411 HOH HOH A . 
C 3 HOH 12 412 412 HOH HOH A . 
C 3 HOH 13 415 415 HOH HOH A . 
C 3 HOH 14 416 416 HOH HOH A . 
C 3 HOH 15 417 417 HOH HOH A . 
C 3 HOH 16 418 418 HOH HOH A . 
C 3 HOH 17 419 419 HOH HOH A . 
C 3 HOH 18 420 420 HOH HOH A . 
C 3 HOH 19 422 422 HOH HOH A . 
C 3 HOH 20 425 425 HOH HOH A . 
C 3 HOH 21 502 502 HOH HOH A . 
C 3 HOH 22 503 503 HOH HOH A . 
C 3 HOH 23 505 505 HOH HOH A . 
C 3 HOH 24 506 506 HOH HOH A . 
C 3 HOH 25 507 507 HOH HOH A . 
C 3 HOH 26 510 510 HOH HOH A . 
C 3 HOH 27 518 518 HOH HOH A . 
C 3 HOH 28 519 519 HOH HOH A . 
C 3 HOH 29 525 525 HOH HOH A . 
C 3 HOH 30 526 526 HOH HOH A . 
C 3 HOH 31 527 527 HOH HOH A . 
C 3 HOH 32 530 530 HOH HOH A . 
C 3 HOH 33 535 535 HOH HOH A . 
C 3 HOH 34 539 539 HOH HOH A . 
C 3 HOH 35 546 546 HOH HOH A . 
C 3 HOH 36 548 548 HOH HOH A . 
C 3 HOH 37 557 557 HOH HOH A . 
C 3 HOH 38 563 563 HOH HOH A . 
C 3 HOH 39 570 570 HOH HOH A . 
C 3 HOH 40 573 573 HOH HOH A . 
C 3 HOH 41 577 577 HOH HOH A . 
C 3 HOH 42 578 578 HOH HOH A . 
C 3 HOH 43 579 579 HOH HOH A . 
C 3 HOH 44 580 580 HOH HOH A . 
C 3 HOH 45 581 581 HOH HOH A . 
C 3 HOH 46 585 585 HOH HOH A . 
C 3 HOH 47 586 586 HOH HOH A . 
C 3 HOH 48 588 588 HOH HOH A . 
C 3 HOH 49 597 597 HOH HOH A . 
C 3 HOH 50 600 600 HOH HOH A . 
C 3 HOH 51 602 602 HOH HOH A . 
C 3 HOH 52 605 605 HOH HOH A . 
C 3 HOH 53 606 606 HOH HOH A . 
C 3 HOH 54 607 607 HOH HOH A . 
C 3 HOH 55 608 608 HOH HOH A . 
C 3 HOH 56 609 609 HOH HOH A . 
C 3 HOH 57 611 611 HOH HOH A . 
C 3 HOH 58 619 619 HOH HOH A . 
C 3 HOH 59 622 622 HOH HOH A . 
C 3 HOH 60 623 623 HOH HOH A . 
C 3 HOH 61 630 630 HOH HOH A . 
C 3 HOH 62 633 633 HOH HOH A . 
C 3 HOH 63 640 640 HOH HOH A . 
C 3 HOH 64 648 648 HOH HOH A . 
C 3 HOH 65 701 701 HOH HOH A . 
C 3 HOH 66 702 702 HOH HOH A . 
C 3 HOH 67 703 703 HOH HOH A . 
C 3 HOH 68 704 704 HOH HOH A . 
C 3 HOH 69 705 705 HOH HOH A . 
# 
loop_
_software.name 
_software.classification 
_software.version 
_software.citation_id 
_software.pdbx_ordinal 
AMoRE     phasing          .   ? 1 
X-PLOR    refinement       3.1 ? 2 
DENZO     'data reduction' .   ? 3 
SCALEPACK 'data scaling'   .   ? 4 
# 
_cell.entry_id           1IS6 
_cell.length_a           61.400 
_cell.length_b           61.400 
_cell.length_c           80.800 
_cell.angle_alpha        90.00 
_cell.angle_beta         90.00 
_cell.angle_gamma        90.00 
_cell.Z_PDB              8 
_cell.pdbx_unique_axis   ? 
# 
_symmetry.entry_id                         1IS6 
_symmetry.space_group_name_H-M             'P 42 21 2' 
_symmetry.pdbx_full_space_group_name_H-M   ? 
_symmetry.cell_setting                     ? 
_symmetry.Int_Tables_number                94 
# 
_exptl.entry_id          1IS6 
_exptl.method            'X-RAY DIFFRACTION' 
_exptl.crystals_number   1 
# 
_exptl_crystal.id                    1 
_exptl_crystal.density_meas          ? 
_exptl_crystal.density_Matthews      2.48 
_exptl_crystal.density_percent_sol   50.39 
_exptl_crystal.description           ? 
# 
_exptl_crystal_grow.crystal_id      1 
_exptl_crystal_grow.method          'VAPOR DIFFUSION, HANGING DROP' 
_exptl_crystal_grow.temp            291 
_exptl_crystal_grow.temp_details    ? 
_exptl_crystal_grow.pH              6.5 
_exptl_crystal_grow.pdbx_details    'magnesium sulfate, MES, pH 6.5, VAPOR DIFFUSION, HANGING DROP, temperature 291K' 
_exptl_crystal_grow.pdbx_pH_range   . 
# 
_diffrn.id                     1 
_diffrn.ambient_temp           291 
_diffrn.ambient_temp_details   ? 
_diffrn.crystal_id             1 
# 
_diffrn_detector.diffrn_id              1 
_diffrn_detector.detector               'IMAGE PLATE' 
_diffrn_detector.type                   'RIGAKU RAXIS IV' 
_diffrn_detector.pdbx_collection_date   2000-12-25 
_diffrn_detector.details                ? 
# 
_diffrn_radiation.diffrn_id                        1 
_diffrn_radiation.wavelength_id                    1 
_diffrn_radiation.pdbx_monochromatic_or_laue_m_l   M 
_diffrn_radiation.monochromator                    ? 
_diffrn_radiation.pdbx_diffrn_protocol             'SINGLE WAVELENGTH' 
_diffrn_radiation.pdbx_scattering_type             x-ray 
# 
_diffrn_radiation_wavelength.id           1 
_diffrn_radiation_wavelength.wavelength   1.54 
_diffrn_radiation_wavelength.wt           1.0 
# 
_diffrn_source.diffrn_id                   1 
_diffrn_source.source                      'ROTATING ANODE' 
_diffrn_source.type                        'RIGAKU RU300' 
_diffrn_source.pdbx_synchrotron_site       ? 
_diffrn_source.pdbx_synchrotron_beamline   ? 
_diffrn_source.pdbx_wavelength             ? 
_diffrn_source.pdbx_wavelength_list        1.54 
# 
_reflns.entry_id                     1IS6 
_reflns.observed_criterion_sigma_I   0.0 
_reflns.observed_criterion_sigma_F   0.0 
_reflns.d_resolution_low             99.00 
_reflns.d_resolution_high            1.70 
_reflns.number_obs                   17071 
_reflns.number_all                   17071 
_reflns.percent_possible_obs         96.4 
_reflns.pdbx_Rmerge_I_obs            0.0470000 
_reflns.pdbx_Rsym_value              ? 
_reflns.pdbx_netI_over_sigmaI        30.38 
_reflns.B_iso_Wilson_estimate        ? 
_reflns.pdbx_redundancy              ? 
_reflns.R_free_details               ? 
_reflns.limit_h_max                  ? 
_reflns.limit_h_min                  ? 
_reflns.limit_k_max                  ? 
_reflns.limit_k_min                  ? 
_reflns.limit_l_max                  ? 
_reflns.limit_l_min                  ? 
_reflns.observed_criterion_F_max     ? 
_reflns.observed_criterion_F_min     ? 
_reflns.pdbx_diffrn_id               1 
_reflns.pdbx_ordinal                 1 
# 
_reflns_shell.d_res_high             1.70 
_reflns_shell.d_res_low              1.76 
_reflns_shell.percent_possible_all   82.0 
_reflns_shell.Rmerge_I_obs           0.1940000 
_reflns_shell.pdbx_Rsym_value        ? 
_reflns_shell.meanI_over_sigI_obs    4.9 
_reflns_shell.pdbx_redundancy        ? 
_reflns_shell.percent_possible_obs   ? 
_reflns_shell.number_unique_all      1414 
_reflns_shell.pdbx_diffrn_id         ? 
_reflns_shell.pdbx_ordinal           1 
# 
_refine.entry_id                                 1IS6 
_refine.ls_number_reflns_obs                     16178 
_refine.ls_number_reflns_all                     16778 
_refine.pdbx_ls_sigma_I                          ? 
_refine.pdbx_ls_sigma_F                          3.0 
_refine.pdbx_data_cutoff_high_absF               ? 
_refine.pdbx_data_cutoff_low_absF                ? 
_refine.ls_d_res_low                             8.0 
_refine.ls_d_res_high                            1.7 
_refine.ls_percent_reflns_obs                    ? 
_refine.ls_R_factor_obs                          0.1880000 
_refine.ls_R_factor_all                          0.1920000 
_refine.ls_R_factor_R_work                       0.1870000 
_refine.ls_R_factor_R_free                       0.2320000 
_refine.ls_R_factor_R_free_error                 ? 
_refine.ls_R_factor_R_free_error_details         ? 
_refine.ls_percent_reflns_R_free                 4.6 
_refine.ls_number_reflns_R_free                  748 
_refine.ls_number_parameters                     ? 
_refine.ls_number_restraints                     ? 
_refine.occupancy_min                            ? 
_refine.occupancy_max                            ? 
_refine.B_iso_mean                               ? 
_refine.aniso_B[1][1]                            ? 
_refine.aniso_B[2][2]                            ? 
_refine.aniso_B[3][3]                            ? 
_refine.aniso_B[1][2]                            ? 
_refine.aniso_B[1][3]                            ? 
_refine.aniso_B[2][3]                            ? 
_refine.solvent_model_details                    ? 
_refine.solvent_model_param_ksol                 ? 
_refine.solvent_model_param_bsol                 ? 
_refine.pdbx_ls_cross_valid_method               ? 
_refine.details                                  ? 
_refine.pdbx_starting_model                      'Congerin II Lactose and Mes complex' 
_refine.pdbx_method_to_determine_struct          'MOLECULAR REPLACEMENT' 
_refine.pdbx_isotropic_thermal_model             ? 
_refine.pdbx_stereochemistry_target_values       'Engh & Huber' 
_refine.pdbx_stereochem_target_val_spec_case     ? 
_refine.pdbx_R_Free_selection_details            RANDOM 
_refine.pdbx_overall_ESU_R_Free                  ? 
_refine.overall_SU_B                             ? 
_refine.ls_redundancy_reflns_obs                 ? 
_refine.B_iso_min                                ? 
_refine.B_iso_max                                ? 
_refine.correlation_coeff_Fo_to_Fc               ? 
_refine.overall_SU_R_Cruickshank_DPI             ? 
_refine.overall_SU_R_free                        ? 
_refine.overall_SU_ML                            ? 
_refine.pdbx_overall_ESU_R                       ? 
_refine.pdbx_data_cutoff_high_rms_absF           ? 
_refine.correlation_coeff_Fo_to_Fc_free          ? 
_refine.pdbx_solvent_vdw_probe_radii             ? 
_refine.pdbx_solvent_ion_probe_radii             ? 
_refine.pdbx_solvent_shrinkage_radii             ? 
_refine.pdbx_refine_id                           'X-RAY DIFFRACTION' 
_refine.pdbx_diffrn_id                           1 
_refine.pdbx_TLS_residual_ADP_flag               ? 
_refine.pdbx_overall_phase_error                 ? 
_refine.pdbx_overall_SU_R_free_Cruickshank_DPI   ? 
_refine.pdbx_overall_SU_R_Blow_DPI               ? 
_refine.pdbx_overall_SU_R_free_Blow_DPI          ? 
# 
_refine_hist.pdbx_refine_id                   'X-RAY DIFFRACTION' 
_refine_hist.cycle_id                         LAST 
_refine_hist.pdbx_number_atoms_protein        1078 
_refine_hist.pdbx_number_atoms_nucleic_acid   0 
_refine_hist.pdbx_number_atoms_ligand         12 
_refine_hist.number_atoms_solvent             69 
_refine_hist.number_atoms_total               1159 
_refine_hist.d_res_high                       1.7 
_refine_hist.d_res_low                        8.0 
# 
loop_
_refine_ls_restr.type 
_refine_ls_restr.dev_ideal 
_refine_ls_restr.dev_ideal_target 
_refine_ls_restr.weight 
_refine_ls_restr.number 
_refine_ls_restr.pdbx_refine_id 
_refine_ls_restr.pdbx_restraint_function 
x_bond_d           0.015 ? ? ? 'X-RAY DIFFRACTION' ? 
x_angle_deg        2.8   ? ? ? 'X-RAY DIFFRACTION' ? 
x_dihedral_angle_d 26.6  ? ? ? 'X-RAY DIFFRACTION' ? 
x_improper_angle_d 2.0   ? ? ? 'X-RAY DIFFRACTION' ? 
# 
_refine_ls_shell.pdbx_total_number_of_bins_used   ? 
_refine_ls_shell.d_res_high                       1.70 
_refine_ls_shell.d_res_low                        1.76 
_refine_ls_shell.number_reflns_R_work             ? 
_refine_ls_shell.R_factor_R_work                  0.2370000 
_refine_ls_shell.percent_reflns_obs               ? 
_refine_ls_shell.R_factor_R_free                  0.2340000 
_refine_ls_shell.R_factor_R_free_error            ? 
_refine_ls_shell.percent_reflns_R_free            4.3 
_refine_ls_shell.number_reflns_R_free             50 
_refine_ls_shell.number_reflns_obs                1155 
_refine_ls_shell.redundancy_reflns_obs            ? 
_refine_ls_shell.number_reflns_all                ? 
_refine_ls_shell.pdbx_refine_id                   'X-RAY DIFFRACTION' 
_refine_ls_shell.R_factor_all                     ? 
# 
_struct.entry_id                  1IS6 
_struct.title                     'MES-Liganded Congerin II' 
_struct.pdbx_model_details        ? 
_struct.pdbx_CASP_flag            ? 
_struct.pdbx_model_type_details   ? 
# 
_struct_keywords.entry_id        1IS6 
_struct_keywords.pdbx_keywords   'SUGAR BINDING PROTEIN' 
_struct_keywords.text            'MES complex, BETA SANDWICH, SUGAR BINDING PROTEIN' 
# 
loop_
_struct_asym.id 
_struct_asym.pdbx_blank_PDB_chainid_flag 
_struct_asym.pdbx_modified 
_struct_asym.entity_id 
_struct_asym.details 
A N N 1 ? 
B N N 2 ? 
C N N 3 ? 
# 
_struct_ref.id                         1 
_struct_ref.db_name                    UNP 
_struct_ref.db_code                    LEG2_CONMY 
_struct_ref.entity_id                  1 
_struct_ref.pdbx_seq_one_letter_code   
;SDRAEVRNIPFKLGMYLTVGGVVNSNATRFSINVGESTDSIAMHMDHRFSYGADQNVLVLNSLVHNVGWQQEERSKKFPF
TKGDHFQTTITFDTHTFYIQLSNGETVEFPNRNKDAAFNLIYLAGDARLTFVRLE
;
_struct_ref.pdbx_align_begin           ? 
_struct_ref.pdbx_db_accession          Q9YIC2 
_struct_ref.pdbx_db_isoform            ? 
# 
_struct_ref_seq.align_id                      1 
_struct_ref_seq.ref_id                        1 
_struct_ref_seq.pdbx_PDB_id_code              1IS6 
_struct_ref_seq.pdbx_strand_id                A 
_struct_ref_seq.seq_align_beg                 1 
_struct_ref_seq.pdbx_seq_align_beg_ins_code   ? 
_struct_ref_seq.seq_align_end                 135 
_struct_ref_seq.pdbx_seq_align_end_ins_code   ? 
_struct_ref_seq.pdbx_db_accession             Q9YIC2 
_struct_ref_seq.db_align_beg                  1 
_struct_ref_seq.pdbx_db_align_beg_ins_code    ? 
_struct_ref_seq.db_align_end                  135 
_struct_ref_seq.pdbx_db_align_end_ins_code    ? 
_struct_ref_seq.pdbx_auth_seq_align_beg       1 
_struct_ref_seq.pdbx_auth_seq_align_end       135 
# 
_pdbx_struct_assembly.id                   1 
_pdbx_struct_assembly.details              author_defined_assembly 
_pdbx_struct_assembly.method_details       ? 
_pdbx_struct_assembly.oligomeric_details   dimeric 
_pdbx_struct_assembly.oligomeric_count     2 
# 
_pdbx_struct_assembly_gen.assembly_id       1 
_pdbx_struct_assembly_gen.oper_expression   1,2 
_pdbx_struct_assembly_gen.asym_id_list      A,B,C 
# 
loop_
_pdbx_struct_oper_list.id 
_pdbx_struct_oper_list.type 
_pdbx_struct_oper_list.name 
_pdbx_struct_oper_list.symmetry_operation 
_pdbx_struct_oper_list.matrix[1][1] 
_pdbx_struct_oper_list.matrix[1][2] 
_pdbx_struct_oper_list.matrix[1][3] 
_pdbx_struct_oper_list.vector[1] 
_pdbx_struct_oper_list.matrix[2][1] 
_pdbx_struct_oper_list.matrix[2][2] 
_pdbx_struct_oper_list.matrix[2][3] 
_pdbx_struct_oper_list.vector[2] 
_pdbx_struct_oper_list.matrix[3][1] 
_pdbx_struct_oper_list.matrix[3][2] 
_pdbx_struct_oper_list.matrix[3][3] 
_pdbx_struct_oper_list.vector[3] 
1 'identity operation'         1_555 x,y,z    1.0000000000  0.0000000000  0.0000000000 0.0000000000   0.0000000000  1.0000000000  0.0000000000  0.0000000000   0.0000000000 0.0000000000  1.0000000000  0.0000000000  
2 'crystal symmetry operation' 7_556 y,x,-z+1 -0.3523521490 -0.5041542713 0.7884646053 -16.0058765205 -0.5041542713 -0.6075467109 -0.6137715086 -24.2086057382 0.7884646053 -0.6137715086 -0.0401011401 -2.3320012609 
# 
_struct_biol.id                    1 
_struct_biol.details               'The second part of the biological assembly is generated by the two fold axis : y, x, -z+1.' 
_struct_biol.pdbx_parent_biol_id   ? 
# 
loop_
_struct_sheet.id 
_struct_sheet.type 
_struct_sheet.number_strands 
_struct_sheet.details 
A ? 6 ? 
B ? 6 ? 
C ? 5 ? 
# 
loop_
_struct_sheet_order.sheet_id 
_struct_sheet_order.range_id_1 
_struct_sheet_order.range_id_2 
_struct_sheet_order.offset 
_struct_sheet_order.sense 
A 1 2 ? anti-parallel 
A 2 3 ? anti-parallel 
A 3 4 ? anti-parallel 
A 4 5 ? anti-parallel 
A 5 6 ? anti-parallel 
B 1 2 ? anti-parallel 
B 2 3 ? anti-parallel 
B 3 4 ? anti-parallel 
B 4 5 ? anti-parallel 
B 5 6 ? anti-parallel 
C 1 2 ? anti-parallel 
C 2 3 ? anti-parallel 
C 3 4 ? anti-parallel 
C 4 5 ? anti-parallel 
# 
loop_
_struct_sheet_range.sheet_id 
_struct_sheet_range.id 
_struct_sheet_range.beg_label_comp_id 
_struct_sheet_range.beg_label_asym_id 
_struct_sheet_range.beg_label_seq_id 
_struct_sheet_range.pdbx_beg_PDB_ins_code 
_struct_sheet_range.end_label_comp_id 
_struct_sheet_range.end_label_asym_id 
_struct_sheet_range.end_label_seq_id 
_struct_sheet_range.pdbx_end_PDB_ins_code 
_struct_sheet_range.beg_auth_comp_id 
_struct_sheet_range.beg_auth_asym_id 
_struct_sheet_range.beg_auth_seq_id 
_struct_sheet_range.end_auth_comp_id 
_struct_sheet_range.end_auth_asym_id 
_struct_sheet_range.end_auth_seq_id 
A 1 ALA A 4   ? LYS A 12  ? ALA A 4   LYS A 12  
A 2 ALA A 117 ? GLY A 125 ? ALA A 117 GLY A 125 
A 3 ARG A 29  ? SER A 37  ? ARG A 29  SER A 37  
A 4 SER A 40  ? ARG A 48  ? SER A 40  ARG A 48  
A 5 VAL A 57  ? VAL A 64  ? VAL A 57  VAL A 64  
A 6 GLY A 68  ? TRP A 69  ? GLY A 68  TRP A 69  
B 1 ALA A 4   ? LYS A 12  ? ALA A 4   LYS A 12  
B 2 ALA A 117 ? GLY A 125 ? ALA A 117 GLY A 125 
B 3 ARG A 29  ? SER A 37  ? ARG A 29  SER A 37  
B 4 SER A 40  ? ARG A 48  ? SER A 40  ARG A 48  
B 5 VAL A 57  ? VAL A 64  ? VAL A 57  VAL A 64  
B 6 GLU A 73  ? SER A 75  ? GLU A 73  SER A 75  
C 1 THR A 106 ? PRO A 110 ? THR A 106 PRO A 110 
C 2 THR A 96  ? GLN A 100 ? THR A 96  GLN A 100 
C 3 HIS A 85  ? PHE A 92  ? HIS A 85  PHE A 92  
C 4 LEU A 17  ? VAL A 23  ? LEU A 17  VAL A 23  
C 5 ALA A 127 ? LEU A 134 ? ALA A 127 LEU A 134 
# 
loop_
_pdbx_struct_sheet_hbond.sheet_id 
_pdbx_struct_sheet_hbond.range_id_1 
_pdbx_struct_sheet_hbond.range_id_2 
_pdbx_struct_sheet_hbond.range_1_label_atom_id 
_pdbx_struct_sheet_hbond.range_1_label_comp_id 
_pdbx_struct_sheet_hbond.range_1_label_asym_id 
_pdbx_struct_sheet_hbond.range_1_label_seq_id 
_pdbx_struct_sheet_hbond.range_1_PDB_ins_code 
_pdbx_struct_sheet_hbond.range_1_auth_atom_id 
_pdbx_struct_sheet_hbond.range_1_auth_comp_id 
_pdbx_struct_sheet_hbond.range_1_auth_asym_id 
_pdbx_struct_sheet_hbond.range_1_auth_seq_id 
_pdbx_struct_sheet_hbond.range_2_label_atom_id 
_pdbx_struct_sheet_hbond.range_2_label_comp_id 
_pdbx_struct_sheet_hbond.range_2_label_asym_id 
_pdbx_struct_sheet_hbond.range_2_label_seq_id 
_pdbx_struct_sheet_hbond.range_2_PDB_ins_code 
_pdbx_struct_sheet_hbond.range_2_auth_atom_id 
_pdbx_struct_sheet_hbond.range_2_auth_comp_id 
_pdbx_struct_sheet_hbond.range_2_auth_asym_id 
_pdbx_struct_sheet_hbond.range_2_auth_seq_id 
A 1 2 N PHE A 11  ? N PHE A 11  O PHE A 118 ? O PHE A 118 
A 2 3 O ALA A 124 ? O ALA A 124 N SER A 31  ? N SER A 31  
A 3 4 N PHE A 30  ? N PHE A 30  O HIS A 47  ? O HIS A 47  
A 4 5 N ASP A 46  ? N ASP A 46  O VAL A 59  ? O VAL A 59  
A 5 6 N VAL A 64  ? N VAL A 64  O GLY A 68  ? O GLY A 68  
B 1 2 N PHE A 11  ? N PHE A 11  O PHE A 118 ? O PHE A 118 
B 2 3 O ALA A 124 ? O ALA A 124 N SER A 31  ? N SER A 31  
B 3 4 N PHE A 30  ? N PHE A 30  O HIS A 47  ? O HIS A 47  
B 4 5 N ASP A 46  ? N ASP A 46  O VAL A 59  ? O VAL A 59  
B 5 6 N LEU A 60  ? N LEU A 60  O GLU A 73  ? O GLU A 73  
C 1 2 O PHE A 109 ? O PHE A 109 N PHE A 97  ? N PHE A 97  
C 2 3 O TYR A 98  ? O TYR A 98  N THR A 91  ? N THR A 91  
C 3 4 O ILE A 90  ? O ILE A 90  N LEU A 17  ? N LEU A 17  
C 4 5 N GLY A 20  ? N GLY A 20  O THR A 130 ? O THR A 130 
# 
_struct_site.id                   AC1 
_struct_site.pdbx_evidence_code   Software 
_struct_site.pdbx_auth_asym_id    A 
_struct_site.pdbx_auth_comp_id    MES 
_struct_site.pdbx_auth_seq_id     777 
_struct_site.pdbx_auth_ins_code   ? 
_struct_site.pdbx_num_residues    7 
_struct_site.details              'BINDING SITE FOR RESIDUE MES A 777' 
# 
loop_
_struct_site_gen.id 
_struct_site_gen.site_id 
_struct_site_gen.pdbx_num_res 
_struct_site_gen.label_comp_id 
_struct_site_gen.label_asym_id 
_struct_site_gen.label_seq_id 
_struct_site_gen.pdbx_auth_ins_code 
_struct_site_gen.auth_comp_id 
_struct_site_gen.auth_asym_id 
_struct_site_gen.auth_seq_id 
_struct_site_gen.label_atom_id 
_struct_site_gen.label_alt_id 
_struct_site_gen.symmetry 
_struct_site_gen.details 
1 AC1 7 ARG A 3   ? ARG A 3   . ? 1_555 ? 
2 AC1 7 THR A 38  ? THR A 38  . ? 1_555 ? 
3 AC1 7 ASP A 39  ? ASP A 39  . ? 2_665 ? 
4 AC1 7 HIS A 65  ? HIS A 65  . ? 2_665 ? 
5 AC1 7 TRP A 69  ? TRP A 69  . ? 1_555 ? 
6 AC1 7 TYR A 122 ? TYR A 122 . ? 1_555 ? 
7 AC1 7 ALA A 124 ? ALA A 124 . ? 1_555 ? 
# 
_pdbx_validate_rmsd_bond.id                        1 
_pdbx_validate_rmsd_bond.PDB_model_num             1 
_pdbx_validate_rmsd_bond.auth_atom_id_1            NE2 
_pdbx_validate_rmsd_bond.auth_asym_id_1            A 
_pdbx_validate_rmsd_bond.auth_comp_id_1            HIS 
_pdbx_validate_rmsd_bond.auth_seq_id_1             95 
_pdbx_validate_rmsd_bond.PDB_ins_code_1            ? 
_pdbx_validate_rmsd_bond.label_alt_id_1            ? 
_pdbx_validate_rmsd_bond.auth_atom_id_2            CD2 
_pdbx_validate_rmsd_bond.auth_asym_id_2            A 
_pdbx_validate_rmsd_bond.auth_comp_id_2            HIS 
_pdbx_validate_rmsd_bond.auth_seq_id_2             95 
_pdbx_validate_rmsd_bond.PDB_ins_code_2            ? 
_pdbx_validate_rmsd_bond.label_alt_id_2            ? 
_pdbx_validate_rmsd_bond.bond_value                1.301 
_pdbx_validate_rmsd_bond.bond_target_value         1.373 
_pdbx_validate_rmsd_bond.bond_deviation            -0.072 
_pdbx_validate_rmsd_bond.bond_standard_deviation   0.011 
_pdbx_validate_rmsd_bond.linker_flag               N 
# 
loop_
_pdbx_validate_rmsd_angle.id 
_pdbx_validate_rmsd_angle.PDB_model_num 
_pdbx_validate_rmsd_angle.auth_atom_id_1 
_pdbx_validate_rmsd_angle.auth_asym_id_1 
_pdbx_validate_rmsd_angle.auth_comp_id_1 
_pdbx_validate_rmsd_angle.auth_seq_id_1 
_pdbx_validate_rmsd_angle.PDB_ins_code_1 
_pdbx_validate_rmsd_angle.label_alt_id_1 
_pdbx_validate_rmsd_angle.auth_atom_id_2 
_pdbx_validate_rmsd_angle.auth_asym_id_2 
_pdbx_validate_rmsd_angle.auth_comp_id_2 
_pdbx_validate_rmsd_angle.auth_seq_id_2 
_pdbx_validate_rmsd_angle.PDB_ins_code_2 
_pdbx_validate_rmsd_angle.label_alt_id_2 
_pdbx_validate_rmsd_angle.auth_atom_id_3 
_pdbx_validate_rmsd_angle.auth_asym_id_3 
_pdbx_validate_rmsd_angle.auth_comp_id_3 
_pdbx_validate_rmsd_angle.auth_seq_id_3 
_pdbx_validate_rmsd_angle.PDB_ins_code_3 
_pdbx_validate_rmsd_angle.label_alt_id_3 
_pdbx_validate_rmsd_angle.angle_value 
_pdbx_validate_rmsd_angle.angle_target_value 
_pdbx_validate_rmsd_angle.angle_deviation 
_pdbx_validate_rmsd_angle.angle_standard_deviation 
_pdbx_validate_rmsd_angle.linker_flag 
1 1 NE  A ARG 3  ? ? CZ  A ARG 3  ? ? NH2 A ARG 3  ? ? 123.58 120.30 3.28   0.50 N 
2 1 N   A THR 28 ? ? CA  A THR 28 ? ? CB  A THR 28 ? ? 93.13  110.30 -17.17 1.90 N 
3 1 NE  A ARG 29 ? ? CZ  A ARG 29 ? ? NH2 A ARG 29 ? ? 125.43 120.30 5.13   0.50 N 
4 1 CA  A GLU 36 ? ? CB  A GLU 36 ? ? CG  A GLU 36 ? ? 127.55 113.40 14.15  2.20 N 
5 1 CG  A MET 45 ? ? SD  A MET 45 ? ? CE  A MET 45 ? ? 89.07  100.20 -11.13 1.60 N 
6 1 CD1 A TRP 69 ? ? CG  A TRP 69 ? ? CD2 A TRP 69 ? ? 113.23 106.30 6.93   0.80 N 
7 1 CE2 A TRP 69 ? ? CD2 A TRP 69 ? ? CG  A TRP 69 ? ? 102.03 107.30 -5.27  0.80 N 
8 1 CB  A ASP 84 ? ? CG  A ASP 84 ? ? OD2 A ASP 84 ? ? 123.99 118.30 5.69   0.90 N 
9 1 N   A THR 91 ? ? CA  A THR 91 ? ? CB  A THR 91 ? ? 123.14 110.30 12.84  1.90 N 
# 
loop_
_pdbx_validate_torsion.id 
_pdbx_validate_torsion.PDB_model_num 
_pdbx_validate_torsion.auth_comp_id 
_pdbx_validate_torsion.auth_asym_id 
_pdbx_validate_torsion.auth_seq_id 
_pdbx_validate_torsion.PDB_ins_code 
_pdbx_validate_torsion.label_alt_id 
_pdbx_validate_torsion.phi 
_pdbx_validate_torsion.psi 
1 1 ASN A 66 ? ? 57.81   16.02   
2 1 VAL A 67 ? ? -123.89 -54.25  
3 1 GLN A 70 ? ? -100.65 -153.57 
4 1 ASP A 93 ? ? -121.33 -163.28 
# 
_pdbx_struct_special_symmetry.id              1 
_pdbx_struct_special_symmetry.PDB_model_num   1 
_pdbx_struct_special_symmetry.auth_asym_id    A 
_pdbx_struct_special_symmetry.auth_comp_id    HOH 
_pdbx_struct_special_symmetry.auth_seq_id     409 
_pdbx_struct_special_symmetry.PDB_ins_code    ? 
_pdbx_struct_special_symmetry.label_asym_id   C 
_pdbx_struct_special_symmetry.label_comp_id   HOH 
_pdbx_struct_special_symmetry.label_seq_id    . 
# 
_pdbx_unobs_or_zero_occ_residues.id               1 
_pdbx_unobs_or_zero_occ_residues.PDB_model_num    1 
_pdbx_unobs_or_zero_occ_residues.polymer_flag     Y 
_pdbx_unobs_or_zero_occ_residues.occupancy_flag   1 
_pdbx_unobs_or_zero_occ_residues.auth_asym_id     A 
_pdbx_unobs_or_zero_occ_residues.auth_comp_id     SER 
_pdbx_unobs_or_zero_occ_residues.auth_seq_id      1 
_pdbx_unobs_or_zero_occ_residues.PDB_ins_code     ? 
_pdbx_unobs_or_zero_occ_residues.label_asym_id    A 
_pdbx_unobs_or_zero_occ_residues.label_comp_id    SER 
_pdbx_unobs_or_zero_occ_residues.label_seq_id     1 
# 
loop_
_chem_comp_atom.comp_id 
_chem_comp_atom.atom_id 
_chem_comp_atom.type_symbol 
_chem_comp_atom.pdbx_aromatic_flag 
_chem_comp_atom.pdbx_stereo_config 
_chem_comp_atom.pdbx_ordinal 
ALA N    N N N 1   
ALA CA   C N S 2   
ALA C    C N N 3   
ALA O    O N N 4   
ALA CB   C N N 5   
ALA OXT  O N N 6   
ALA H    H N N 7   
ALA H2   H N N 8   
ALA HA   H N N 9   
ALA HB1  H N N 10  
ALA HB2  H N N 11  
ALA HB3  H N N 12  
ALA HXT  H N N 13  
ARG N    N N N 14  
ARG CA   C N S 15  
ARG C    C N N 16  
ARG O    O N N 17  
ARG CB   C N N 18  
ARG CG   C N N 19  
ARG CD   C N N 20  
ARG NE   N N N 21  
ARG CZ   C N N 22  
ARG NH1  N N N 23  
ARG NH2  N N N 24  
ARG OXT  O N N 25  
ARG H    H N N 26  
ARG H2   H N N 27  
ARG HA   H N N 28  
ARG HB2  H N N 29  
ARG HB3  H N N 30  
ARG HG2  H N N 31  
ARG HG3  H N N 32  
ARG HD2  H N N 33  
ARG HD3  H N N 34  
ARG HE   H N N 35  
ARG HH11 H N N 36  
ARG HH12 H N N 37  
ARG HH21 H N N 38  
ARG HH22 H N N 39  
ARG HXT  H N N 40  
ASN N    N N N 41  
ASN CA   C N S 42  
ASN C    C N N 43  
ASN O    O N N 44  
ASN CB   C N N 45  
ASN CG   C N N 46  
ASN OD1  O N N 47  
ASN ND2  N N N 48  
ASN OXT  O N N 49  
ASN H    H N N 50  
ASN H2   H N N 51  
ASN HA   H N N 52  
ASN HB2  H N N 53  
ASN HB3  H N N 54  
ASN HD21 H N N 55  
ASN HD22 H N N 56  
ASN HXT  H N N 57  
ASP N    N N N 58  
ASP CA   C N S 59  
ASP C    C N N 60  
ASP O    O N N 61  
ASP CB   C N N 62  
ASP CG   C N N 63  
ASP OD1  O N N 64  
ASP OD2  O N N 65  
ASP OXT  O N N 66  
ASP H    H N N 67  
ASP H2   H N N 68  
ASP HA   H N N 69  
ASP HB2  H N N 70  
ASP HB3  H N N 71  
ASP HD2  H N N 72  
ASP HXT  H N N 73  
GLN N    N N N 74  
GLN CA   C N S 75  
GLN C    C N N 76  
GLN O    O N N 77  
GLN CB   C N N 78  
GLN CG   C N N 79  
GLN CD   C N N 80  
GLN OE1  O N N 81  
GLN NE2  N N N 82  
GLN OXT  O N N 83  
GLN H    H N N 84  
GLN H2   H N N 85  
GLN HA   H N N 86  
GLN HB2  H N N 87  
GLN HB3  H N N 88  
GLN HG2  H N N 89  
GLN HG3  H N N 90  
GLN HE21 H N N 91  
GLN HE22 H N N 92  
GLN HXT  H N N 93  
GLU N    N N N 94  
GLU CA   C N S 95  
GLU C    C N N 96  
GLU O    O N N 97  
GLU CB   C N N 98  
GLU CG   C N N 99  
GLU CD   C N N 100 
GLU OE1  O N N 101 
GLU OE2  O N N 102 
GLU OXT  O N N 103 
GLU H    H N N 104 
GLU H2   H N N 105 
GLU HA   H N N 106 
GLU HB2  H N N 107 
GLU HB3  H N N 108 
GLU HG2  H N N 109 
GLU HG3  H N N 110 
GLU HE2  H N N 111 
GLU HXT  H N N 112 
GLY N    N N N 113 
GLY CA   C N N 114 
GLY C    C N N 115 
GLY O    O N N 116 
GLY OXT  O N N 117 
GLY H    H N N 118 
GLY H2   H N N 119 
GLY HA2  H N N 120 
GLY HA3  H N N 121 
GLY HXT  H N N 122 
HIS N    N N N 123 
HIS CA   C N S 124 
HIS C    C N N 125 
HIS O    O N N 126 
HIS CB   C N N 127 
HIS CG   C Y N 128 
HIS ND1  N Y N 129 
HIS CD2  C Y N 130 
HIS CE1  C Y N 131 
HIS NE2  N Y N 132 
HIS OXT  O N N 133 
HIS H    H N N 134 
HIS H2   H N N 135 
HIS HA   H N N 136 
HIS HB2  H N N 137 
HIS HB3  H N N 138 
HIS HD1  H N N 139 
HIS HD2  H N N 140 
HIS HE1  H N N 141 
HIS HE2  H N N 142 
HIS HXT  H N N 143 
HOH O    O N N 144 
HOH H1   H N N 145 
HOH H2   H N N 146 
ILE N    N N N 147 
ILE CA   C N S 148 
ILE C    C N N 149 
ILE O    O N N 150 
ILE CB   C N S 151 
ILE CG1  C N N 152 
ILE CG2  C N N 153 
ILE CD1  C N N 154 
ILE OXT  O N N 155 
ILE H    H N N 156 
ILE H2   H N N 157 
ILE HA   H N N 158 
ILE HB   H N N 159 
ILE HG12 H N N 160 
ILE HG13 H N N 161 
ILE HG21 H N N 162 
ILE HG22 H N N 163 
ILE HG23 H N N 164 
ILE HD11 H N N 165 
ILE HD12 H N N 166 
ILE HD13 H N N 167 
ILE HXT  H N N 168 
LEU N    N N N 169 
LEU CA   C N S 170 
LEU C    C N N 171 
LEU O    O N N 172 
LEU CB   C N N 173 
LEU CG   C N N 174 
LEU CD1  C N N 175 
LEU CD2  C N N 176 
LEU OXT  O N N 177 
LEU H    H N N 178 
LEU H2   H N N 179 
LEU HA   H N N 180 
LEU HB2  H N N 181 
LEU HB3  H N N 182 
LEU HG   H N N 183 
LEU HD11 H N N 184 
LEU HD12 H N N 185 
LEU HD13 H N N 186 
LEU HD21 H N N 187 
LEU HD22 H N N 188 
LEU HD23 H N N 189 
LEU HXT  H N N 190 
LYS N    N N N 191 
LYS CA   C N S 192 
LYS C    C N N 193 
LYS O    O N N 194 
LYS CB   C N N 195 
LYS CG   C N N 196 
LYS CD   C N N 197 
LYS CE   C N N 198 
LYS NZ   N N N 199 
LYS OXT  O N N 200 
LYS H    H N N 201 
LYS H2   H N N 202 
LYS HA   H N N 203 
LYS HB2  H N N 204 
LYS HB3  H N N 205 
LYS HG2  H N N 206 
LYS HG3  H N N 207 
LYS HD2  H N N 208 
LYS HD3  H N N 209 
LYS HE2  H N N 210 
LYS HE3  H N N 211 
LYS HZ1  H N N 212 
LYS HZ2  H N N 213 
LYS HZ3  H N N 214 
LYS HXT  H N N 215 
MES O1   O N N 216 
MES C2   C N N 217 
MES C3   C N N 218 
MES N4   N N N 219 
MES C5   C N N 220 
MES C6   C N N 221 
MES C7   C N N 222 
MES C8   C N N 223 
MES S    S N N 224 
MES O1S  O N N 225 
MES O2S  O N N 226 
MES O3S  O N N 227 
MES H21  H N N 228 
MES H22  H N N 229 
MES H31  H N N 230 
MES H32  H N N 231 
MES HN4  H N N 232 
MES H51  H N N 233 
MES H52  H N N 234 
MES H61  H N N 235 
MES H62  H N N 236 
MES H71  H N N 237 
MES H72  H N N 238 
MES H81  H N N 239 
MES H82  H N N 240 
MET N    N N N 241 
MET CA   C N S 242 
MET C    C N N 243 
MET O    O N N 244 
MET CB   C N N 245 
MET CG   C N N 246 
MET SD   S N N 247 
MET CE   C N N 248 
MET OXT  O N N 249 
MET H    H N N 250 
MET H2   H N N 251 
MET HA   H N N 252 
MET HB2  H N N 253 
MET HB3  H N N 254 
MET HG2  H N N 255 
MET HG3  H N N 256 
MET HE1  H N N 257 
MET HE2  H N N 258 
MET HE3  H N N 259 
MET HXT  H N N 260 
PHE N    N N N 261 
PHE CA   C N S 262 
PHE C    C N N 263 
PHE O    O N N 264 
PHE CB   C N N 265 
PHE CG   C Y N 266 
PHE CD1  C Y N 267 
PHE CD2  C Y N 268 
PHE CE1  C Y N 269 
PHE CE2  C Y N 270 
PHE CZ   C Y N 271 
PHE OXT  O N N 272 
PHE H    H N N 273 
PHE H2   H N N 274 
PHE HA   H N N 275 
PHE HB2  H N N 276 
PHE HB3  H N N 277 
PHE HD1  H N N 278 
PHE HD2  H N N 279 
PHE HE1  H N N 280 
PHE HE2  H N N 281 
PHE HZ   H N N 282 
PHE HXT  H N N 283 
PRO N    N N N 284 
PRO CA   C N S 285 
PRO C    C N N 286 
PRO O    O N N 287 
PRO CB   C N N 288 
PRO CG   C N N 289 
PRO CD   C N N 290 
PRO OXT  O N N 291 
PRO H    H N N 292 
PRO HA   H N N 293 
PRO HB2  H N N 294 
PRO HB3  H N N 295 
PRO HG2  H N N 296 
PRO HG3  H N N 297 
PRO HD2  H N N 298 
PRO HD3  H N N 299 
PRO HXT  H N N 300 
SER N    N N N 301 
SER CA   C N S 302 
SER C    C N N 303 
SER O    O N N 304 
SER CB   C N N 305 
SER OG   O N N 306 
SER OXT  O N N 307 
SER H    H N N 308 
SER H2   H N N 309 
SER HA   H N N 310 
SER HB2  H N N 311 
SER HB3  H N N 312 
SER HG   H N N 313 
SER HXT  H N N 314 
THR N    N N N 315 
THR CA   C N S 316 
THR C    C N N 317 
THR O    O N N 318 
THR CB   C N R 319 
THR OG1  O N N 320 
THR CG2  C N N 321 
THR OXT  O N N 322 
THR H    H N N 323 
THR H2   H N N 324 
THR HA   H N N 325 
THR HB   H N N 326 
THR HG1  H N N 327 
THR HG21 H N N 328 
THR HG22 H N N 329 
THR HG23 H N N 330 
THR HXT  H N N 331 
TRP N    N N N 332 
TRP CA   C N S 333 
TRP C    C N N 334 
TRP O    O N N 335 
TRP CB   C N N 336 
TRP CG   C Y N 337 
TRP CD1  C Y N 338 
TRP CD2  C Y N 339 
TRP NE1  N Y N 340 
TRP CE2  C Y N 341 
TRP CE3  C Y N 342 
TRP CZ2  C Y N 343 
TRP CZ3  C Y N 344 
TRP CH2  C Y N 345 
TRP OXT  O N N 346 
TRP H    H N N 347 
TRP H2   H N N 348 
TRP HA   H N N 349 
TRP HB2  H N N 350 
TRP HB3  H N N 351 
TRP HD1  H N N 352 
TRP HE1  H N N 353 
TRP HE3  H N N 354 
TRP HZ2  H N N 355 
TRP HZ3  H N N 356 
TRP HH2  H N N 357 
TRP HXT  H N N 358 
TYR N    N N N 359 
TYR CA   C N S 360 
TYR C    C N N 361 
TYR O    O N N 362 
TYR CB   C N N 363 
TYR CG   C Y N 364 
TYR CD1  C Y N 365 
TYR CD2  C Y N 366 
TYR CE1  C Y N 367 
TYR CE2  C Y N 368 
TYR CZ   C Y N 369 
TYR OH   O N N 370 
TYR OXT  O N N 371 
TYR H    H N N 372 
TYR H2   H N N 373 
TYR HA   H N N 374 
TYR HB2  H N N 375 
TYR HB3  H N N 376 
TYR HD1  H N N 377 
TYR HD2  H N N 378 
TYR HE1  H N N 379 
TYR HE2  H N N 380 
TYR HH   H N N 381 
TYR HXT  H N N 382 
VAL N    N N N 383 
VAL CA   C N S 384 
VAL C    C N N 385 
VAL O    O N N 386 
VAL CB   C N N 387 
VAL CG1  C N N 388 
VAL CG2  C N N 389 
VAL OXT  O N N 390 
VAL H    H N N 391 
VAL H2   H N N 392 
VAL HA   H N N 393 
VAL HB   H N N 394 
VAL HG11 H N N 395 
VAL HG12 H N N 396 
VAL HG13 H N N 397 
VAL HG21 H N N 398 
VAL HG22 H N N 399 
VAL HG23 H N N 400 
VAL HXT  H N N 401 
# 
loop_
_chem_comp_bond.comp_id 
_chem_comp_bond.atom_id_1 
_chem_comp_bond.atom_id_2 
_chem_comp_bond.value_order 
_chem_comp_bond.pdbx_aromatic_flag 
_chem_comp_bond.pdbx_stereo_config 
_chem_comp_bond.pdbx_ordinal 
ALA N   CA   sing N N 1   
ALA N   H    sing N N 2   
ALA N   H2   sing N N 3   
ALA CA  C    sing N N 4   
ALA CA  CB   sing N N 5   
ALA CA  HA   sing N N 6   
ALA C   O    doub N N 7   
ALA C   OXT  sing N N 8   
ALA CB  HB1  sing N N 9   
ALA CB  HB2  sing N N 10  
ALA CB  HB3  sing N N 11  
ALA OXT HXT  sing N N 12  
ARG N   CA   sing N N 13  
ARG N   H    sing N N 14  
ARG N   H2   sing N N 15  
ARG CA  C    sing N N 16  
ARG CA  CB   sing N N 17  
ARG CA  HA   sing N N 18  
ARG C   O    doub N N 19  
ARG C   OXT  sing N N 20  
ARG CB  CG   sing N N 21  
ARG CB  HB2  sing N N 22  
ARG CB  HB3  sing N N 23  
ARG CG  CD   sing N N 24  
ARG CG  HG2  sing N N 25  
ARG CG  HG3  sing N N 26  
ARG CD  NE   sing N N 27  
ARG CD  HD2  sing N N 28  
ARG CD  HD3  sing N N 29  
ARG NE  CZ   sing N N 30  
ARG NE  HE   sing N N 31  
ARG CZ  NH1  sing N N 32  
ARG CZ  NH2  doub N N 33  
ARG NH1 HH11 sing N N 34  
ARG NH1 HH12 sing N N 35  
ARG NH2 HH21 sing N N 36  
ARG NH2 HH22 sing N N 37  
ARG OXT HXT  sing N N 38  
ASN N   CA   sing N N 39  
ASN N   H    sing N N 40  
ASN N   H2   sing N N 41  
ASN CA  C    sing N N 42  
ASN CA  CB   sing N N 43  
ASN CA  HA   sing N N 44  
ASN C   O    doub N N 45  
ASN C   OXT  sing N N 46  
ASN CB  CG   sing N N 47  
ASN CB  HB2  sing N N 48  
ASN CB  HB3  sing N N 49  
ASN CG  OD1  doub N N 50  
ASN CG  ND2  sing N N 51  
ASN ND2 HD21 sing N N 52  
ASN ND2 HD22 sing N N 53  
ASN OXT HXT  sing N N 54  
ASP N   CA   sing N N 55  
ASP N   H    sing N N 56  
ASP N   H2   sing N N 57  
ASP CA  C    sing N N 58  
ASP CA  CB   sing N N 59  
ASP CA  HA   sing N N 60  
ASP C   O    doub N N 61  
ASP C   OXT  sing N N 62  
ASP CB  CG   sing N N 63  
ASP CB  HB2  sing N N 64  
ASP CB  HB3  sing N N 65  
ASP CG  OD1  doub N N 66  
ASP CG  OD2  sing N N 67  
ASP OD2 HD2  sing N N 68  
ASP OXT HXT  sing N N 69  
GLN N   CA   sing N N 70  
GLN N   H    sing N N 71  
GLN N   H2   sing N N 72  
GLN CA  C    sing N N 73  
GLN CA  CB   sing N N 74  
GLN CA  HA   sing N N 75  
GLN C   O    doub N N 76  
GLN C   OXT  sing N N 77  
GLN CB  CG   sing N N 78  
GLN CB  HB2  sing N N 79  
GLN CB  HB3  sing N N 80  
GLN CG  CD   sing N N 81  
GLN CG  HG2  sing N N 82  
GLN CG  HG3  sing N N 83  
GLN CD  OE1  doub N N 84  
GLN CD  NE2  sing N N 85  
GLN NE2 HE21 sing N N 86  
GLN NE2 HE22 sing N N 87  
GLN OXT HXT  sing N N 88  
GLU N   CA   sing N N 89  
GLU N   H    sing N N 90  
GLU N   H2   sing N N 91  
GLU CA  C    sing N N 92  
GLU CA  CB   sing N N 93  
GLU CA  HA   sing N N 94  
GLU C   O    doub N N 95  
GLU C   OXT  sing N N 96  
GLU CB  CG   sing N N 97  
GLU CB  HB2  sing N N 98  
GLU CB  HB3  sing N N 99  
GLU CG  CD   sing N N 100 
GLU CG  HG2  sing N N 101 
GLU CG  HG3  sing N N 102 
GLU CD  OE1  doub N N 103 
GLU CD  OE2  sing N N 104 
GLU OE2 HE2  sing N N 105 
GLU OXT HXT  sing N N 106 
GLY N   CA   sing N N 107 
GLY N   H    sing N N 108 
GLY N   H2   sing N N 109 
GLY CA  C    sing N N 110 
GLY CA  HA2  sing N N 111 
GLY CA  HA3  sing N N 112 
GLY C   O    doub N N 113 
GLY C   OXT  sing N N 114 
GLY OXT HXT  sing N N 115 
HIS N   CA   sing N N 116 
HIS N   H    sing N N 117 
HIS N   H2   sing N N 118 
HIS CA  C    sing N N 119 
HIS CA  CB   sing N N 120 
HIS CA  HA   sing N N 121 
HIS C   O    doub N N 122 
HIS C   OXT  sing N N 123 
HIS CB  CG   sing N N 124 
HIS CB  HB2  sing N N 125 
HIS CB  HB3  sing N N 126 
HIS CG  ND1  sing Y N 127 
HIS CG  CD2  doub Y N 128 
HIS ND1 CE1  doub Y N 129 
HIS ND1 HD1  sing N N 130 
HIS CD2 NE2  sing Y N 131 
HIS CD2 HD2  sing N N 132 
HIS CE1 NE2  sing Y N 133 
HIS CE1 HE1  sing N N 134 
HIS NE2 HE2  sing N N 135 
HIS OXT HXT  sing N N 136 
HOH O   H1   sing N N 137 
HOH O   H2   sing N N 138 
ILE N   CA   sing N N 139 
ILE N   H    sing N N 140 
ILE N   H2   sing N N 141 
ILE CA  C    sing N N 142 
ILE CA  CB   sing N N 143 
ILE CA  HA   sing N N 144 
ILE C   O    doub N N 145 
ILE C   OXT  sing N N 146 
ILE CB  CG1  sing N N 147 
ILE CB  CG2  sing N N 148 
ILE CB  HB   sing N N 149 
ILE CG1 CD1  sing N N 150 
ILE CG1 HG12 sing N N 151 
ILE CG1 HG13 sing N N 152 
ILE CG2 HG21 sing N N 153 
ILE CG2 HG22 sing N N 154 
ILE CG2 HG23 sing N N 155 
ILE CD1 HD11 sing N N 156 
ILE CD1 HD12 sing N N 157 
ILE CD1 HD13 sing N N 158 
ILE OXT HXT  sing N N 159 
LEU N   CA   sing N N 160 
LEU N   H    sing N N 161 
LEU N   H2   sing N N 162 
LEU CA  C    sing N N 163 
LEU CA  CB   sing N N 164 
LEU CA  HA   sing N N 165 
LEU C   O    doub N N 166 
LEU C   OXT  sing N N 167 
LEU CB  CG   sing N N 168 
LEU CB  HB2  sing N N 169 
LEU CB  HB3  sing N N 170 
LEU CG  CD1  sing N N 171 
LEU CG  CD2  sing N N 172 
LEU CG  HG   sing N N 173 
LEU CD1 HD11 sing N N 174 
LEU CD1 HD12 sing N N 175 
LEU CD1 HD13 sing N N 176 
LEU CD2 HD21 sing N N 177 
LEU CD2 HD22 sing N N 178 
LEU CD2 HD23 sing N N 179 
LEU OXT HXT  sing N N 180 
LYS N   CA   sing N N 181 
LYS N   H    sing N N 182 
LYS N   H2   sing N N 183 
LYS CA  C    sing N N 184 
LYS CA  CB   sing N N 185 
LYS CA  HA   sing N N 186 
LYS C   O    doub N N 187 
LYS C   OXT  sing N N 188 
LYS CB  CG   sing N N 189 
LYS CB  HB2  sing N N 190 
LYS CB  HB3  sing N N 191 
LYS CG  CD   sing N N 192 
LYS CG  HG2  sing N N 193 
LYS CG  HG3  sing N N 194 
LYS CD  CE   sing N N 195 
LYS CD  HD2  sing N N 196 
LYS CD  HD3  sing N N 197 
LYS CE  NZ   sing N N 198 
LYS CE  HE2  sing N N 199 
LYS CE  HE3  sing N N 200 
LYS NZ  HZ1  sing N N 201 
LYS NZ  HZ2  sing N N 202 
LYS NZ  HZ3  sing N N 203 
LYS OXT HXT  sing N N 204 
MES O1  C2   sing N N 205 
MES O1  C6   sing N N 206 
MES C2  C3   sing N N 207 
MES C2  H21  sing N N 208 
MES C2  H22  sing N N 209 
MES C3  N4   sing N N 210 
MES C3  H31  sing N N 211 
MES C3  H32  sing N N 212 
MES N4  C5   sing N N 213 
MES N4  C7   sing N N 214 
MES N4  HN4  sing N N 215 
MES C5  C6   sing N N 216 
MES C5  H51  sing N N 217 
MES C5  H52  sing N N 218 
MES C6  H61  sing N N 219 
MES C6  H62  sing N N 220 
MES C7  C8   sing N N 221 
MES C7  H71  sing N N 222 
MES C7  H72  sing N N 223 
MES C8  S    sing N N 224 
MES C8  H81  sing N N 225 
MES C8  H82  sing N N 226 
MES S   O1S  doub N N 227 
MES S   O2S  doub N N 228 
MES S   O3S  sing N N 229 
MET N   CA   sing N N 230 
MET N   H    sing N N 231 
MET N   H2   sing N N 232 
MET CA  C    sing N N 233 
MET CA  CB   sing N N 234 
MET CA  HA   sing N N 235 
MET C   O    doub N N 236 
MET C   OXT  sing N N 237 
MET CB  CG   sing N N 238 
MET CB  HB2  sing N N 239 
MET CB  HB3  sing N N 240 
MET CG  SD   sing N N 241 
MET CG  HG2  sing N N 242 
MET CG  HG3  sing N N 243 
MET SD  CE   sing N N 244 
MET CE  HE1  sing N N 245 
MET CE  HE2  sing N N 246 
MET CE  HE3  sing N N 247 
MET OXT HXT  sing N N 248 
PHE N   CA   sing N N 249 
PHE N   H    sing N N 250 
PHE N   H2   sing N N 251 
PHE CA  C    sing N N 252 
PHE CA  CB   sing N N 253 
PHE CA  HA   sing N N 254 
PHE C   O    doub N N 255 
PHE C   OXT  sing N N 256 
PHE CB  CG   sing N N 257 
PHE CB  HB2  sing N N 258 
PHE CB  HB3  sing N N 259 
PHE CG  CD1  doub Y N 260 
PHE CG  CD2  sing Y N 261 
PHE CD1 CE1  sing Y N 262 
PHE CD1 HD1  sing N N 263 
PHE CD2 CE2  doub Y N 264 
PHE CD2 HD2  sing N N 265 
PHE CE1 CZ   doub Y N 266 
PHE CE1 HE1  sing N N 267 
PHE CE2 CZ   sing Y N 268 
PHE CE2 HE2  sing N N 269 
PHE CZ  HZ   sing N N 270 
PHE OXT HXT  sing N N 271 
PRO N   CA   sing N N 272 
PRO N   CD   sing N N 273 
PRO N   H    sing N N 274 
PRO CA  C    sing N N 275 
PRO CA  CB   sing N N 276 
PRO CA  HA   sing N N 277 
PRO C   O    doub N N 278 
PRO C   OXT  sing N N 279 
PRO CB  CG   sing N N 280 
PRO CB  HB2  sing N N 281 
PRO CB  HB3  sing N N 282 
PRO CG  CD   sing N N 283 
PRO CG  HG2  sing N N 284 
PRO CG  HG3  sing N N 285 
PRO CD  HD2  sing N N 286 
PRO CD  HD3  sing N N 287 
PRO OXT HXT  sing N N 288 
SER N   CA   sing N N 289 
SER N   H    sing N N 290 
SER N   H2   sing N N 291 
SER CA  C    sing N N 292 
SER CA  CB   sing N N 293 
SER CA  HA   sing N N 294 
SER C   O    doub N N 295 
SER C   OXT  sing N N 296 
SER CB  OG   sing N N 297 
SER CB  HB2  sing N N 298 
SER CB  HB3  sing N N 299 
SER OG  HG   sing N N 300 
SER OXT HXT  sing N N 301 
THR N   CA   sing N N 302 
THR N   H    sing N N 303 
THR N   H2   sing N N 304 
THR CA  C    sing N N 305 
THR CA  CB   sing N N 306 
THR CA  HA   sing N N 307 
THR C   O    doub N N 308 
THR C   OXT  sing N N 309 
THR CB  OG1  sing N N 310 
THR CB  CG2  sing N N 311 
THR CB  HB   sing N N 312 
THR OG1 HG1  sing N N 313 
THR CG2 HG21 sing N N 314 
THR CG2 HG22 sing N N 315 
THR CG2 HG23 sing N N 316 
THR OXT HXT  sing N N 317 
TRP N   CA   sing N N 318 
TRP N   H    sing N N 319 
TRP N   H2   sing N N 320 
TRP CA  C    sing N N 321 
TRP CA  CB   sing N N 322 
TRP CA  HA   sing N N 323 
TRP C   O    doub N N 324 
TRP C   OXT  sing N N 325 
TRP CB  CG   sing N N 326 
TRP CB  HB2  sing N N 327 
TRP CB  HB3  sing N N 328 
TRP CG  CD1  doub Y N 329 
TRP CG  CD2  sing Y N 330 
TRP CD1 NE1  sing Y N 331 
TRP CD1 HD1  sing N N 332 
TRP CD2 CE2  doub Y N 333 
TRP CD2 CE3  sing Y N 334 
TRP NE1 CE2  sing Y N 335 
TRP NE1 HE1  sing N N 336 
TRP CE2 CZ2  sing Y N 337 
TRP CE3 CZ3  doub Y N 338 
TRP CE3 HE3  sing N N 339 
TRP CZ2 CH2  doub Y N 340 
TRP CZ2 HZ2  sing N N 341 
TRP CZ3 CH2  sing Y N 342 
TRP CZ3 HZ3  sing N N 343 
TRP CH2 HH2  sing N N 344 
TRP OXT HXT  sing N N 345 
TYR N   CA   sing N N 346 
TYR N   H    sing N N 347 
TYR N   H2   sing N N 348 
TYR CA  C    sing N N 349 
TYR CA  CB   sing N N 350 
TYR CA  HA   sing N N 351 
TYR C   O    doub N N 352 
TYR C   OXT  sing N N 353 
TYR CB  CG   sing N N 354 
TYR CB  HB2  sing N N 355 
TYR CB  HB3  sing N N 356 
TYR CG  CD1  doub Y N 357 
TYR CG  CD2  sing Y N 358 
TYR CD1 CE1  sing Y N 359 
TYR CD1 HD1  sing N N 360 
TYR CD2 CE2  doub Y N 361 
TYR CD2 HD2  sing N N 362 
TYR CE1 CZ   doub Y N 363 
TYR CE1 HE1  sing N N 364 
TYR CE2 CZ   sing Y N 365 
TYR CE2 HE2  sing N N 366 
TYR CZ  OH   sing N N 367 
TYR OH  HH   sing N N 368 
TYR OXT HXT  sing N N 369 
VAL N   CA   sing N N 370 
VAL N   H    sing N N 371 
VAL N   H2   sing N N 372 
VAL CA  C    sing N N 373 
VAL CA  CB   sing N N 374 
VAL CA  HA   sing N N 375 
VAL C   O    doub N N 376 
VAL C   OXT  sing N N 377 
VAL CB  CG1  sing N N 378 
VAL CB  CG2  sing N N 379 
VAL CB  HB   sing N N 380 
VAL CG1 HG11 sing N N 381 
VAL CG1 HG12 sing N N 382 
VAL CG1 HG13 sing N N 383 
VAL CG2 HG21 sing N N 384 
VAL CG2 HG22 sing N N 385 
VAL CG2 HG23 sing N N 386 
VAL OXT HXT  sing N N 387 
# 
_pdbx_initial_refinement_model.accession_code   1IS3 
_pdbx_initial_refinement_model.id               1 
_pdbx_initial_refinement_model.entity_id_list   ? 
_pdbx_initial_refinement_model.type             'experimental model' 
_pdbx_initial_refinement_model.source_name      PDB 
_pdbx_initial_refinement_model.details          'Congerin II Lactose and Mes complex' 
# 
_atom_sites.entry_id                    1IS6 
_atom_sites.fract_transf_matrix[1][1]   -0.01381450 
_atom_sites.fract_transf_matrix[1][2]   0.00862942 
_atom_sites.fract_transf_matrix[1][3]   0.00023826 
_atom_sites.fract_transf_matrix[2][1]   0.00070487 
_atom_sites.fract_transf_matrix[2][2]   0.00157563 
_atom_sites.fract_transf_matrix[2][3]   -0.01619829 
_atom_sites.fract_transf_matrix[3][1]   -0.00653874 
_atom_sites.fract_transf_matrix[3][2]   -0.01043174 
_atom_sites.fract_transf_matrix[3][3]   -0.00129925 
_atom_sites.fract_transf_vector[1]      0.321082 
_atom_sites.fract_transf_vector[2]      0.332734 
_atom_sites.fract_transf_vector[3]      0.320039 
# 
loop_
_atom_type.symbol 
C 
N 
O 
S 
# 
loop_
_atom_site.group_PDB 
_atom_site.id 
_atom_site.type_symbol 
_atom_site.label_atom_id 
_atom_site.label_alt_id 
_atom_site.label_comp_id 
_atom_site.label_asym_id 
_atom_site.label_entity_id 
_atom_site.label_seq_id 
_atom_site.pdbx_PDB_ins_code 
_atom_site.Cartn_x 
_atom_site.Cartn_y 
_atom_site.Cartn_z 
_atom_site.occupancy 
_atom_site.B_iso_or_equiv 
_atom_site.pdbx_formal_charge 
_atom_site.auth_seq_id 
_atom_site.auth_comp_id 
_atom_site.auth_asym_id 
_atom_site.auth_atom_id 
_atom_site.pdbx_PDB_model_num 
ATOM   1    N N   . ASP A 1 2   ? -7.418  -8.045  -13.634 1.00 46.32 ? 2   ASP A N   1 
ATOM   2    C CA  . ASP A 1 2   ? -7.366  -6.605  -13.542 1.00 43.58 ? 2   ASP A CA  1 
ATOM   3    C C   . ASP A 1 2   ? -6.221  -6.504  -12.526 1.00 40.37 ? 2   ASP A C   1 
ATOM   4    O O   . ASP A 1 2   ? -5.207  -7.209  -12.650 1.00 40.62 ? 2   ASP A O   1 
ATOM   5    C CB  . ASP A 1 2   ? -8.783  -6.052  -13.039 1.00 47.00 ? 2   ASP A CB  1 
ATOM   6    C CG  . ASP A 1 2   ? -9.617  -6.755  -11.925 1.00 49.36 ? 2   ASP A CG  1 
ATOM   7    O OD1 . ASP A 1 2   ? -10.841 -6.539  -11.881 1.00 51.02 ? 2   ASP A OD1 1 
ATOM   8    O OD2 . ASP A 1 2   ? -9.080  -7.504  -11.100 1.00 48.96 ? 2   ASP A OD2 1 
ATOM   9    N N   . ARG A 1 3   ? -6.400  -5.646  -11.536 1.00 33.90 ? 3   ARG A N   1 
ATOM   10   C CA  . ARG A 1 3   ? -5.481  -5.551  -10.443 1.00 27.07 ? 3   ARG A CA  1 
ATOM   11   C C   . ARG A 1 3   ? -5.701  -6.836  -9.632  1.00 21.55 ? 3   ARG A C   1 
ATOM   12   O O   . ARG A 1 3   ? -6.670  -7.583  -9.823  1.00 19.72 ? 3   ARG A O   1 
ATOM   13   C CB  . ARG A 1 3   ? -5.866  -4.281  -9.715  1.00 28.03 ? 3   ARG A CB  1 
ATOM   14   C CG  . ARG A 1 3   ? -7.238  -4.333  -9.111  1.00 29.13 ? 3   ARG A CG  1 
ATOM   15   C CD  . ARG A 1 3   ? -7.812  -2.958  -9.205  1.00 30.62 ? 3   ARG A CD  1 
ATOM   16   N NE  . ARG A 1 3   ? -9.188  -3.149  -8.864  1.00 32.92 ? 3   ARG A NE  1 
ATOM   17   C CZ  . ARG A 1 3   ? -10.179 -2.915  -9.730  1.00 33.77 ? 3   ARG A CZ  1 
ATOM   18   N NH1 . ARG A 1 3   ? -11.429 -3.145  -9.346  1.00 36.06 ? 3   ARG A NH1 1 
ATOM   19   N NH2 . ARG A 1 3   ? -9.993  -2.387  -10.934 1.00 33.31 ? 3   ARG A NH2 1 
ATOM   20   N N   . ALA A 1 4   ? -4.814  -7.042  -8.699  1.00 15.63 ? 4   ALA A N   1 
ATOM   21   C CA  . ALA A 1 4   ? -4.944  -8.166  -7.829  1.00 11.01 ? 4   ALA A CA  1 
ATOM   22   C C   . ALA A 1 4   ? -5.782  -7.609  -6.693  1.00 9.97  ? 4   ALA A C   1 
ATOM   23   O O   . ALA A 1 4   ? -5.423  -6.538  -6.187  1.00 10.47 ? 4   ALA A O   1 
ATOM   24   C CB  . ALA A 1 4   ? -3.536  -8.570  -7.386  1.00 9.67  ? 4   ALA A CB  1 
ATOM   25   N N   . GLU A 1 5   ? -6.875  -8.207  -6.250  1.00 8.76  ? 5   GLU A N   1 
ATOM   26   C CA  . GLU A 1 5   ? -7.663  -7.662  -5.142  1.00 9.94  ? 5   GLU A CA  1 
ATOM   27   C C   . GLU A 1 5   ? -8.309  -8.660  -4.192  1.00 8.14  ? 5   GLU A C   1 
ATOM   28   O O   . GLU A 1 5   ? -8.540  -9.824  -4.527  1.00 7.41  ? 5   GLU A O   1 
ATOM   29   C CB  . GLU A 1 5   ? -8.734  -6.752  -5.715  1.00 12.69 ? 5   GLU A CB  1 
ATOM   30   C CG  . GLU A 1 5   ? -9.688  -7.292  -6.716  1.00 18.86 ? 5   GLU A CG  1 
ATOM   31   C CD  . GLU A 1 5   ? -10.296 -6.194  -7.591  1.00 24.08 ? 5   GLU A CD  1 
ATOM   32   O OE1 . GLU A 1 5   ? -10.605 -6.476  -8.741  1.00 29.45 ? 5   GLU A OE1 1 
ATOM   33   O OE2 . GLU A 1 5   ? -10.465 -5.053  -7.177  1.00 25.45 ? 5   GLU A OE2 1 
ATOM   34   N N   . VAL A 1 6   ? -8.542  -8.204  -2.960  1.00 8.81  ? 6   VAL A N   1 
ATOM   35   C CA  . VAL A 1 6   ? -9.180  -8.968  -1.882  1.00 7.47  ? 6   VAL A CA  1 
ATOM   36   C C   . VAL A 1 6   ? -10.337 -8.044  -1.517  1.00 8.09  ? 6   VAL A C   1 
ATOM   37   O O   . VAL A 1 6   ? -10.118 -6.900  -1.059  1.00 7.86  ? 6   VAL A O   1 
ATOM   38   C CB  . VAL A 1 6   ? -8.190  -9.159  -0.692  1.00 7.80  ? 6   VAL A CB  1 
ATOM   39   C CG1 . VAL A 1 6   ? -8.910  -9.901  0.413   1.00 8.32  ? 6   VAL A CG1 1 
ATOM   40   C CG2 . VAL A 1 6   ? -6.907  -9.880  -1.151  1.00 9.70  ? 6   VAL A CG2 1 
ATOM   41   N N   . ARG A 1 7   ? -11.563 -8.515  -1.728  1.00 6.51  ? 7   ARG A N   1 
ATOM   42   C CA  . ARG A 1 7   ? -12.724 -7.660  -1.630  1.00 7.46  ? 7   ARG A CA  1 
ATOM   43   C C   . ARG A 1 7   ? -13.742 -8.310  -0.746  1.00 6.82  ? 7   ARG A C   1 
ATOM   44   O O   . ARG A 1 7   ? -14.048 -9.487  -0.906  1.00 7.14  ? 7   ARG A O   1 
ATOM   45   C CB  . ARG A 1 7   ? -13.288 -7.450  -3.042  1.00 11.06 ? 7   ARG A CB  1 
ATOM   46   C CG  . ARG A 1 7   ? -14.549 -6.611  -3.142  1.00 15.24 ? 7   ARG A CG  1 
ATOM   47   C CD  . ARG A 1 7   ? -14.999 -6.536  -4.603  1.00 19.22 ? 7   ARG A CD  1 
ATOM   48   N NE  . ARG A 1 7   ? -14.106 -5.745  -5.439  1.00 23.40 ? 7   ARG A NE  1 
ATOM   49   C CZ  . ARG A 1 7   ? -14.252 -4.412  -5.617  1.00 24.26 ? 7   ARG A CZ  1 
ATOM   50   N NH1 . ARG A 1 7   ? -15.245 -3.760  -5.018  1.00 26.60 ? 7   ARG A NH1 1 
ATOM   51   N NH2 . ARG A 1 7   ? -13.396 -3.701  -6.382  1.00 24.29 ? 7   ARG A NH2 1 
ATOM   52   N N   . ASN A 1 8   ? -14.253 -7.504  0.172   1.00 6.66  ? 8   ASN A N   1 
ATOM   53   C CA  . ASN A 1 8   ? -15.292 -7.868  1.105   1.00 8.25  ? 8   ASN A CA  1 
ATOM   54   C C   . ASN A 1 8   ? -14.948 -8.954  2.099   1.00 9.83  ? 8   ASN A C   1 
ATOM   55   O O   . ASN A 1 8   ? -15.808 -9.690  2.594   1.00 10.73 ? 8   ASN A O   1 
ATOM   56   C CB  . ASN A 1 8   ? -16.571 -8.265  0.351   1.00 10.73 ? 8   ASN A CB  1 
ATOM   57   C CG  . ASN A 1 8   ? -17.182 -7.124  -0.452  1.00 13.84 ? 8   ASN A CG  1 
ATOM   58   O OD1 . ASN A 1 8   ? -17.730 -7.265  -1.562  1.00 17.09 ? 8   ASN A OD1 1 
ATOM   59   N ND2 . ASN A 1 8   ? -17.196 -5.915  0.075   1.00 13.98 ? 8   ASN A ND2 1 
ATOM   60   N N   . ILE A 1 9   ? -13.666 -9.060  2.395   1.00 7.02  ? 9   ILE A N   1 
ATOM   61   C CA  . ILE A 1 9   ? -13.251 -9.841  3.531   1.00 9.22  ? 9   ILE A CA  1 
ATOM   62   C C   . ILE A 1 9   ? -12.730 -8.713  4.432   1.00 9.87  ? 9   ILE A C   1 
ATOM   63   O O   . ILE A 1 9   ? -11.641 -8.181  4.189   1.00 10.58 ? 9   ILE A O   1 
ATOM   64   C CB  . ILE A 1 9   ? -12.130 -10.856 3.162   1.00 10.25 ? 9   ILE A CB  1 
ATOM   65   C CG1 . ILE A 1 9   ? -12.637 -11.823 2.059   1.00 10.18 ? 9   ILE A CG1 1 
ATOM   66   C CG2 . ILE A 1 9   ? -11.684 -11.602 4.444   1.00 9.21  ? 9   ILE A CG2 1 
ATOM   67   C CD1 . ILE A 1 9   ? -11.554 -12.666 1.374   1.00 12.13 ? 9   ILE A CD1 1 
ATOM   68   N N   . PRO A 1 10  ? -13.473 -8.289  5.466   1.00 8.40  ? 10  PRO A N   1 
ATOM   69   C CA  . PRO A 1 10  ? -13.173 -7.073  6.211   1.00 8.55  ? 10  PRO A CA  1 
ATOM   70   C C   . PRO A 1 10  ? -11.788 -7.062  6.836   1.00 7.96  ? 10  PRO A C   1 
ATOM   71   O O   . PRO A 1 10  ? -11.444 -7.987  7.569   1.00 9.72  ? 10  PRO A O   1 
ATOM   72   C CB  . PRO A 1 10  ? -14.270 -6.996  7.244   1.00 8.76  ? 10  PRO A CB  1 
ATOM   73   C CG  . PRO A 1 10  ? -15.391 -7.807  6.628   1.00 9.44  ? 10  PRO A CG  1 
ATOM   74   C CD  . PRO A 1 10  ? -14.651 -8.964  6.004   1.00 8.35  ? 10  PRO A CD  1 
ATOM   75   N N   . PHE A 1 11  ? -10.954 -6.060  6.579   1.00 8.64  ? 11  PHE A N   1 
ATOM   76   C CA  . PHE A 1 11  ? -9.674  -5.889  7.257   1.00 8.43  ? 11  PHE A CA  1 
ATOM   77   C C   . PHE A 1 11  ? -9.986  -4.942  8.426   1.00 7.69  ? 11  PHE A C   1 
ATOM   78   O O   . PHE A 1 11  ? -10.194 -3.740  8.232   1.00 9.32  ? 11  PHE A O   1 
ATOM   79   C CB  . PHE A 1 11  ? -8.682  -5.285  6.250   1.00 6.03  ? 11  PHE A CB  1 
ATOM   80   C CG  . PHE A 1 11  ? -7.294  -4.970  6.798   1.00 6.01  ? 11  PHE A CG  1 
ATOM   81   C CD1 . PHE A 1 11  ? -6.792  -5.609  7.938   1.00 6.49  ? 11  PHE A CD1 1 
ATOM   82   C CD2 . PHE A 1 11  ? -6.505  -4.030  6.141   1.00 7.96  ? 11  PHE A CD2 1 
ATOM   83   C CE1 . PHE A 1 11  ? -5.516  -5.303  8.401   1.00 6.96  ? 11  PHE A CE1 1 
ATOM   84   C CE2 . PHE A 1 11  ? -5.220  -3.712  6.602   1.00 6.30  ? 11  PHE A CE2 1 
ATOM   85   C CZ  . PHE A 1 11  ? -4.730  -4.353  7.732   1.00 8.49  ? 11  PHE A CZ  1 
ATOM   86   N N   . LYS A 1 12  ? -10.087 -5.486  9.633   1.00 9.43  ? 12  LYS A N   1 
ATOM   87   C CA  . LYS A 1 12  ? -10.515 -4.754  10.817  1.00 11.86 ? 12  LYS A CA  1 
ATOM   88   C C   . LYS A 1 12  ? -9.357  -4.522  11.744  1.00 12.67 ? 12  LYS A C   1 
ATOM   89   O O   . LYS A 1 12  ? -8.316  -5.176  11.680  1.00 10.66 ? 12  LYS A O   1 
ATOM   90   C CB  . LYS A 1 12  ? -11.548 -5.536  11.576  1.00 13.74 ? 12  LYS A CB  1 
ATOM   91   C CG  . LYS A 1 12  ? -12.767 -5.740  10.702  1.00 19.10 ? 12  LYS A CG  1 
ATOM   92   C CD  . LYS A 1 12  ? -13.555 -6.885  11.279  1.00 24.10 ? 12  LYS A CD  1 
ATOM   93   C CE  . LYS A 1 12  ? -14.115 -6.449  12.629  1.00 31.26 ? 12  LYS A CE  1 
ATOM   94   N NZ  . LYS A 1 12  ? -14.757 -7.552  13.338  1.00 36.11 ? 12  LYS A NZ  1 
ATOM   95   N N   . LEU A 1 13  ? -9.646  -3.577  12.636  1.00 14.43 ? 13  LEU A N   1 
ATOM   96   C CA  . LEU A 1 13  ? -8.781  -3.146  13.724  1.00 16.57 ? 13  LEU A CA  1 
ATOM   97   C C   . LEU A 1 13  ? -8.222  -4.375  14.418  1.00 15.04 ? 13  LEU A C   1 
ATOM   98   O O   . LEU A 1 13  ? -8.959  -5.289  14.804  1.00 14.89 ? 13  LEU A O   1 
ATOM   99   C CB  . LEU A 1 13  ? -9.651  -2.346  14.641  1.00 18.45 ? 13  LEU A CB  1 
ATOM   100  C CG  . LEU A 1 13  ? -9.231  -1.123  15.349  1.00 24.44 ? 13  LEU A CG  1 
ATOM   101  C CD1 . LEU A 1 13  ? -8.823  -0.018  14.424  1.00 24.97 ? 13  LEU A CD1 1 
ATOM   102  C CD2 . LEU A 1 13  ? -10.481 -0.621  16.049  1.00 25.99 ? 13  LEU A CD2 1 
ATOM   103  N N   . GLY A 1 14  ? -6.903  -4.487  14.494  1.00 15.53 ? 14  GLY A N   1 
ATOM   104  C CA  . GLY A 1 14  ? -6.344  -5.645  15.177  1.00 15.80 ? 14  GLY A CA  1 
ATOM   105  C C   . GLY A 1 14  ? -5.915  -6.822  14.301  1.00 14.23 ? 14  GLY A C   1 
ATOM   106  O O   . GLY A 1 14  ? -5.211  -7.709  14.789  1.00 17.91 ? 14  GLY A O   1 
ATOM   107  N N   . MET A 1 15  ? -6.322  -6.859  13.044  1.00 11.83 ? 15  MET A N   1 
ATOM   108  C CA  . MET A 1 15  ? -5.950  -7.924  12.134  1.00 9.11  ? 15  MET A CA  1 
ATOM   109  C C   . MET A 1 15  ? -4.642  -7.564  11.468  1.00 8.51  ? 15  MET A C   1 
ATOM   110  O O   . MET A 1 15  ? -4.229  -6.406  11.476  1.00 9.95  ? 15  MET A O   1 
ATOM   111  C CB  . MET A 1 15  ? -7.008  -8.092  11.055  1.00 7.95  ? 15  MET A CB  1 
ATOM   112  C CG  . MET A 1 15  ? -8.258  -8.730  11.606  1.00 8.14  ? 15  MET A CG  1 
ATOM   113  S SD  . MET A 1 15  ? -9.593  -8.775  10.390  1.00 10.99 ? 15  MET A SD  1 
ATOM   114  C CE  . MET A 1 15  ? -8.928  -10.052 9.357   1.00 8.65  ? 15  MET A CE  1 
ATOM   115  N N   . TYR A 1 16  ? -3.982  -8.504  10.827  1.00 7.56  ? 16  TYR A N   1 
ATOM   116  C CA  . TYR A 1 16  ? -2.774  -8.223  10.076  1.00 9.90  ? 16  TYR A CA  1 
ATOM   117  C C   . TYR A 1 16  ? -2.947  -8.674  8.641   1.00 7.72  ? 16  TYR A C   1 
ATOM   118  O O   . TYR A 1 16  ? -3.546  -9.707  8.333   1.00 7.35  ? 16  TYR A O   1 
ATOM   119  C CB  . TYR A 1 16  ? -1.575  -8.958  10.669  1.00 14.02 ? 16  TYR A CB  1 
ATOM   120  C CG  . TYR A 1 16  ? -1.141  -8.389  12.021  1.00 19.21 ? 16  TYR A CG  1 
ATOM   121  C CD1 . TYR A 1 16  ? -1.875  -8.686  13.189  1.00 22.97 ? 16  TYR A CD1 1 
ATOM   122  C CD2 . TYR A 1 16  ? -0.023  -7.538  12.086  1.00 23.62 ? 16  TYR A CD2 1 
ATOM   123  C CE1 . TYR A 1 16  ? -1.506  -8.133  14.423  1.00 26.62 ? 16  TYR A CE1 1 
ATOM   124  C CE2 . TYR A 1 16  ? 0.359   -6.986  13.319  1.00 26.12 ? 16  TYR A CE2 1 
ATOM   125  C CZ  . TYR A 1 16  ? -0.383  -7.281  14.478  1.00 27.78 ? 16  TYR A CZ  1 
ATOM   126  O OH  . TYR A 1 16  ? -0.029  -6.701  15.695  1.00 31.52 ? 16  TYR A OH  1 
ATOM   127  N N   . LEU A 1 17  ? -2.369  -7.918  7.737   1.00 7.22  ? 17  LEU A N   1 
ATOM   128  C CA  . LEU A 1 17  ? -2.408  -8.220  6.304   1.00 7.06  ? 17  LEU A CA  1 
ATOM   129  C C   . LEU A 1 17  ? -0.955  -8.396  5.863   1.00 8.70  ? 17  LEU A C   1 
ATOM   130  O O   . LEU A 1 17  ? -0.151  -7.463  6.056   1.00 8.44  ? 17  LEU A O   1 
ATOM   131  C CB  . LEU A 1 17  ? -3.034  -7.051  5.505   1.00 7.56  ? 17  LEU A CB  1 
ATOM   132  C CG  . LEU A 1 17  ? -2.839  -7.056  3.989   1.00 8.74  ? 17  LEU A CG  1 
ATOM   133  C CD1 . LEU A 1 17  ? -3.704  -8.160  3.379   1.00 7.95  ? 17  LEU A CD1 1 
ATOM   134  C CD2 . LEU A 1 17  ? -3.169  -5.684  3.405   1.00 10.54 ? 17  LEU A CD2 1 
ATOM   135  N N   . THR A 1 18  ? -0.586  -9.536  5.292   1.00 8.02  ? 18  THR A N   1 
ATOM   136  C CA  . THR A 1 18  ? 0.755   -9.700  4.750   1.00 7.57  ? 18  THR A CA  1 
ATOM   137  C C   . THR A 1 18  ? 0.551   -10.039 3.279   1.00 9.01  ? 18  THR A C   1 
ATOM   138  O O   . THR A 1 18  ? -0.228  -10.945 2.953   1.00 8.83  ? 18  THR A O   1 
ATOM   139  C CB  . THR A 1 18  ? 1.498   -10.842 5.426   1.00 9.19  ? 18  THR A CB  1 
ATOM   140  O OG1 . THR A 1 18  ? 1.550   -10.480 6.799   1.00 12.49 ? 18  THR A OG1 1 
ATOM   141  C CG2 . THR A 1 18  ? 2.902   -11.082 4.905   1.00 7.25  ? 18  THR A CG2 1 
ATOM   142  N N   . VAL A 1 19  ? 1.181   -9.313  2.365   1.00 8.27  ? 19  VAL A N   1 
ATOM   143  C CA  . VAL A 1 19  ? 1.098   -9.614  0.945   1.00 9.98  ? 19  VAL A CA  1 
ATOM   144  C C   . VAL A 1 19  ? 2.520   -9.831  0.476   1.00 9.28  ? 19  VAL A C   1 
ATOM   145  O O   . VAL A 1 19  ? 3.492   -9.307  1.036   1.00 10.17 ? 19  VAL A O   1 
ATOM   146  C CB  . VAL A 1 19  ? 0.451   -8.470  0.121   1.00 10.33 ? 19  VAL A CB  1 
ATOM   147  C CG1 . VAL A 1 19  ? -1.013  -8.382  0.458   1.00 13.24 ? 19  VAL A CG1 1 
ATOM   148  C CG2 . VAL A 1 19  ? 1.035   -7.127  0.463   1.00 12.23 ? 19  VAL A CG2 1 
ATOM   149  N N   . GLY A 1 20  ? 2.684   -10.684 -0.498  1.00 9.01  ? 20  GLY A N   1 
ATOM   150  C CA  . GLY A 1 20  ? 3.983   -10.919 -1.083  1.00 7.77  ? 20  GLY A CA  1 
ATOM   151  C C   . GLY A 1 20  ? 3.794   -10.835 -2.569  1.00 7.03  ? 20  GLY A C   1 
ATOM   152  O O   . GLY A 1 20  ? 2.677   -11.057 -3.078  1.00 6.83  ? 20  GLY A O   1 
ATOM   153  N N   . GLY A 1 21  ? 4.868   -10.492 -3.260  1.00 6.25  ? 21  GLY A N   1 
ATOM   154  C CA  . GLY A 1 21  ? 4.798   -10.381 -4.684  1.00 6.95  ? 21  GLY A CA  1 
ATOM   155  C C   . GLY A 1 21  ? 6.172   -10.196 -5.291  1.00 6.91  ? 21  GLY A C   1 
ATOM   156  O O   . GLY A 1 21  ? 7.222   -10.386 -4.660  1.00 8.20  ? 21  GLY A O   1 
ATOM   157  N N   . VAL A 1 22  ? 6.131   -9.864  -6.574  1.00 7.46  ? 22  VAL A N   1 
ATOM   158  C CA  . VAL A 1 22  ? 7.310   -9.647  -7.395  1.00 6.08  ? 22  VAL A CA  1 
ATOM   159  C C   . VAL A 1 22  ? 7.162   -8.342  -8.179  1.00 7.17  ? 22  VAL A C   1 
ATOM   160  O O   . VAL A 1 22  ? 6.121   -8.122  -8.826  1.00 6.85  ? 22  VAL A O   1 
ATOM   161  C CB  . VAL A 1 22  ? 7.532   -10.775 -8.454  1.00 8.86  ? 22  VAL A CB  1 
ATOM   162  C CG1 . VAL A 1 22  ? 8.910   -10.596 -9.122  1.00 8.90  ? 22  VAL A CG1 1 
ATOM   163  C CG2 . VAL A 1 22  ? 7.475   -12.124 -7.812  1.00 9.58  ? 22  VAL A CG2 1 
ATOM   164  N N   . VAL A 1 23  ? 8.206   -7.500  -8.145  1.00 5.74  ? 23  VAL A N   1 
ATOM   165  C CA  . VAL A 1 23  ? 8.242   -6.270  -8.908  1.00 5.89  ? 23  VAL A CA  1 
ATOM   166  C C   . VAL A 1 23  ? 8.616   -6.561  -10.354 1.00 7.89  ? 23  VAL A C   1 
ATOM   167  O O   . VAL A 1 23  ? 9.520   -7.347  -10.647 1.00 8.61  ? 23  VAL A O   1 
ATOM   168  C CB  . VAL A 1 23  ? 9.260   -5.328  -8.308  1.00 7.63  ? 23  VAL A CB  1 
ATOM   169  C CG1 . VAL A 1 23  ? 9.167   -4.016  -9.081  1.00 5.22  ? 23  VAL A CG1 1 
ATOM   170  C CG2 . VAL A 1 23  ? 9.004   -5.128  -6.816  1.00 6.59  ? 23  VAL A CG2 1 
ATOM   171  N N   . ASN A 1 24  ? 7.908   -5.994  -11.306 1.00 7.62  ? 24  ASN A N   1 
ATOM   172  C CA  . ASN A 1 24  ? 8.256   -6.210  -12.683 1.00 8.69  ? 24  ASN A CA  1 
ATOM   173  C C   . ASN A 1 24  ? 9.606   -5.658  -13.035 1.00 9.94  ? 24  ASN A C   1 
ATOM   174  O O   . ASN A 1 24  ? 10.075  -4.690  -12.436 1.00 9.25  ? 24  ASN A O   1 
ATOM   175  C CB  . ASN A 1 24  ? 7.287   -5.547  -13.614 1.00 10.32 ? 24  ASN A CB  1 
ATOM   176  C CG  . ASN A 1 24  ? 5.877   -6.121  -13.577 1.00 13.89 ? 24  ASN A CG  1 
ATOM   177  O OD1 . ASN A 1 24  ? 5.016   -5.567  -14.248 1.00 18.75 ? 24  ASN A OD1 1 
ATOM   178  N ND2 . ASN A 1 24  ? 5.505   -7.166  -12.839 1.00 13.44 ? 24  ASN A ND2 1 
ATOM   179  N N   . SER A 1 25  ? 10.274  -6.290  -14.009 1.00 12.12 ? 25  SER A N   1 
ATOM   180  C CA  . SER A 1 25  ? 11.485  -5.712  -14.583 1.00 15.74 ? 25  SER A CA  1 
ATOM   181  C C   . SER A 1 25  ? 10.928  -4.494  -15.324 1.00 15.66 ? 25  SER A C   1 
ATOM   182  O O   . SER A 1 25  ? 9.843   -4.497  -15.935 1.00 21.14 ? 25  SER A O   1 
ATOM   183  C CB  . SER A 1 25  ? 12.136  -6.647  -15.599 1.00 15.69 ? 25  SER A CB  1 
ATOM   184  O OG  . SER A 1 25  ? 12.217  -7.957  -15.060 1.00 20.02 ? 25  SER A OG  1 
ATOM   185  N N   . ASN A 1 26  ? 11.694  -3.449  -15.248 1.00 17.25 ? 26  ASN A N   1 
ATOM   186  C CA  . ASN A 1 26  ? 11.348  -2.197  -15.914 1.00 12.95 ? 26  ASN A CA  1 
ATOM   187  C C   . ASN A 1 26  ? 10.124  -1.481  -15.382 1.00 10.15 ? 26  ASN A C   1 
ATOM   188  O O   . ASN A 1 26  ? 9.533   -0.612  -16.027 1.00 11.49 ? 26  ASN A O   1 
ATOM   189  C CB  . ASN A 1 26  ? 11.189  -2.421  -17.455 1.00 14.26 ? 26  ASN A CB  1 
ATOM   190  C CG  . ASN A 1 26  ? 12.414  -3.115  -18.062 1.00 16.40 ? 26  ASN A CG  1 
ATOM   191  O OD1 . ASN A 1 26  ? 13.567  -2.900  -17.712 1.00 16.14 ? 26  ASN A OD1 1 
ATOM   192  N ND2 . ASN A 1 26  ? 12.199  -4.058  -18.969 1.00 20.41 ? 26  ASN A ND2 1 
ATOM   193  N N   . ALA A 1 27  ? 9.767   -1.816  -14.144 1.00 8.26  ? 27  ALA A N   1 
ATOM   194  C CA  . ALA A 1 27  ? 8.673   -1.162  -13.446 1.00 6.30  ? 27  ALA A CA  1 
ATOM   195  C C   . ALA A 1 27  ? 8.914   0.335   -13.323 1.00 7.46  ? 27  ALA A C   1 
ATOM   196  O O   . ALA A 1 27  ? 9.999   0.824   -13.058 1.00 6.92  ? 27  ALA A O   1 
ATOM   197  C CB  . ALA A 1 27  ? 8.528   -1.735  -12.037 1.00 5.39  ? 27  ALA A CB  1 
ATOM   198  N N   . THR A 1 28  ? 7.853   1.108   -13.493 1.00 7.72  ? 28  THR A N   1 
ATOM   199  C CA  . THR A 1 28  ? 7.822   2.541   -13.276 1.00 7.80  ? 28  THR A CA  1 
ATOM   200  C C   . THR A 1 28  ? 7.413   2.715   -11.779 1.00 7.70  ? 28  THR A C   1 
ATOM   201  O O   . THR A 1 28  ? 8.102   3.365   -10.981 1.00 7.58  ? 28  THR A O   1 
ATOM   202  C CB  . THR A 1 28  ? 6.862   2.787   -14.470 1.00 12.25 ? 28  THR A CB  1 
ATOM   203  O OG1 . THR A 1 28  ? 7.482   3.685   -15.360 1.00 16.03 ? 28  THR A OG1 1 
ATOM   204  C CG2 . THR A 1 28  ? 5.520   3.059   -14.011 1.00 5.39  ? 28  THR A CG2 1 
ATOM   205  N N   . ARG A 1 29  ? 6.316   2.100   -11.346 1.00 7.31  ? 29  ARG A N   1 
ATOM   206  C CA  . ARG A 1 29  ? 5.775   2.250   -10.003 1.00 7.27  ? 29  ARG A CA  1 
ATOM   207  C C   . ARG A 1 29  ? 4.686   1.209   -9.801  1.00 5.82  ? 29  ARG A C   1 
ATOM   208  O O   . ARG A 1 29  ? 4.066   0.737   -10.768 1.00 7.89  ? 29  ARG A O   1 
ATOM   209  C CB  . ARG A 1 29  ? 5.164   3.645   -9.838  1.00 8.46  ? 29  ARG A CB  1 
ATOM   210  C CG  . ARG A 1 29  ? 4.013   3.921   -10.778 1.00 9.99  ? 29  ARG A CG  1 
ATOM   211  C CD  . ARG A 1 29  ? 3.610   5.363   -10.871 1.00 15.29 ? 29  ARG A CD  1 
ATOM   212  N NE  . ARG A 1 29  ? 2.876   5.807   -9.717  1.00 15.84 ? 29  ARG A NE  1 
ATOM   213  C CZ  . ARG A 1 29  ? 1.686   6.416   -9.796  1.00 16.65 ? 29  ARG A CZ  1 
ATOM   214  N NH1 . ARG A 1 29  ? 1.075   6.806   -8.701  1.00 15.62 ? 29  ARG A NH1 1 
ATOM   215  N NH2 . ARG A 1 29  ? 1.011   6.637   -10.910 1.00 16.56 ? 29  ARG A NH2 1 
ATOM   216  N N   . PHE A 1 30  ? 4.431   0.840   -8.566  1.00 4.13  ? 30  PHE A N   1 
ATOM   217  C CA  . PHE A 1 30  ? 3.253   0.032   -8.267  1.00 5.03  ? 30  PHE A CA  1 
ATOM   218  C C   . PHE A 1 30  ? 2.773   0.465   -6.872  1.00 5.95  ? 30  PHE A C   1 
ATOM   219  O O   . PHE A 1 30  ? 3.540   1.002   -6.058  1.00 5.33  ? 30  PHE A O   1 
ATOM   220  C CB  . PHE A 1 30  ? 3.566   -1.477  -8.259  1.00 5.43  ? 30  PHE A CB  1 
ATOM   221  C CG  . PHE A 1 30  ? 4.387   -2.017  -7.085  1.00 6.54  ? 30  PHE A CG  1 
ATOM   222  C CD1 . PHE A 1 30  ? 5.792   -1.976  -7.143  1.00 6.96  ? 30  PHE A CD1 1 
ATOM   223  C CD2 . PHE A 1 30  ? 3.732   -2.496  -5.932  1.00 7.42  ? 30  PHE A CD2 1 
ATOM   224  C CE1 . PHE A 1 30  ? 6.542   -2.404  -6.035  1.00 9.81  ? 30  PHE A CE1 1 
ATOM   225  C CE2 . PHE A 1 30  ? 4.488   -2.919  -4.828  1.00 10.12 ? 30  PHE A CE2 1 
ATOM   226  C CZ  . PHE A 1 30  ? 5.891   -2.868  -4.884  1.00 8.76  ? 30  PHE A CZ  1 
ATOM   227  N N   . SER A 1 31  ? 1.528   0.224   -6.513  1.00 5.50  ? 31  SER A N   1 
ATOM   228  C CA  . SER A 1 31  ? 1.028   0.601   -5.207  1.00 5.47  ? 31  SER A CA  1 
ATOM   229  C C   . SER A 1 31  ? 0.217   -0.497  -4.526  1.00 4.65  ? 31  SER A C   1 
ATOM   230  O O   . SER A 1 31  ? -0.300  -1.402  -5.175  1.00 5.36  ? 31  SER A O   1 
ATOM   231  C CB  . SER A 1 31  ? 0.186   1.867   -5.356  1.00 5.47  ? 31  SER A CB  1 
ATOM   232  O OG  . SER A 1 31  ? -0.915  1.767   -6.270  1.00 7.79  ? 31  SER A OG  1 
ATOM   233  N N   . ILE A 1 32  ? 0.109   -0.408  -3.207  1.00 4.34  ? 32  ILE A N   1 
ATOM   234  C CA  . ILE A 1 32  ? -0.752  -1.243  -2.411  1.00 5.65  ? 32  ILE A CA  1 
ATOM   235  C C   . ILE A 1 32  ? -1.746  -0.202  -1.859  1.00 6.04  ? 32  ILE A C   1 
ATOM   236  O O   . ILE A 1 32  ? -1.372  0.891   -1.408  1.00 6.71  ? 32  ILE A O   1 
ATOM   237  C CB  . ILE A 1 32  ? 0.066   -1.897  -1.279  1.00 7.85  ? 32  ILE A CB  1 
ATOM   238  C CG1 . ILE A 1 32  ? 1.134   -2.831  -1.887  1.00 10.79 ? 32  ILE A CG1 1 
ATOM   239  C CG2 . ILE A 1 32  ? -0.881  -2.658  -0.331  1.00 8.22  ? 32  ILE A CG2 1 
ATOM   240  C CD1 . ILE A 1 32  ? 2.278   -3.259  -0.902  1.00 15.73 ? 32  ILE A CD1 1 
ATOM   241  N N   . ASN A 1 33  ? -3.020  -0.584  -1.881  1.00 6.20  ? 33  ASN A N   1 
ATOM   242  C CA  . ASN A 1 33  ? -4.110  0.313   -1.561  1.00 6.28  ? 33  ASN A CA  1 
ATOM   243  C C   . ASN A 1 33  ? -5.085  -0.392  -0.629  1.00 8.54  ? 33  ASN A C   1 
ATOM   244  O O   . ASN A 1 33  ? -5.482  -1.531  -0.895  1.00 7.58  ? 33  ASN A O   1 
ATOM   245  C CB  . ASN A 1 33  ? -4.823  0.684   -2.826  1.00 6.72  ? 33  ASN A CB  1 
ATOM   246  C CG  . ASN A 1 33  ? -3.894  1.356   -3.796  1.00 6.76  ? 33  ASN A CG  1 
ATOM   247  O OD1 . ASN A 1 33  ? -3.546  2.522   -3.665  1.00 8.37  ? 33  ASN A OD1 1 
ATOM   248  N ND2 . ASN A 1 33  ? -3.369  0.647   -4.787  1.00 8.46  ? 33  ASN A ND2 1 
ATOM   249  N N   . VAL A 1 34  ? -5.452  0.253   0.473   1.00 6.56  ? 34  VAL A N   1 
ATOM   250  C CA  . VAL A 1 34  ? -6.389  -0.261  1.463   1.00 6.63  ? 34  VAL A CA  1 
ATOM   251  C C   . VAL A 1 34  ? -7.508  0.805   1.506   1.00 5.81  ? 34  VAL A C   1 
ATOM   252  O O   . VAL A 1 34  ? -7.222  1.995   1.713   1.00 6.39  ? 34  VAL A O   1 
ATOM   253  C CB  . VAL A 1 34  ? -5.684  -0.403  2.871   1.00 7.82  ? 34  VAL A CB  1 
ATOM   254  C CG1 . VAL A 1 34  ? -6.654  -0.883  3.949   1.00 9.09  ? 34  VAL A CG1 1 
ATOM   255  C CG2 . VAL A 1 34  ? -4.579  -1.443  2.783   1.00 9.20  ? 34  VAL A CG2 1 
ATOM   256  N N   . GLY A 1 35  ? -8.778  0.444   1.274   1.00 5.91  ? 35  GLY A N   1 
ATOM   257  C CA  . GLY A 1 35  ? -9.891  1.384   1.329   1.00 7.25  ? 35  GLY A CA  1 
ATOM   258  C C   . GLY A 1 35  ? -11.231 0.680   1.166   1.00 9.20  ? 35  GLY A C   1 
ATOM   259  O O   . GLY A 1 35  ? -11.474 -0.452  1.613   1.00 7.87  ? 35  GLY A O   1 
ATOM   260  N N   . GLU A 1 36  ? -12.089 1.434   0.482   1.00 11.77 ? 36  GLU A N   1 
ATOM   261  C CA  . GLU A 1 36  ? -13.494 1.104   0.235   1.00 15.97 ? 36  GLU A CA  1 
ATOM   262  C C   . GLU A 1 36  ? -13.662 0.793   -1.248  1.00 15.74 ? 36  GLU A C   1 
ATOM   263  O O   . GLU A 1 36  ? -14.463 -0.078  -1.576  1.00 16.49 ? 36  GLU A O   1 
ATOM   264  C CB  . GLU A 1 36  ? -14.481 2.270   0.513   1.00 21.97 ? 36  GLU A CB  1 
ATOM   265  C CG  . GLU A 1 36  ? -14.675 3.061   1.855   1.00 35.18 ? 36  GLU A CG  1 
ATOM   266  C CD  . GLU A 1 36  ? -15.289 4.526   1.852   1.00 42.06 ? 36  GLU A CD  1 
ATOM   267  O OE1 . GLU A 1 36  ? -14.873 5.341   2.701   1.00 45.72 ? 36  GLU A OE1 1 
ATOM   268  O OE2 . GLU A 1 36  ? -16.166 4.885   1.040   1.00 43.43 ? 36  GLU A OE2 1 
ATOM   269  N N   . SER A 1 37  ? -12.957 1.447   -2.189  1.00 14.93 ? 37  SER A N   1 
ATOM   270  C CA  . SER A 1 37  ? -13.179 1.282   -3.619  1.00 14.33 ? 37  SER A CA  1 
ATOM   271  C C   . SER A 1 37  ? -11.963 1.770   -4.369  1.00 14.80 ? 37  SER A C   1 
ATOM   272  O O   . SER A 1 37  ? -11.081 2.302   -3.705  1.00 13.58 ? 37  SER A O   1 
ATOM   273  C CB  . SER A 1 37  ? -14.403 2.108   -4.028  1.00 15.44 ? 37  SER A CB  1 
ATOM   274  O OG  . SER A 1 37  ? -14.256 3.496   -3.747  1.00 16.44 ? 37  SER A OG  1 
ATOM   275  N N   . THR A 1 38  ? -11.874 1.730   -5.705  1.00 14.83 ? 38  THR A N   1 
ATOM   276  C CA  . THR A 1 38  ? -10.694 2.285   -6.364  1.00 16.25 ? 38  THR A CA  1 
ATOM   277  C C   . THR A 1 38  ? -10.685 3.813   -6.314  1.00 17.01 ? 38  THR A C   1 
ATOM   278  O O   . THR A 1 38  ? -9.720  4.431   -6.770  1.00 18.65 ? 38  THR A O   1 
ATOM   279  C CB  . THR A 1 38  ? -10.594 1.844   -7.860  1.00 18.13 ? 38  THR A CB  1 
ATOM   280  O OG1 . THR A 1 38  ? -11.725 2.326   -8.566  1.00 18.98 ? 38  THR A OG1 1 
ATOM   281  C CG2 . THR A 1 38  ? -10.450 0.334   -7.959  1.00 15.74 ? 38  THR A CG2 1 
ATOM   282  N N   . ASP A 1 39  ? -11.762 4.459   -5.846  1.00 15.26 ? 39  ASP A N   1 
ATOM   283  C CA  . ASP A 1 39  ? -11.777 5.893   -5.703  1.00 15.21 ? 39  ASP A CA  1 
ATOM   284  C C   . ASP A 1 39  ? -11.931 6.300   -4.248  1.00 14.32 ? 39  ASP A C   1 
ATOM   285  O O   . ASP A 1 39  ? -12.265 7.457   -3.948  1.00 13.84 ? 39  ASP A O   1 
ATOM   286  C CB  . ASP A 1 39  ? -12.919 6.496   -6.528  1.00 18.46 ? 39  ASP A CB  1 
ATOM   287  C CG  . ASP A 1 39  ? -12.823 8.012   -6.773  1.00 22.40 ? 39  ASP A CG  1 
ATOM   288  O OD1 . ASP A 1 39  ? -13.817 8.709   -6.526  1.00 25.69 ? 39  ASP A OD1 1 
ATOM   289  O OD2 . ASP A 1 39  ? -11.767 8.509   -7.188  1.00 24.18 ? 39  ASP A OD2 1 
ATOM   290  N N   . SER A 1 40  ? -11.749 5.407   -3.294  1.00 12.65 ? 40  SER A N   1 
ATOM   291  C CA  . SER A 1 40  ? -11.886 5.791   -1.929  1.00 10.03 ? 40  SER A CA  1 
ATOM   292  C C   . SER A 1 40  ? -10.832 4.933   -1.269  1.00 9.73  ? 40  SER A C   1 
ATOM   293  O O   . SER A 1 40  ? -11.048 3.735   -1.056  1.00 9.16  ? 40  SER A O   1 
ATOM   294  C CB  . SER A 1 40  ? -13.295 5.458   -1.538  1.00 10.57 ? 40  SER A CB  1 
ATOM   295  O OG  . SER A 1 40  ? -13.416 5.805   -0.188  1.00 12.07 ? 40  SER A OG  1 
ATOM   296  N N   . ILE A 1 41  ? -9.662  5.540   -1.022  1.00 9.20  ? 41  ILE A N   1 
ATOM   297  C CA  . ILE A 1 41  ? -8.500  4.791   -0.531  1.00 8.44  ? 41  ILE A CA  1 
ATOM   298  C C   . ILE A 1 41  ? -7.992  5.451   0.745   1.00 9.17  ? 41  ILE A C   1 
ATOM   299  O O   . ILE A 1 41  ? -7.603  6.620   0.741   1.00 9.95  ? 41  ILE A O   1 
ATOM   300  C CB  . ILE A 1 41  ? -7.352  4.772   -1.606  1.00 9.65  ? 41  ILE A CB  1 
ATOM   301  C CG1 . ILE A 1 41  ? -7.864  4.108   -2.893  1.00 10.21 ? 41  ILE A CG1 1 
ATOM   302  C CG2 . ILE A 1 41  ? -6.114  4.055   -1.041  1.00 8.08  ? 41  ILE A CG2 1 
ATOM   303  C CD1 . ILE A 1 41  ? -6.941  4.356   -4.108  1.00 12.38 ? 41  ILE A CD1 1 
ATOM   304  N N   . ALA A 1 42  ? -8.020  4.729   1.846   1.00 7.09  ? 42  ALA A N   1 
ATOM   305  C CA  . ALA A 1 42  ? -7.528  5.283   3.088   1.00 6.49  ? 42  ALA A CA  1 
ATOM   306  C C   . ALA A 1 42  ? -5.986  5.251   3.190   1.00 7.79  ? 42  ALA A C   1 
ATOM   307  O O   . ALA A 1 42  ? -5.361  6.131   3.795   1.00 7.42  ? 42  ALA A O   1 
ATOM   308  C CB  . ALA A 1 42  ? -8.143  4.510   4.237   1.00 5.42  ? 42  ALA A CB  1 
ATOM   309  N N   . MET A 1 43  ? -5.314  4.258   2.601   1.00 6.09  ? 43  MET A N   1 
ATOM   310  C CA  . MET A 1 43  ? -3.863  4.184   2.650   1.00 8.05  ? 43  MET A CA  1 
ATOM   311  C C   . MET A 1 43  ? -3.405  3.735   1.265   1.00 6.35  ? 43  MET A C   1 
ATOM   312  O O   . MET A 1 43  ? -3.681  2.601   0.849   1.00 8.45  ? 43  MET A O   1 
ATOM   313  C CB  . MET A 1 43  ? -3.452  3.162   3.710   1.00 8.43  ? 43  MET A CB  1 
ATOM   314  C CG  . MET A 1 43  ? -2.021  3.356   4.181   1.00 15.44 ? 43  MET A CG  1 
ATOM   315  S SD  . MET A 1 43  ? -0.877  2.760   2.939   1.00 19.58 ? 43  MET A SD  1 
ATOM   316  C CE  . MET A 1 43  ? -1.288  1.034   3.012   1.00 18.98 ? 43  MET A CE  1 
ATOM   317  N N   . HIS A 1 44  ? -2.829  4.647   0.501   1.00 7.22  ? 44  HIS A N   1 
ATOM   318  C CA  . HIS A 1 44  ? -2.220  4.344   -0.799  1.00 6.43  ? 44  HIS A CA  1 
ATOM   319  C C   . HIS A 1 44  ? -0.704  4.335   -0.580  1.00 6.20  ? 44  HIS A C   1 
ATOM   320  O O   . HIS A 1 44  ? -0.201  5.364   -0.142  1.00 6.22  ? 44  HIS A O   1 
ATOM   321  C CB  . HIS A 1 44  ? -2.598  5.431   -1.798  1.00 6.79  ? 44  HIS A CB  1 
ATOM   322  C CG  . HIS A 1 44  ? -1.838  5.436   -3.124  1.00 7.08  ? 44  HIS A CG  1 
ATOM   323  N ND1 . HIS A 1 44  ? -1.916  4.593   -4.139  1.00 7.81  ? 44  HIS A ND1 1 
ATOM   324  C CD2 . HIS A 1 44  ? -0.934  6.421   -3.477  1.00 7.24  ? 44  HIS A CD2 1 
ATOM   325  C CE1 . HIS A 1 44  ? -1.117  5.028   -5.092  1.00 8.67  ? 44  HIS A CE1 1 
ATOM   326  N NE2 . HIS A 1 44  ? -0.526  6.120   -4.690  1.00 7.86  ? 44  HIS A NE2 1 
ATOM   327  N N   . MET A 1 45  ? 0.087   3.303   -0.874  1.00 4.93  ? 45  MET A N   1 
ATOM   328  C CA  . MET A 1 45  ? 1.521   3.293   -0.646  1.00 4.28  ? 45  MET A CA  1 
ATOM   329  C C   . MET A 1 45  ? 2.093   3.013   -2.038  1.00 7.14  ? 45  MET A C   1 
ATOM   330  O O   . MET A 1 45  ? 1.997   1.917   -2.618  1.00 6.02  ? 45  MET A O   1 
ATOM   331  C CB  . MET A 1 45  ? 1.796   2.189   0.299   1.00 6.96  ? 45  MET A CB  1 
ATOM   332  C CG  . MET A 1 45  ? 3.242   1.957   0.484   1.00 13.00 ? 45  MET A CG  1 
ATOM   333  S SD  . MET A 1 45  ? 3.448   0.404   1.391   1.00 21.87 ? 45  MET A SD  1 
ATOM   334  C CE  . MET A 1 45  ? 4.992   0.990   1.988   1.00 21.29 ? 45  MET A CE  1 
ATOM   335  N N   . ASP A 1 46  ? 2.619   4.046   -2.663  1.00 6.43  ? 46  ASP A N   1 
ATOM   336  C CA  . ASP A 1 46  ? 3.167   3.968   -4.002  1.00 7.30  ? 46  ASP A CA  1 
ATOM   337  C C   . ASP A 1 46  ? 4.680   3.783   -3.950  1.00 5.61  ? 46  ASP A C   1 
ATOM   338  O O   . ASP A 1 46  ? 5.386   4.428   -3.191  1.00 7.88  ? 46  ASP A O   1 
ATOM   339  C CB  . ASP A 1 46  ? 2.784   5.257   -4.738  1.00 7.85  ? 46  ASP A CB  1 
ATOM   340  C CG  . ASP A 1 46  ? 2.835   5.163   -6.241  1.00 9.31  ? 46  ASP A CG  1 
ATOM   341  O OD1 . ASP A 1 46  ? 2.606   4.105   -6.795  1.00 10.92 ? 46  ASP A OD1 1 
ATOM   342  O OD2 . ASP A 1 46  ? 3.090   6.160   -6.882  1.00 10.10 ? 46  ASP A OD2 1 
ATOM   343  N N   . HIS A 1 47  ? 5.198   2.887   -4.774  1.00 6.51  ? 47  HIS A N   1 
ATOM   344  C CA  . HIS A 1 47  ? 6.607   2.512   -4.813  1.00 6.33  ? 47  HIS A CA  1 
ATOM   345  C C   . HIS A 1 47  ? 7.100   3.025   -6.150  1.00 6.46  ? 47  HIS A C   1 
ATOM   346  O O   . HIS A 1 47  ? 6.745   2.467   -7.199  1.00 7.55  ? 47  HIS A O   1 
ATOM   347  C CB  . HIS A 1 47  ? 6.745   0.960   -4.718  1.00 5.16  ? 47  HIS A CB  1 
ATOM   348  C CG  . HIS A 1 47  ? 6.024   0.315   -3.540  1.00 6.29  ? 47  HIS A CG  1 
ATOM   349  N ND1 . HIS A 1 47  ? 4.706   0.243   -3.324  1.00 7.72  ? 47  HIS A ND1 1 
ATOM   350  C CD2 . HIS A 1 47  ? 6.630   -0.368  -2.519  1.00 6.72  ? 47  HIS A CD2 1 
ATOM   351  C CE1 . HIS A 1 47  ? 4.481   -0.465  -2.226  1.00 7.05  ? 47  HIS A CE1 1 
ATOM   352  N NE2 . HIS A 1 47  ? 5.654   -0.816  -1.758  1.00 8.42  ? 47  HIS A NE2 1 
ATOM   353  N N   . ARG A 1 48  ? 7.855   4.114   -6.147  1.00 7.31  ? 48  ARG A N   1 
ATOM   354  C CA  . ARG A 1 48  ? 8.221   4.793   -7.389  1.00 6.44  ? 48  ARG A CA  1 
ATOM   355  C C   . ARG A 1 48  ? 9.681   4.518   -7.743  1.00 8.65  ? 48  ARG A C   1 
ATOM   356  O O   . ARG A 1 48  ? 10.601  4.984   -7.055  1.00 8.51  ? 48  ARG A O   1 
ATOM   357  C CB  . ARG A 1 48  ? 7.986   6.306   -7.212  1.00 6.36  ? 48  ARG A CB  1 
ATOM   358  C CG  . ARG A 1 48  ? 6.509   6.645   -7.206  1.00 6.81  ? 48  ARG A CG  1 
ATOM   359  C CD  . ARG A 1 48  ? 6.324   8.087   -6.800  1.00 8.06  ? 48  ARG A CD  1 
ATOM   360  N NE  . ARG A 1 48  ? 4.888   8.280   -6.634  1.00 9.28  ? 48  ARG A NE  1 
ATOM   361  C CZ  . ARG A 1 48  ? 4.287   9.473   -6.606  1.00 10.63 ? 48  ARG A CZ  1 
ATOM   362  N NH1 . ARG A 1 48  ? 2.970   9.536   -6.466  1.00 9.51  ? 48  ARG A NH1 1 
ATOM   363  N NH2 . ARG A 1 48  ? 4.977   10.609  -6.620  1.00 10.21 ? 48  ARG A NH2 1 
ATOM   364  N N   . PHE A 1 49  ? 9.903   3.750   -8.811  1.00 8.11  ? 49  PHE A N   1 
ATOM   365  C CA  . PHE A 1 49  ? 11.237  3.415   -9.296  1.00 8.81  ? 49  PHE A CA  1 
ATOM   366  C C   . PHE A 1 49  ? 11.618  4.583   -10.170 1.00 9.73  ? 49  PHE A C   1 
ATOM   367  O O   . PHE A 1 49  ? 12.694  5.154   -9.998  1.00 10.05 ? 49  PHE A O   1 
ATOM   368  C CB  . PHE A 1 49  ? 11.208  2.090   -10.102 1.00 8.73  ? 49  PHE A CB  1 
ATOM   369  C CG  . PHE A 1 49  ? 10.959  0.920   -9.130  1.00 11.25 ? 49  PHE A CG  1 
ATOM   370  C CD1 . PHE A 1 49  ? 9.639   0.525   -8.813  1.00 11.08 ? 49  PHE A CD1 1 
ATOM   371  C CD2 . PHE A 1 49  ? 12.050  0.294   -8.478  1.00 9.94  ? 49  PHE A CD2 1 
ATOM   372  C CE1 . PHE A 1 49  ? 9.417   -0.466  -7.853  1.00 11.62 ? 49  PHE A CE1 1 
ATOM   373  C CE2 . PHE A 1 49  ? 11.811  -0.695  -7.524  1.00 9.54  ? 49  PHE A CE2 1 
ATOM   374  C CZ  . PHE A 1 49  ? 10.495  -1.070  -7.209  1.00 11.12 ? 49  PHE A CZ  1 
ATOM   375  N N   . SER A 1 50  ? 10.724  4.993   -11.057 1.00 10.24 ? 50  SER A N   1 
ATOM   376  C CA  . SER A 1 50  ? 10.983  6.180   -11.836 1.00 12.17 ? 50  SER A CA  1 
ATOM   377  C C   . SER A 1 50  ? 9.634   6.723   -12.206 1.00 10.80 ? 50  SER A C   1 
ATOM   378  O O   . SER A 1 50  ? 8.934   6.141   -13.036 1.00 11.57 ? 50  SER A O   1 
ATOM   379  C CB  . SER A 1 50  ? 11.763  5.832   -13.081 1.00 12.30 ? 50  SER A CB  1 
ATOM   380  O OG  . SER A 1 50  ? 12.241  7.010   -13.718 1.00 15.61 ? 50  SER A OG  1 
ATOM   381  N N   . TYR A 1 51  ? 9.258   7.830   -11.617 1.00 11.48 ? 51  TYR A N   1 
ATOM   382  C CA  . TYR A 1 51  ? 7.975   8.452   -11.884 1.00 14.23 ? 51  TYR A CA  1 
ATOM   383  C C   . TYR A 1 51  ? 8.176   9.951   -11.729 1.00 16.42 ? 51  TYR A C   1 
ATOM   384  O O   . TYR A 1 51  ? 8.313   10.503  -10.633 1.00 18.21 ? 51  TYR A O   1 
ATOM   385  C CB  . TYR A 1 51  ? 6.902   7.959   -10.896 1.00 13.47 ? 51  TYR A CB  1 
ATOM   386  C CG  . TYR A 1 51  ? 5.525   8.598   -11.072 1.00 15.72 ? 51  TYR A CG  1 
ATOM   387  C CD1 . TYR A 1 51  ? 4.735   8.379   -12.219 1.00 16.50 ? 51  TYR A CD1 1 
ATOM   388  C CD2 . TYR A 1 51  ? 5.063   9.431   -10.061 1.00 15.88 ? 51  TYR A CD2 1 
ATOM   389  C CE1 . TYR A 1 51  ? 3.487   8.986   -12.364 1.00 16.16 ? 51  TYR A CE1 1 
ATOM   390  C CE2 . TYR A 1 51  ? 3.820   10.047  -10.189 1.00 16.03 ? 51  TYR A CE2 1 
ATOM   391  C CZ  . TYR A 1 51  ? 3.056   9.817   -11.328 1.00 17.38 ? 51  TYR A CZ  1 
ATOM   392  O OH  . TYR A 1 51  ? 1.853   10.451  -11.394 1.00 17.97 ? 51  TYR A OH  1 
ATOM   393  N N   . GLY A 1 52  ? 8.228   10.609  -12.897 1.00 19.57 ? 52  GLY A N   1 
ATOM   394  C CA  . GLY A 1 52  ? 8.458   12.045  -12.956 1.00 19.99 ? 52  GLY A CA  1 
ATOM   395  C C   . GLY A 1 52  ? 9.867   12.297  -12.474 1.00 21.84 ? 52  GLY A C   1 
ATOM   396  O O   . GLY A 1 52  ? 10.800  11.690  -12.993 1.00 22.66 ? 52  GLY A O   1 
ATOM   397  N N   . ALA A 1 53  ? 9.939   13.129  -11.436 1.00 22.18 ? 53  ALA A N   1 
ATOM   398  C CA  . ALA A 1 53  ? 11.195  13.436  -10.811 1.00 22.08 ? 53  ALA A CA  1 
ATOM   399  C C   . ALA A 1 53  ? 11.502  12.465  -9.702  1.00 21.18 ? 53  ALA A C   1 
ATOM   400  O O   . ALA A 1 53  ? 12.593  12.587  -9.142  1.00 22.53 ? 53  ALA A O   1 
ATOM   401  C CB  . ALA A 1 53  ? 11.203  14.813  -10.165 1.00 23.77 ? 53  ALA A CB  1 
ATOM   402  N N   . ASP A 1 54  ? 10.574  11.569  -9.341  1.00 18.13 ? 54  ASP A N   1 
ATOM   403  C CA  . ASP A 1 54  ? 10.756  10.658  -8.229  1.00 16.98 ? 54  ASP A CA  1 
ATOM   404  C C   . ASP A 1 54  ? 11.476  9.399   -8.624  1.00 15.72 ? 54  ASP A C   1 
ATOM   405  O O   . ASP A 1 54  ? 11.023  8.711   -9.537  1.00 15.65 ? 54  ASP A O   1 
ATOM   406  C CB  . ASP A 1 54  ? 9.406   10.270  -7.637  1.00 17.20 ? 54  ASP A CB  1 
ATOM   407  C CG  . ASP A 1 54  ? 8.780   11.371  -6.791  1.00 20.17 ? 54  ASP A CG  1 
ATOM   408  O OD1 . ASP A 1 54  ? 9.492   12.070  -6.073  1.00 22.08 ? 54  ASP A OD1 1 
ATOM   409  O OD2 . ASP A 1 54  ? 7.575   11.545  -6.850  1.00 17.72 ? 54  ASP A OD2 1 
ATOM   410  N N   . GLN A 1 55  ? 12.570  9.047   -7.960  1.00 15.42 ? 55  GLN A N   1 
ATOM   411  C CA  . GLN A 1 55  ? 13.277  7.829   -8.274  1.00 16.04 ? 55  GLN A CA  1 
ATOM   412  C C   . GLN A 1 55  ? 13.632  7.249   -6.911  1.00 15.18 ? 55  GLN A C   1 
ATOM   413  O O   . GLN A 1 55  ? 14.220  7.913   -6.052  1.00 14.91 ? 55  GLN A O   1 
ATOM   414  C CB  . GLN A 1 55  ? 14.547  8.132   -9.141  1.00 19.68 ? 55  GLN A CB  1 
ATOM   415  C CG  . GLN A 1 55  ? 14.249  8.548   -10.613 1.00 26.49 ? 55  GLN A CG  1 
ATOM   416  C CD  . GLN A 1 55  ? 15.344  9.262   -11.430 1.00 32.98 ? 55  GLN A CD  1 
ATOM   417  O OE1 . GLN A 1 55  ? 15.636  8.992   -12.583 1.00 35.43 ? 55  GLN A OE1 1 
ATOM   418  N NE2 . GLN A 1 55  ? 16.005  10.304  -10.908 1.00 33.08 ? 55  GLN A NE2 1 
ATOM   419  N N   . ASN A 1 56  ? 13.176  6.003   -6.720  1.00 13.85 ? 56  ASN A N   1 
ATOM   420  C CA  . ASN A 1 56  ? 13.369  5.156   -5.542  1.00 13.27 ? 56  ASN A CA  1 
ATOM   421  C C   . ASN A 1 56  ? 12.906  5.825   -4.258  1.00 13.17 ? 56  ASN A C   1 
ATOM   422  O O   . ASN A 1 56  ? 13.637  6.073   -3.304  1.00 13.49 ? 56  ASN A O   1 
ATOM   423  C CB  . ASN A 1 56  ? 14.860  4.719   -5.390  1.00 15.03 ? 56  ASN A CB  1 
ATOM   424  C CG  . ASN A 1 56  ? 15.377  4.001   -6.627  1.00 17.85 ? 56  ASN A CG  1 
ATOM   425  O OD1 . ASN A 1 56  ? 14.810  3.063   -7.183  1.00 19.68 ? 56  ASN A OD1 1 
ATOM   426  N ND2 . ASN A 1 56  ? 16.461  4.536   -7.179  1.00 21.74 ? 56  ASN A ND2 1 
ATOM   427  N N   . VAL A 1 57  ? 11.608  6.114   -4.249  1.00 12.39 ? 57  VAL A N   1 
ATOM   428  C CA  . VAL A 1 57  ? 10.962  6.754   -3.103  1.00 13.28 ? 57  VAL A CA  1 
ATOM   429  C C   . VAL A 1 57  ? 9.597   6.102   -2.864  1.00 11.00 ? 57  VAL A C   1 
ATOM   430  O O   . VAL A 1 57  ? 8.965   5.582   -3.806  1.00 10.41 ? 57  VAL A O   1 
ATOM   431  C CB  . VAL A 1 57  ? 10.846  8.301   -3.403  1.00 14.53 ? 57  VAL A CB  1 
ATOM   432  C CG1 . VAL A 1 57  ? 9.964   8.523   -4.596  1.00 16.54 ? 57  VAL A CG1 1 
ATOM   433  C CG2 . VAL A 1 57  ? 10.294  9.055   -2.208  1.00 17.09 ? 57  VAL A CG2 1 
ATOM   434  N N   . LEU A 1 58  ? 9.202   6.043   -1.594  1.00 10.25 ? 58  LEU A N   1 
ATOM   435  C CA  . LEU A 1 58  ? 7.864   5.606   -1.252  1.00 10.58 ? 58  LEU A CA  1 
ATOM   436  C C   . LEU A 1 58  ? 7.006   6.857   -1.062  1.00 9.53  ? 58  LEU A C   1 
ATOM   437  O O   . LEU A 1 58  ? 7.460   7.843   -0.452  1.00 10.37 ? 58  LEU A O   1 
ATOM   438  C CB  . LEU A 1 58  ? 7.812   4.838   0.048   1.00 12.49 ? 58  LEU A CB  1 
ATOM   439  C CG  . LEU A 1 58  ? 8.327   3.452   0.122   1.00 14.96 ? 58  LEU A CG  1 
ATOM   440  C CD1 . LEU A 1 58  ? 8.105   2.984   1.572   1.00 15.26 ? 58  LEU A CD1 1 
ATOM   441  C CD2 . LEU A 1 58  ? 7.594   2.537   -0.837  1.00 13.97 ? 58  LEU A CD2 1 
ATOM   442  N N   . VAL A 1 59  ? 5.785   6.880   -1.582  1.00 7.35  ? 59  VAL A N   1 
ATOM   443  C CA  . VAL A 1 59  ? 4.895   8.022   -1.415  1.00 9.06  ? 59  VAL A CA  1 
ATOM   444  C C   . VAL A 1 59  ? 3.605   7.464   -0.849  1.00 9.20  ? 59  VAL A C   1 
ATOM   445  O O   . VAL A 1 59  ? 3.026   6.513   -1.386  1.00 9.26  ? 59  VAL A O   1 
ATOM   446  C CB  . VAL A 1 59  ? 4.626   8.683   -2.756  1.00 8.62  ? 59  VAL A CB  1 
ATOM   447  C CG1 . VAL A 1 59  ? 3.603   9.774   -2.580  1.00 11.59 ? 59  VAL A CG1 1 
ATOM   448  C CG2 . VAL A 1 59  ? 5.886   9.311   -3.287  1.00 8.82  ? 59  VAL A CG2 1 
ATOM   449  N N   . LEU A 1 60  ? 3.144   8.045   0.244   1.00 8.28  ? 60  LEU A N   1 
ATOM   450  C CA  . LEU A 1 60  ? 1.917   7.614   0.904   1.00 10.28 ? 60  LEU A CA  1 
ATOM   451  C C   . LEU A 1 60  ? 0.846   8.712   0.880   1.00 9.08  ? 60  LEU A C   1 
ATOM   452  O O   . LEU A 1 60  ? 1.138   9.900   1.056   1.00 9.42  ? 60  LEU A O   1 
ATOM   453  C CB  . LEU A 1 60  ? 2.275   7.222   2.338   1.00 9.84  ? 60  LEU A CB  1 
ATOM   454  C CG  . LEU A 1 60  ? 3.067   5.930   2.395   1.00 12.35 ? 60  LEU A CG  1 
ATOM   455  C CD1 . LEU A 1 60  ? 4.554   6.212   2.519   1.00 15.19 ? 60  LEU A CD1 1 
ATOM   456  C CD2 . LEU A 1 60  ? 2.555   5.134   3.551   1.00 14.85 ? 60  LEU A CD2 1 
ATOM   457  N N   . ASN A 1 61  ? -0.411  8.359   0.666   1.00 7.46  ? 61  ASN A N   1 
ATOM   458  C CA  . ASN A 1 61  ? -1.457  9.360   0.599   1.00 6.93  ? 61  ASN A CA  1 
ATOM   459  C C   . ASN A 1 61  ? -2.808  8.671   0.788   1.00 7.59  ? 61  ASN A C   1 
ATOM   460  O O   . ASN A 1 61  ? -2.893  7.447   0.921   1.00 6.89  ? 61  ASN A O   1 
ATOM   461  C CB  . ASN A 1 61  ? -1.404  10.031  -0.761  1.00 7.94  ? 61  ASN A CB  1 
ATOM   462  C CG  . ASN A 1 61  ? -1.928  11.457  -0.746  1.00 8.52  ? 61  ASN A CG  1 
ATOM   463  O OD1 . ASN A 1 61  ? -2.623  11.896  0.160   1.00 8.02  ? 61  ASN A OD1 1 
ATOM   464  N ND2 . ASN A 1 61  ? -1.635  12.204  -1.799  1.00 8.21  ? 61  ASN A ND2 1 
ATOM   465  N N   . SER A 1 62  ? -3.888  9.425   0.815   1.00 8.30  ? 62  SER A N   1 
ATOM   466  C CA  . SER A 1 62  ? -5.252  8.915   0.848   1.00 5.75  ? 62  SER A CA  1 
ATOM   467  C C   . SER A 1 62  ? -5.975  9.617   -0.313  1.00 6.14  ? 62  SER A C   1 
ATOM   468  O O   . SER A 1 62  ? -5.625  10.737  -0.745  1.00 7.45  ? 62  SER A O   1 
ATOM   469  C CB  . SER A 1 62  ? -5.844  9.273   2.222   1.00 6.80  ? 62  SER A CB  1 
ATOM   470  O OG  . SER A 1 62  ? -5.786  10.681  2.510   1.00 5.60  ? 62  SER A OG  1 
ATOM   471  N N   . LEU A 1 63  ? -7.002  8.964   -0.813  1.00 6.50  ? 63  LEU A N   1 
ATOM   472  C CA  . LEU A 1 63  ? -7.813  9.441   -1.909  1.00 8.16  ? 63  LEU A CA  1 
ATOM   473  C C   . LEU A 1 63  ? -9.241  9.466   -1.410  1.00 8.86  ? 63  LEU A C   1 
ATOM   474  O O   . LEU A 1 63  ? -9.761  8.466   -0.904  1.00 8.94  ? 63  LEU A O   1 
ATOM   475  C CB  . LEU A 1 63  ? -7.687  8.496   -3.103  1.00 9.20  ? 63  LEU A CB  1 
ATOM   476  C CG  . LEU A 1 63  ? -8.541  8.719   -4.334  1.00 9.96  ? 63  LEU A CG  1 
ATOM   477  C CD1 . LEU A 1 63  ? -8.187  9.969   -5.064  1.00 11.62 ? 63  LEU A CD1 1 
ATOM   478  C CD2 . LEU A 1 63  ? -8.254  7.613   -5.281  1.00 11.05 ? 63  LEU A CD2 1 
ATOM   479  N N   . VAL A 1 64  ? -9.891  10.619  -1.541  1.00 9.07  ? 64  VAL A N   1 
ATOM   480  C CA  . VAL A 1 64  ? -11.245 10.802  -1.068  1.00 9.28  ? 64  VAL A CA  1 
ATOM   481  C C   . VAL A 1 64  ? -12.149 10.837  -2.309  1.00 10.21 ? 64  VAL A C   1 
ATOM   482  O O   . VAL A 1 64  ? -11.937 11.500  -3.327  1.00 10.57 ? 64  VAL A O   1 
ATOM   483  C CB  . VAL A 1 64  ? -11.299 12.118  -0.247  1.00 9.08  ? 64  VAL A CB  1 
ATOM   484  C CG1 . VAL A 1 64  ? -12.728 12.445  0.142   1.00 9.96  ? 64  VAL A CG1 1 
ATOM   485  C CG2 . VAL A 1 64  ? -10.436 11.968  1.024   1.00 11.46 ? 64  VAL A CG2 1 
ATOM   486  N N   . HIS A 1 65  ? -13.199 10.044  -2.193  1.00 12.07 ? 65  HIS A N   1 
ATOM   487  C CA  . HIS A 1 65  ? -14.196 9.864   -3.231  1.00 14.07 ? 65  HIS A CA  1 
ATOM   488  C C   . HIS A 1 65  ? -14.782 11.186  -3.731  1.00 13.07 ? 65  HIS A C   1 
ATOM   489  O O   . HIS A 1 65  ? -15.206 12.040  -2.961  1.00 12.78 ? 65  HIS A O   1 
ATOM   490  C CB  . HIS A 1 65  ? -15.249 8.914   -2.625  1.00 19.18 ? 65  HIS A CB  1 
ATOM   491  C CG  . HIS A 1 65  ? -16.298 8.542   -3.645  1.00 24.75 ? 65  HIS A CG  1 
ATOM   492  N ND1 . HIS A 1 65  ? -16.090 8.058   -4.866  1.00 29.35 ? 65  HIS A ND1 1 
ATOM   493  C CD2 . HIS A 1 65  ? -17.645 8.740   -3.473  1.00 28.14 ? 65  HIS A CD2 1 
ATOM   494  C CE1 . HIS A 1 65  ? -17.260 7.957   -5.461  1.00 31.79 ? 65  HIS A CE1 1 
ATOM   495  N NE2 . HIS A 1 65  ? -18.180 8.374   -4.613  1.00 31.85 ? 65  HIS A NE2 1 
ATOM   496  N N   . ASN A 1 66  ? -14.731 11.377  -5.037  1.00 11.54 ? 66  ASN A N   1 
ATOM   497  C CA  . ASN A 1 66  ? -15.186 12.606  -5.695  1.00 10.91 ? 66  ASN A CA  1 
ATOM   498  C C   . ASN A 1 66  ? -14.496 13.863  -5.215  1.00 11.12 ? 66  ASN A C   1 
ATOM   499  O O   . ASN A 1 66  ? -14.937 14.975  -5.482  1.00 11.54 ? 66  ASN A O   1 
ATOM   500  C CB  . ASN A 1 66  ? -16.688 12.804  -5.527  1.00 13.38 ? 66  ASN A CB  1 
ATOM   501  C CG  . ASN A 1 66  ? -17.363 13.545  -6.695  1.00 15.86 ? 66  ASN A CG  1 
ATOM   502  O OD1 . ASN A 1 66  ? -18.435 14.154  -6.553  1.00 18.43 ? 66  ASN A OD1 1 
ATOM   503  N ND2 . ASN A 1 66  ? -16.844 13.490  -7.923  1.00 12.45 ? 66  ASN A ND2 1 
ATOM   504  N N   . VAL A 1 67  ? -13.364 13.719  -4.525  1.00 11.53 ? 67  VAL A N   1 
ATOM   505  C CA  . VAL A 1 67  ? -12.599 14.850  -4.065  1.00 11.78 ? 67  VAL A CA  1 
ATOM   506  C C   . VAL A 1 67  ? -11.176 14.727  -4.604  1.00 13.42 ? 67  VAL A C   1 
ATOM   507  O O   . VAL A 1 67  ? -10.715 15.674  -5.229  1.00 14.56 ? 67  VAL A O   1 
ATOM   508  C CB  . VAL A 1 67  ? -12.597 14.887  -2.531  1.00 10.70 ? 67  VAL A CB  1 
ATOM   509  C CG1 . VAL A 1 67  ? -11.631 15.882  -1.991  1.00 10.92 ? 67  VAL A CG1 1 
ATOM   510  C CG2 . VAL A 1 67  ? -13.950 15.299  -2.060  1.00 10.36 ? 67  VAL A CG2 1 
ATOM   511  N N   . GLY A 1 68  ? -10.422 13.638  -4.413  1.00 12.79 ? 68  GLY A N   1 
ATOM   512  C CA  . GLY A 1 68  ? -9.060  13.560  -4.916  1.00 12.43 ? 68  GLY A CA  1 
ATOM   513  C C   . GLY A 1 68  ? -8.012  13.254  -3.848  1.00 12.31 ? 68  GLY A C   1 
ATOM   514  O O   . GLY A 1 68  ? -8.340  12.936  -2.702  1.00 11.94 ? 68  GLY A O   1 
ATOM   515  N N   . TRP A 1 69  ? -6.730  13.300  -4.236  1.00 12.38 ? 69  TRP A N   1 
ATOM   516  C CA  . TRP A 1 69  ? -5.614  13.036  -3.344  1.00 11.44 ? 69  TRP A CA  1 
ATOM   517  C C   . TRP A 1 69  ? -5.435  14.139  -2.348  1.00 12.42 ? 69  TRP A C   1 
ATOM   518  O O   . TRP A 1 69  ? -5.704  15.311  -2.630  1.00 11.62 ? 69  TRP A O   1 
ATOM   519  C CB  . TRP A 1 69  ? -4.369  12.910  -4.128  1.00 9.94  ? 69  TRP A CB  1 
ATOM   520  C CG  . TRP A 1 69  ? -4.465  11.695  -5.006  1.00 10.94 ? 69  TRP A CG  1 
ATOM   521  C CD1 . TRP A 1 69  ? -4.699  11.799  -6.345  1.00 12.84 ? 69  TRP A CD1 1 
ATOM   522  C CD2 . TRP A 1 69  ? -4.339  10.396  -4.576  1.00 12.25 ? 69  TRP A CD2 1 
ATOM   523  N NE1 . TRP A 1 69  ? -4.724  10.553  -6.771  1.00 13.96 ? 69  TRP A NE1 1 
ATOM   524  C CE2 . TRP A 1 69  ? -4.516  9.677   -5.765  1.00 13.35 ? 69  TRP A CE2 1 
ATOM   525  C CE3 . TRP A 1 69  ? -4.117  9.737   -3.374  1.00 11.00 ? 69  TRP A CE3 1 
ATOM   526  C CZ2 . TRP A 1 69  ? -4.469  8.278   -5.742  1.00 13.10 ? 69  TRP A CZ2 1 
ATOM   527  C CZ3 . TRP A 1 69  ? -4.076  8.353   -3.347  1.00 10.66 ? 69  TRP A CZ3 1 
ATOM   528  C CH2 . TRP A 1 69  ? -4.249  7.626   -4.525  1.00 11.73 ? 69  TRP A CH2 1 
ATOM   529  N N   . GLN A 1 70  ? -4.993  13.731  -1.177  1.00 11.90 ? 70  GLN A N   1 
ATOM   530  C CA  . GLN A 1 70  ? -4.773  14.636  -0.063  1.00 12.77 ? 70  GLN A CA  1 
ATOM   531  C C   . GLN A 1 70  ? -3.287  14.958  0.050   1.00 12.61 ? 70  GLN A C   1 
ATOM   532  O O   . GLN A 1 70  ? -2.583  14.882  -0.955  1.00 11.22 ? 70  GLN A O   1 
ATOM   533  C CB  . GLN A 1 70  ? -5.363  13.931  1.185   1.00 11.90 ? 70  GLN A CB  1 
ATOM   534  C CG  . GLN A 1 70  ? -6.897  13.716  1.018   1.00 12.43 ? 70  GLN A CG  1 
ATOM   535  C CD  . GLN A 1 70  ? -7.640  15.008  0.651   1.00 12.05 ? 70  GLN A CD  1 
ATOM   536  O OE1 . GLN A 1 70  ? -7.553  16.000  1.369   1.00 12.22 ? 70  GLN A OE1 1 
ATOM   537  N NE2 . GLN A 1 70  ? -8.347  15.135  -0.465  1.00 10.89 ? 70  GLN A NE2 1 
ATOM   538  N N   . GLN A 1 71  ? -2.756  15.305  1.226   1.00 14.32 ? 71  GLN A N   1 
ATOM   539  C CA  . GLN A 1 71  ? -1.345  15.648  1.413   1.00 16.80 ? 71  GLN A CA  1 
ATOM   540  C C   . GLN A 1 71  ? -0.462  14.388  1.341   1.00 14.24 ? 71  GLN A C   1 
ATOM   541  O O   . GLN A 1 71  ? -0.707  13.400  2.006   1.00 13.26 ? 71  GLN A O   1 
ATOM   542  C CB  . GLN A 1 71  ? -1.280  16.393  2.773   1.00 19.40 ? 71  GLN A CB  1 
ATOM   543  C CG  . GLN A 1 71  ? -0.103  16.166  3.761   1.00 32.34 ? 71  GLN A CG  1 
ATOM   544  C CD  . GLN A 1 71  ? -0.381  16.142  5.288   1.00 38.09 ? 71  GLN A CD  1 
ATOM   545  O OE1 . GLN A 1 71  ? -0.004  15.209  6.019   1.00 41.13 ? 71  GLN A OE1 1 
ATOM   546  N NE2 . GLN A 1 71  ? -1.039  17.182  5.837   1.00 41.84 ? 71  GLN A NE2 1 
ATOM   547  N N   . GLU A 1 72  ? 0.545   14.385  0.489   1.00 13.25 ? 72  GLU A N   1 
ATOM   548  C CA  . GLU A 1 72  ? 1.466   13.258  0.359   1.00 14.48 ? 72  GLU A CA  1 
ATOM   549  C C   . GLU A 1 72  ? 2.473   13.217  1.463   1.00 14.32 ? 72  GLU A C   1 
ATOM   550  O O   . GLU A 1 72  ? 2.968   14.288  1.834   1.00 15.60 ? 72  GLU A O   1 
ATOM   551  C CB  . GLU A 1 72  ? 2.358   13.283  -0.863  1.00 16.46 ? 72  GLU A CB  1 
ATOM   552  C CG  . GLU A 1 72  ? 1.608   13.105  -2.134  1.00 20.82 ? 72  GLU A CG  1 
ATOM   553  C CD  . GLU A 1 72  ? 2.486   13.165  -3.362  1.00 23.02 ? 72  GLU A CD  1 
ATOM   554  O OE1 . GLU A 1 72  ? 3.521   13.824  -3.328  1.00 21.48 ? 72  GLU A OE1 1 
ATOM   555  O OE2 . GLU A 1 72  ? 2.095   12.530  -4.329  1.00 25.72 ? 72  GLU A OE2 1 
ATOM   556  N N   . GLU A 1 73  ? 2.848   12.035  1.936   1.00 12.81 ? 73  GLU A N   1 
ATOM   557  C CA  . GLU A 1 73  ? 3.966   11.888  2.840   1.00 13.70 ? 73  GLU A CA  1 
ATOM   558  C C   . GLU A 1 73  ? 4.963   11.034  2.090   1.00 13.63 ? 73  GLU A C   1 
ATOM   559  O O   . GLU A 1 73  ? 4.613   10.188  1.282   1.00 13.00 ? 73  GLU A O   1 
ATOM   560  C CB  . GLU A 1 73  ? 3.512   11.219  4.109   1.00 17.07 ? 73  GLU A CB  1 
ATOM   561  C CG  . GLU A 1 73  ? 2.608   12.222  4.847   1.00 24.68 ? 73  GLU A CG  1 
ATOM   562  C CD  . GLU A 1 73  ? 2.223   11.937  6.303   1.00 31.02 ? 73  GLU A CD  1 
ATOM   563  O OE1 . GLU A 1 73  ? 1.264   12.572  6.789   1.00 35.19 ? 73  GLU A OE1 1 
ATOM   564  O OE2 . GLU A 1 73  ? 2.881   11.102  6.948   1.00 32.47 ? 73  GLU A OE2 1 
ATOM   565  N N   . ARG A 1 74  ? 6.235   11.287  2.249   1.00 13.23 ? 74  ARG A N   1 
ATOM   566  C CA  . ARG A 1 74  ? 7.228   10.515  1.525   1.00 15.19 ? 74  ARG A CA  1 
ATOM   567  C C   . ARG A 1 74  ? 8.209   9.822   2.450   1.00 15.22 ? 74  ARG A C   1 
ATOM   568  O O   . ARG A 1 74  ? 8.477   10.250  3.572   1.00 17.01 ? 74  ARG A O   1 
ATOM   569  C CB  . ARG A 1 74  ? 8.009   11.425  0.609   1.00 16.85 ? 74  ARG A CB  1 
ATOM   570  C CG  . ARG A 1 74  ? 7.250   12.035  -0.518  1.00 21.27 ? 74  ARG A CG  1 
ATOM   571  C CD  . ARG A 1 74  ? 8.302   12.654  -1.451  1.00 25.57 ? 74  ARG A CD  1 
ATOM   572  N NE  . ARG A 1 74  ? 7.920   12.490  -2.860  1.00 29.38 ? 74  ARG A NE  1 
ATOM   573  C CZ  . ARG A 1 74  ? 6.818   13.086  -3.331  1.00 30.49 ? 74  ARG A CZ  1 
ATOM   574  N NH1 . ARG A 1 74  ? 6.060   13.850  -2.516  1.00 33.44 ? 74  ARG A NH1 1 
ATOM   575  N NH2 . ARG A 1 74  ? 6.449   12.908  -4.597  1.00 27.67 ? 74  ARG A NH2 1 
ATOM   576  N N   . SER A 1 75  ? 8.784   8.734   1.972   1.00 13.49 ? 75  SER A N   1 
ATOM   577  C CA  . SER A 1 75  ? 9.815   8.058   2.693   1.00 13.14 ? 75  SER A CA  1 
ATOM   578  C C   . SER A 1 75  ? 10.882  7.664   1.688   1.00 15.07 ? 75  SER A C   1 
ATOM   579  O O   . SER A 1 75  ? 10.707  7.277   0.540   1.00 14.93 ? 75  SER A O   1 
ATOM   580  C CB  . SER A 1 75  ? 9.239   6.840   3.383   1.00 12.67 ? 75  SER A CB  1 
ATOM   581  O OG  . SER A 1 75  ? 10.284  6.163   4.043   1.00 14.32 ? 75  SER A OG  1 
ATOM   582  N N   . LYS A 1 76  ? 12.074  7.792   2.226   1.00 17.01 ? 76  LYS A N   1 
ATOM   583  C CA  . LYS A 1 76  ? 13.290  7.489   1.518   1.00 18.40 ? 76  LYS A CA  1 
ATOM   584  C C   . LYS A 1 76  ? 13.639  6.027   1.756   1.00 17.89 ? 76  LYS A C   1 
ATOM   585  O O   . LYS A 1 76  ? 14.630  5.539   1.222   1.00 18.25 ? 76  LYS A O   1 
ATOM   586  C CB  . LYS A 1 76  ? 14.331  8.481   2.062   1.00 23.82 ? 76  LYS A CB  1 
ATOM   587  C CG  . LYS A 1 76  ? 14.543  8.580   3.653   1.00 28.88 ? 76  LYS A CG  1 
ATOM   588  C CD  . LYS A 1 76  ? 13.399  9.103   4.642   1.00 30.17 ? 76  LYS A CD  1 
ATOM   589  C CE  . LYS A 1 76  ? 12.984  8.094   5.751   1.00 29.34 ? 76  LYS A CE  1 
ATOM   590  N NZ  . LYS A 1 76  ? 11.747  8.444   6.449   1.00 29.76 ? 76  LYS A NZ  1 
ATOM   591  N N   . LYS A 1 77  ? 12.912  5.266   2.581   1.00 15.66 ? 77  LYS A N   1 
ATOM   592  C CA  . LYS A 1 77  ? 13.197  3.842   2.807   1.00 15.79 ? 77  LYS A CA  1 
ATOM   593  C C   . LYS A 1 77  ? 12.799  3.043   1.576   1.00 15.31 ? 77  LYS A C   1 
ATOM   594  O O   . LYS A 1 77  ? 11.611  2.957   1.292   1.00 16.66 ? 77  LYS A O   1 
ATOM   595  C CB  . LYS A 1 77  ? 12.415  3.335   3.998   1.00 14.47 ? 77  LYS A CB  1 
ATOM   596  C CG  . LYS A 1 77  ? 12.996  3.941   5.274   1.00 17.84 ? 77  LYS A CG  1 
ATOM   597  C CD  . LYS A 1 77  ? 12.028  3.758   6.417   1.00 17.26 ? 77  LYS A CD  1 
ATOM   598  C CE  . LYS A 1 77  ? 12.631  4.393   7.648   1.00 19.54 ? 77  LYS A CE  1 
ATOM   599  N NZ  . LYS A 1 77  ? 11.667  4.333   8.721   1.00 21.03 ? 77  LYS A NZ  1 
ATOM   600  N N   . PHE A 1 78  ? 13.701  2.407   0.836   1.00 13.69 ? 78  PHE A N   1 
ATOM   601  C CA  . PHE A 1 78  ? 13.273  1.779   -0.393  1.00 11.21 ? 78  PHE A CA  1 
ATOM   602  C C   . PHE A 1 78  ? 14.077  0.520   -0.647  1.00 10.66 ? 78  PHE A C   1 
ATOM   603  O O   . PHE A 1 78  ? 14.908  0.454   -1.536  1.00 11.66 ? 78  PHE A O   1 
ATOM   604  C CB  . PHE A 1 78  ? 13.423  2.826   -1.508  1.00 10.62 ? 78  PHE A CB  1 
ATOM   605  C CG  . PHE A 1 78  ? 12.560  2.512   -2.716  1.00 9.45  ? 78  PHE A CG  1 
ATOM   606  C CD1 . PHE A 1 78  ? 13.110  1.931   -3.854  1.00 10.52 ? 78  PHE A CD1 1 
ATOM   607  C CD2 . PHE A 1 78  ? 11.207  2.824   -2.672  1.00 10.91 ? 78  PHE A CD2 1 
ATOM   608  C CE1 . PHE A 1 78  ? 12.284  1.666   -4.960  1.00 10.11 ? 78  PHE A CE1 1 
ATOM   609  C CE2 . PHE A 1 78  ? 10.401  2.559   -3.769  1.00 11.69 ? 78  PHE A CE2 1 
ATOM   610  C CZ  . PHE A 1 78  ? 10.932  1.983   -4.916  1.00 11.16 ? 78  PHE A CZ  1 
ATOM   611  N N   . PRO A 1 79  ? 13.831  -0.564  0.088   1.00 11.07 ? 79  PRO A N   1 
ATOM   612  C CA  . PRO A 1 79  ? 14.542  -1.819  -0.095  1.00 12.57 ? 79  PRO A CA  1 
ATOM   613  C C   . PRO A 1 79  ? 13.876  -2.650  -1.186  1.00 13.11 ? 79  PRO A C   1 
ATOM   614  O O   . PRO A 1 79  ? 13.477  -3.792  -0.916  1.00 15.89 ? 79  PRO A O   1 
ATOM   615  C CB  . PRO A 1 79  ? 14.464  -2.409  1.279   1.00 12.56 ? 79  PRO A CB  1 
ATOM   616  C CG  . PRO A 1 79  ? 13.029  -2.097  1.675   1.00 10.38 ? 79  PRO A CG  1 
ATOM   617  C CD  . PRO A 1 79  ? 12.902  -0.659  1.227   1.00 10.16 ? 79  PRO A CD  1 
ATOM   618  N N   . PHE A 1 80  ? 13.660  -2.103  -2.377  1.00 11.93 ? 80  PHE A N   1 
ATOM   619  C CA  . PHE A 1 80  ? 12.927  -2.794  -3.431  1.00 11.44 ? 80  PHE A CA  1 
ATOM   620  C C   . PHE A 1 80  ? 13.805  -2.877  -4.670  1.00 11.36 ? 80  PHE A C   1 
ATOM   621  O O   . PHE A 1 80  ? 14.543  -1.922  -4.937  1.00 12.67 ? 80  PHE A O   1 
ATOM   622  C CB  . PHE A 1 80  ? 11.623  -2.059  -3.833  1.00 11.31 ? 80  PHE A CB  1 
ATOM   623  C CG  . PHE A 1 80  ? 10.656  -1.938  -2.680  1.00 8.99  ? 80  PHE A CG  1 
ATOM   624  C CD1 . PHE A 1 80  ? 9.838   -3.000  -2.331  1.00 11.37 ? 80  PHE A CD1 1 
ATOM   625  C CD2 . PHE A 1 80  ? 10.635  -0.762  -1.940  1.00 9.14  ? 80  PHE A CD2 1 
ATOM   626  C CE1 . PHE A 1 80  ? 8.996   -2.894  -1.224  1.00 10.88 ? 80  PHE A CE1 1 
ATOM   627  C CE2 . PHE A 1 80  ? 9.792   -0.665  -0.838  1.00 7.83  ? 80  PHE A CE2 1 
ATOM   628  C CZ  . PHE A 1 80  ? 8.981   -1.720  -0.480  1.00 10.96 ? 80  PHE A CZ  1 
ATOM   629  N N   . THR A 1 81  ? 13.773  -3.986  -5.415  1.00 11.43 ? 81  THR A N   1 
ATOM   630  C CA  . THR A 1 81  ? 14.545  -4.111  -6.625  1.00 9.26  ? 81  THR A CA  1 
ATOM   631  C C   . THR A 1 81  ? 13.638  -4.605  -7.724  1.00 8.61  ? 81  THR A C   1 
ATOM   632  O O   . THR A 1 81  ? 12.857  -5.531  -7.471  1.00 8.69  ? 81  THR A O   1 
ATOM   633  C CB  . THR A 1 81  ? 15.670  -5.094  -6.386  1.00 11.41 ? 81  THR A CB  1 
ATOM   634  O OG1 . THR A 1 81  ? 16.518  -4.509  -5.407  1.00 10.45 ? 81  THR A OG1 1 
ATOM   635  C CG2 . THR A 1 81  ? 16.495  -5.337  -7.644  1.00 11.76 ? 81  THR A CG2 1 
ATOM   636  N N   . LYS A 1 82  ? 13.739  -4.004  -8.921  1.00 6.96  ? 82  LYS A N   1 
ATOM   637  C CA  . LYS A 1 82  ? 12.937  -4.462  -10.037 1.00 6.98  ? 82  LYS A CA  1 
ATOM   638  C C   . LYS A 1 82  ? 13.259  -5.922  -10.350 1.00 6.51  ? 82  LYS A C   1 
ATOM   639  O O   . LYS A 1 82  ? 14.427  -6.319  -10.299 1.00 7.83  ? 82  LYS A O   1 
ATOM   640  C CB  . LYS A 1 82  ? 13.209  -3.607  -11.265 1.00 5.62  ? 82  LYS A CB  1 
ATOM   641  C CG  . LYS A 1 82  ? 12.730  -2.179  -11.071 1.00 8.76  ? 82  LYS A CG  1 
ATOM   642  C CD  . LYS A 1 82  ? 12.982  -1.260  -12.277 1.00 9.38  ? 82  LYS A CD  1 
ATOM   643  C CE  . LYS A 1 82  ? 14.458  -0.897  -12.491 1.00 9.36  ? 82  LYS A CE  1 
ATOM   644  N NZ  . LYS A 1 82  ? 14.621  -0.044  -13.663 1.00 6.14  ? 82  LYS A NZ  1 
ATOM   645  N N   . GLY A 1 83  ? 12.272  -6.737  -10.617 1.00 5.17  ? 83  GLY A N   1 
ATOM   646  C CA  . GLY A 1 83  ? 12.508  -8.132  -10.903 1.00 7.96  ? 83  GLY A CA  1 
ATOM   647  C C   . GLY A 1 83  ? 12.537  -8.998  -9.650  1.00 8.21  ? 83  GLY A C   1 
ATOM   648  O O   . GLY A 1 83  ? 12.511  -10.232 -9.765  1.00 9.29  ? 83  GLY A O   1 
ATOM   649  N N   . ASP A 1 84  ? 12.562  -8.427  -8.432  1.00 7.91  ? 84  ASP A N   1 
ATOM   650  C CA  . ASP A 1 84  ? 12.633  -9.227  -7.235  1.00 8.82  ? 84  ASP A CA  1 
ATOM   651  C C   . ASP A 1 84  ? 11.378  -9.216  -6.385  1.00 8.24  ? 84  ASP A C   1 
ATOM   652  O O   . ASP A 1 84  ? 10.476  -8.395  -6.529  1.00 8.02  ? 84  ASP A O   1 
ATOM   653  C CB  . ASP A 1 84  ? 13.801  -8.751  -6.404  1.00 10.24 ? 84  ASP A CB  1 
ATOM   654  C CG  . ASP A 1 84  ? 15.198  -8.960  -7.031  1.00 17.27 ? 84  ASP A CG  1 
ATOM   655  O OD1 . ASP A 1 84  ? 16.140  -8.542  -6.373  1.00 20.34 ? 84  ASP A OD1 1 
ATOM   656  O OD2 . ASP A 1 84  ? 15.390  -9.508  -8.123  1.00 19.85 ? 84  ASP A OD2 1 
ATOM   657  N N   . HIS A 1 85  ? 11.372  -10.150 -5.451  1.00 9.39  ? 85  HIS A N   1 
ATOM   658  C CA  . HIS A 1 85  ? 10.297  -10.325 -4.495  1.00 11.40 ? 85  HIS A CA  1 
ATOM   659  C C   . HIS A 1 85  ? 10.266  -9.245  -3.436  1.00 10.39 ? 85  HIS A C   1 
ATOM   660  O O   . HIS A 1 85  ? 11.262  -8.574  -3.175  1.00 11.48 ? 85  HIS A O   1 
ATOM   661  C CB  . HIS A 1 85  ? 10.441  -11.654 -3.785  1.00 15.76 ? 85  HIS A CB  1 
ATOM   662  C CG  . HIS A 1 85  ? 10.024  -12.790 -4.676  1.00 22.50 ? 85  HIS A CG  1 
ATOM   663  N ND1 . HIS A 1 85  ? 8.854   -13.378 -4.701  1.00 27.12 ? 85  HIS A ND1 1 
ATOM   664  C CD2 . HIS A 1 85  ? 10.813  -13.368 -5.648  1.00 26.17 ? 85  HIS A CD2 1 
ATOM   665  C CE1 . HIS A 1 85  ? 8.859   -14.298 -5.643  1.00 29.02 ? 85  HIS A CE1 1 
ATOM   666  N NE2 . HIS A 1 85  ? 10.050  -14.274 -6.205  1.00 28.79 ? 85  HIS A NE2 1 
ATOM   667  N N   . PHE A 1 86  ? 9.108   -9.092  -2.818  1.00 8.49  ? 86  PHE A N   1 
ATOM   668  C CA  . PHE A 1 86  ? 8.945   -8.206  -1.682  1.00 8.52  ? 86  PHE A CA  1 
ATOM   669  C C   . PHE A 1 86  ? 7.859   -8.836  -0.772  1.00 8.84  ? 86  PHE A C   1 
ATOM   670  O O   . PHE A 1 86  ? 7.036   -9.676  -1.216  1.00 7.85  ? 86  PHE A O   1 
ATOM   671  C CB  . PHE A 1 86  ? 8.517   -6.795  -2.160  1.00 9.28  ? 86  PHE A CB  1 
ATOM   672  C CG  . PHE A 1 86  ? 7.105   -6.654  -2.728  1.00 10.82 ? 86  PHE A CG  1 
ATOM   673  C CD1 . PHE A 1 86  ? 6.905   -6.747  -4.099  1.00 11.18 ? 86  PHE A CD1 1 
ATOM   674  C CD2 . PHE A 1 86  ? 5.990   -6.468  -1.886  1.00 11.87 ? 86  PHE A CD2 1 
ATOM   675  C CE1 . PHE A 1 86  ? 5.607   -6.663  -4.621  1.00 12.43 ? 86  PHE A CE1 1 
ATOM   676  C CE2 . PHE A 1 86  ? 4.700   -6.387  -2.411  1.00 12.10 ? 86  PHE A CE2 1 
ATOM   677  C CZ  . PHE A 1 86  ? 4.515   -6.487  -3.780  1.00 12.44 ? 86  PHE A CZ  1 
ATOM   678  N N   . GLN A 1 87  ? 7.821   -8.392  0.478   1.00 9.04  ? 87  GLN A N   1 
ATOM   679  C CA  . GLN A 1 87  ? 6.831   -8.814  1.459   1.00 10.97 ? 87  GLN A CA  1 
ATOM   680  C C   . GLN A 1 87  ? 6.534   -7.592  2.330   1.00 9.26  ? 87  GLN A C   1 
ATOM   681  O O   . GLN A 1 87  ? 7.470   -6.922  2.723   1.00 9.97  ? 87  GLN A O   1 
ATOM   682  C CB  . GLN A 1 87  ? 7.422   -9.931  2.286   1.00 16.04 ? 87  GLN A CB  1 
ATOM   683  C CG  . GLN A 1 87  ? 6.319   -10.486 3.108   1.00 23.70 ? 87  GLN A CG  1 
ATOM   684  C CD  . GLN A 1 87  ? 6.751   -11.801 3.697   1.00 27.87 ? 87  GLN A CD  1 
ATOM   685  O OE1 . GLN A 1 87  ? 6.896   -11.922 4.904   1.00 31.24 ? 87  GLN A OE1 1 
ATOM   686  N NE2 . GLN A 1 87  ? 6.987   -12.831 2.880   1.00 30.76 ? 87  GLN A NE2 1 
ATOM   687  N N   . THR A 1 88  ? 5.272   -7.260  2.594   1.00 7.83  ? 88  THR A N   1 
ATOM   688  C CA  . THR A 1 88  ? 4.857   -6.097  3.375   1.00 7.25  ? 88  THR A CA  1 
ATOM   689  C C   . THR A 1 88  ? 3.741   -6.556  4.306   1.00 7.87  ? 88  THR A C   1 
ATOM   690  O O   . THR A 1 88  ? 2.853   -7.319  3.884   1.00 5.17  ? 88  THR A O   1 
ATOM   691  C CB  . THR A 1 88  ? 4.281   -4.992  2.483   1.00 9.21  ? 88  THR A CB  1 
ATOM   692  O OG1 . THR A 1 88  ? 5.242   -4.774  1.459   1.00 12.91 ? 88  THR A OG1 1 
ATOM   693  C CG2 . THR A 1 88  ? 4.014   -3.709  3.228   1.00 9.55  ? 88  THR A CG2 1 
ATOM   694  N N   . THR A 1 89  ? 3.805   -6.097  5.553   1.00 8.29  ? 89  THR A N   1 
ATOM   695  C CA  . THR A 1 89  ? 2.790   -6.371  6.541   1.00 8.36  ? 89  THR A CA  1 
ATOM   696  C C   . THR A 1 89  ? 2.205   -5.043  7.005   1.00 7.98  ? 89  THR A C   1 
ATOM   697  O O   . THR A 1 89  ? 2.949   -4.090  7.265   1.00 8.25  ? 89  THR A O   1 
ATOM   698  C CB  . THR A 1 89  ? 3.384   -7.128  7.766   1.00 11.19 ? 89  THR A CB  1 
ATOM   699  O OG1 . THR A 1 89  ? 3.884   -8.383  7.277   1.00 12.99 ? 89  THR A OG1 1 
ATOM   700  C CG2 . THR A 1 89  ? 2.352   -7.397  8.877   1.00 9.13  ? 89  THR A CG2 1 
ATOM   701  N N   . ILE A 1 90  ? 0.881   -4.983  7.105   1.00 6.50  ? 90  ILE A N   1 
ATOM   702  C CA  . ILE A 1 90  ? 0.179   -3.781  7.531   1.00 6.76  ? 90  ILE A CA  1 
ATOM   703  C C   . ILE A 1 90  ? -0.759  -4.118  8.684   1.00 6.38  ? 90  ILE A C   1 
ATOM   704  O O   . ILE A 1 90  ? -1.369  -5.202  8.670   1.00 5.59  ? 90  ILE A O   1 
ATOM   705  C CB  . ILE A 1 90  ? -0.581  -3.250  6.294   1.00 7.69  ? 90  ILE A CB  1 
ATOM   706  C CG1 . ILE A 1 90  ? 0.439   -2.874  5.224   1.00 7.76  ? 90  ILE A CG1 1 
ATOM   707  C CG2 . ILE A 1 90  ? -1.490  -2.083  6.682   1.00 9.07  ? 90  ILE A CG2 1 
ATOM   708  C CD1 . ILE A 1 90  ? -0.210  -2.666  3.871   1.00 9.79  ? 90  ILE A CD1 1 
ATOM   709  N N   . THR A 1 91  ? -0.845  -3.308  9.734   1.00 6.65  ? 91  THR A N   1 
ATOM   710  C CA  . THR A 1 91  ? -1.861  -3.410  10.789  1.00 7.91  ? 91  THR A CA  1 
ATOM   711  C C   . THR A 1 91  ? -2.261  -1.944  10.983  1.00 6.89  ? 91  THR A C   1 
ATOM   712  O O   . THR A 1 91  ? -1.574  -1.038  10.507  1.00 7.71  ? 91  THR A O   1 
ATOM   713  C CB  . THR A 1 91  ? -1.514  -3.689  12.277  1.00 12.47 ? 91  THR A CB  1 
ATOM   714  O OG1 . THR A 1 91  ? -0.174  -3.996  12.443  1.00 16.35 ? 91  THR A OG1 1 
ATOM   715  C CG2 . THR A 1 91  ? -2.489  -4.658  12.799  1.00 6.37  ? 91  THR A CG2 1 
ATOM   716  N N   . PHE A 1 92  ? -3.315  -1.630  11.728  1.00 6.72  ? 92  PHE A N   1 
ATOM   717  C CA  . PHE A 1 92  ? -3.667  -0.261  11.982  1.00 7.35  ? 92  PHE A CA  1 
ATOM   718  C C   . PHE A 1 92  ? -4.470  -0.185  13.276  1.00 7.80  ? 92  PHE A C   1 
ATOM   719  O O   . PHE A 1 92  ? -5.059  -1.185  13.733  1.00 7.74  ? 92  PHE A O   1 
ATOM   720  C CB  . PHE A 1 92  ? -4.486  0.296   10.775  1.00 6.31  ? 92  PHE A CB  1 
ATOM   721  C CG  . PHE A 1 92  ? -5.825  -0.403  10.523  1.00 9.94  ? 92  PHE A CG  1 
ATOM   722  C CD1 . PHE A 1 92  ? -5.910  -1.530  9.699   1.00 9.84  ? 92  PHE A CD1 1 
ATOM   723  C CD2 . PHE A 1 92  ? -6.995  0.079   11.136  1.00 9.68  ? 92  PHE A CD2 1 
ATOM   724  C CE1 . PHE A 1 92  ? -7.137  -2.163  9.494   1.00 9.58  ? 92  PHE A CE1 1 
ATOM   725  C CE2 . PHE A 1 92  ? -8.221  -0.554  10.931  1.00 9.52  ? 92  PHE A CE2 1 
ATOM   726  C CZ  . PHE A 1 92  ? -8.286  -1.670  10.110  1.00 10.68 ? 92  PHE A CZ  1 
ATOM   727  N N   . ASP A 1 93  ? -4.486  0.978   13.893  1.00 7.01  ? 93  ASP A N   1 
ATOM   728  C CA  . ASP A 1 93  ? -5.482  1.183   14.922  1.00 8.00  ? 93  ASP A CA  1 
ATOM   729  C C   . ASP A 1 93  ? -6.275  2.395   14.443  1.00 9.14  ? 93  ASP A C   1 
ATOM   730  O O   . ASP A 1 93  ? -6.058  2.820   13.297  1.00 8.19  ? 93  ASP A O   1 
ATOM   731  C CB  . ASP A 1 93  ? -4.821  1.422   16.253  1.00 7.42  ? 93  ASP A CB  1 
ATOM   732  C CG  . ASP A 1 93  ? -3.814  2.544   16.376  1.00 8.79  ? 93  ASP A CG  1 
ATOM   733  O OD1 . ASP A 1 93  ? -3.024  2.458   17.305  1.00 11.32 ? 93  ASP A OD1 1 
ATOM   734  O OD2 . ASP A 1 93  ? -3.789  3.482   15.587  1.00 8.48  ? 93  ASP A OD2 1 
ATOM   735  N N   . THR A 1 94  ? -7.075  3.103   15.265  1.00 10.50 ? 94  THR A N   1 
ATOM   736  C CA  . THR A 1 94  ? -7.874  4.175   14.661  1.00 11.42 ? 94  THR A CA  1 
ATOM   737  C C   . THR A 1 94  ? -7.133  5.447   14.364  1.00 9.32  ? 94  THR A C   1 
ATOM   738  O O   . THR A 1 94  ? -7.695  6.372   13.810  1.00 11.00 ? 94  THR A O   1 
ATOM   739  C CB  . THR A 1 94  ? -9.057  4.537   15.529  1.00 14.58 ? 94  THR A CB  1 
ATOM   740  O OG1 . THR A 1 94  ? -8.547  4.874   16.813  1.00 16.90 ? 94  THR A OG1 1 
ATOM   741  C CG2 . THR A 1 94  ? -10.038 3.406   15.579  1.00 16.78 ? 94  THR A CG2 1 
ATOM   742  N N   . HIS A 1 95  ? -5.870  5.525   14.779  1.00 7.91  ? 95  HIS A N   1 
ATOM   743  C CA  . HIS A 1 95  ? -5.037  6.664   14.492  1.00 7.71  ? 95  HIS A CA  1 
ATOM   744  C C   . HIS A 1 95  ? -3.894  6.485   13.495  1.00 6.91  ? 95  HIS A C   1 
ATOM   745  O O   . HIS A 1 95  ? -3.477  7.443   12.851  1.00 6.96  ? 95  HIS A O   1 
ATOM   746  C CB  . HIS A 1 95  ? -4.473  7.146   15.795  1.00 10.70 ? 95  HIS A CB  1 
ATOM   747  C CG  . HIS A 1 95  ? -5.598  7.692   16.648  1.00 17.01 ? 95  HIS A CG  1 
ATOM   748  N ND1 . HIS A 1 95  ? -6.137  7.160   17.728  1.00 20.20 ? 95  HIS A ND1 1 
ATOM   749  C CD2 . HIS A 1 95  ? -6.278  8.860   16.362  1.00 21.11 ? 95  HIS A CD2 1 
ATOM   750  C CE1 . HIS A 1 95  ? -7.114  7.947   18.110  1.00 22.18 ? 95  HIS A CE1 1 
ATOM   751  N NE2 . HIS A 1 95  ? -7.189  8.963   17.285  1.00 24.21 ? 95  HIS A NE2 1 
ATOM   752  N N   . THR A 1 96  ? -3.375  5.267   13.320  1.00 8.01  ? 96  THR A N   1 
ATOM   753  C CA  . THR A 1 96  ? -2.138  5.023   12.603  1.00 7.62  ? 96  THR A CA  1 
ATOM   754  C C   . THR A 1 96  ? -2.191  3.719   11.850  1.00 6.08  ? 96  THR A C   1 
ATOM   755  O O   . THR A 1 96  ? -2.640  2.715   12.414  1.00 7.16  ? 96  THR A O   1 
ATOM   756  C CB  . THR A 1 96  ? -0.980  4.914   13.599  1.00 8.12  ? 96  THR A CB  1 
ATOM   757  O OG1 . THR A 1 96  ? -1.067  6.044   14.439  1.00 9.77  ? 96  THR A OG1 1 
ATOM   758  C CG2 . THR A 1 96  ? 0.375   4.805   12.921  1.00 7.84  ? 96  THR A CG2 1 
ATOM   759  N N   . PHE A 1 97  ? -1.687  3.751   10.622  1.00 5.94  ? 97  PHE A N   1 
ATOM   760  C CA  . PHE A 1 97  ? -1.371  2.541   9.857   1.00 5.50  ? 97  PHE A CA  1 
ATOM   761  C C   . PHE A 1 97  ? 0.094   2.217   10.123  1.00 4.93  ? 97  PHE A C   1 
ATOM   762  O O   . PHE A 1 97  ? 0.960   3.098   10.027  1.00 6.24  ? 97  PHE A O   1 
ATOM   763  C CB  . PHE A 1 97  ? -1.519  2.743   8.341   1.00 6.33  ? 97  PHE A CB  1 
ATOM   764  C CG  . PHE A 1 97  ? -2.969  2.739   7.830   1.00 5.10  ? 97  PHE A CG  1 
ATOM   765  C CD1 . PHE A 1 97  ? -3.586  1.540   7.483   1.00 6.61  ? 97  PHE A CD1 1 
ATOM   766  C CD2 . PHE A 1 97  ? -3.652  3.954   7.737   1.00 7.37  ? 97  PHE A CD2 1 
ATOM   767  C CE1 . PHE A 1 97  ? -4.899  1.524   7.042   1.00 7.88  ? 97  PHE A CE1 1 
ATOM   768  C CE2 . PHE A 1 97  ? -4.975  3.942   7.293   1.00 8.84  ? 97  PHE A CE2 1 
ATOM   769  C CZ  . PHE A 1 97  ? -5.591  2.731   6.951   1.00 9.76  ? 97  PHE A CZ  1 
ATOM   770  N N   . TYR A 1 98  ? 0.361   0.987   10.522  1.00 4.17  ? 98  TYR A N   1 
ATOM   771  C CA  . TYR A 1 98  ? 1.723   0.525   10.780  1.00 5.46  ? 98  TYR A CA  1 
ATOM   772  C C   . TYR A 1 98  ? 2.162   -0.446  9.677   1.00 6.07  ? 98  TYR A C   1 
ATOM   773  O O   . TYR A 1 98  ? 1.583   -1.549  9.535   1.00 6.74  ? 98  TYR A O   1 
ATOM   774  C CB  . TYR A 1 98  ? 1.749   -0.173  12.112  1.00 5.06  ? 98  TYR A CB  1 
ATOM   775  C CG  . TYR A 1 98  ? 1.468   0.766   13.263  1.00 5.01  ? 98  TYR A CG  1 
ATOM   776  C CD1 . TYR A 1 98  ? 0.202   0.808   13.852  1.00 5.81  ? 98  TYR A CD1 1 
ATOM   777  C CD2 . TYR A 1 98  ? 2.525   1.520   13.766  1.00 4.58  ? 98  TYR A CD2 1 
ATOM   778  C CE1 . TYR A 1 98  ? -0.005  1.610   14.981  1.00 7.76  ? 98  TYR A CE1 1 
ATOM   779  C CE2 . TYR A 1 98  ? 2.324   2.315   14.887  1.00 6.86  ? 98  TYR A CE2 1 
ATOM   780  C CZ  . TYR A 1 98  ? 1.068   2.342   15.481  1.00 6.52  ? 98  TYR A CZ  1 
ATOM   781  O OH  . TYR A 1 98  ? 0.887   3.092   16.613  1.00 8.51  ? 98  TYR A OH  1 
ATOM   782  N N   . ILE A 1 99  ? 3.149   -0.023  8.904   1.00 5.30  ? 99  ILE A N   1 
ATOM   783  C CA  . ILE A 1 99  ? 3.602   -0.790  7.753   1.00 7.42  ? 99  ILE A CA  1 
ATOM   784  C C   . ILE A 1 99  ? 5.000   -1.329  8.028   1.00 8.40  ? 99  ILE A C   1 
ATOM   785  O O   . ILE A 1 99  ? 5.868   -0.584  8.513   1.00 9.57  ? 99  ILE A O   1 
ATOM   786  C CB  . ILE A 1 99  ? 3.584   0.149   6.493   1.00 8.48  ? 99  ILE A CB  1 
ATOM   787  C CG1 . ILE A 1 99  ? 2.182   0.700   6.203   1.00 6.31  ? 99  ILE A CG1 1 
ATOM   788  C CG2 . ILE A 1 99  ? 4.105   -0.648  5.292   1.00 7.19  ? 99  ILE A CG2 1 
ATOM   789  C CD1 . ILE A 1 99  ? 2.257   2.171   5.828   1.00 10.19 ? 99  ILE A CD1 1 
ATOM   790  N N   . GLN A 1 100 ? 5.258   -2.606  7.708   1.00 6.55  ? 100 GLN A N   1 
ATOM   791  C CA  . GLN A 1 100 ? 6.619   -3.134  7.853   1.00 7.72  ? 100 GLN A CA  1 
ATOM   792  C C   . GLN A 1 100 ? 7.099   -3.649  6.514   1.00 7.74  ? 100 GLN A C   1 
ATOM   793  O O   . GLN A 1 100 ? 6.369   -4.385  5.842   1.00 7.04  ? 100 GLN A O   1 
ATOM   794  C CB  . GLN A 1 100 ? 6.627   -4.237  8.880   1.00 11.33 ? 100 GLN A CB  1 
ATOM   795  C CG  . GLN A 1 100 ? 8.040   -4.793  9.003   1.00 18.25 ? 100 GLN A CG  1 
ATOM   796  C CD  . GLN A 1 100 ? 8.340   -5.254  10.410  1.00 23.87 ? 100 GLN A CD  1 
ATOM   797  O OE1 . GLN A 1 100 ? 9.347   -4.916  11.035  1.00 24.56 ? 100 GLN A OE1 1 
ATOM   798  N NE2 . GLN A 1 100 ? 7.389   -6.023  10.957  1.00 26.80 ? 100 GLN A NE2 1 
ATOM   799  N N   . LEU A 1 101 ? 8.284   -3.191  6.101   1.00 9.06  ? 101 LEU A N   1 
ATOM   800  C CA  . LEU A 1 101 ? 8.845   -3.535  4.799   1.00 10.24 ? 101 LEU A CA  1 
ATOM   801  C C   . LEU A 1 101 ? 9.620   -4.868  4.859   1.00 11.09 ? 101 LEU A C   1 
ATOM   802  O O   . LEU A 1 101 ? 9.836   -5.412  5.969   1.00 10.50 ? 101 LEU A O   1 
ATOM   803  C CB  . LEU A 1 101 ? 9.737   -2.352  4.351   1.00 10.05 ? 101 LEU A CB  1 
ATOM   804  C CG  . LEU A 1 101 ? 9.117   -0.964  4.436   1.00 9.99  ? 101 LEU A CG  1 
ATOM   805  C CD1 . LEU A 1 101 ? 10.121  0.055   4.013   1.00 10.75 ? 101 LEU A CD1 1 
ATOM   806  C CD2 . LEU A 1 101 ? 7.872   -0.895  3.564   1.00 11.51 ? 101 LEU A CD2 1 
ATOM   807  N N   . SER A 1 102 ? 10.091  -5.354  3.689   1.00 13.10 ? 102 SER A N   1 
ATOM   808  C CA  . SER A 1 102 ? 10.811  -6.631  3.530   1.00 14.17 ? 102 SER A CA  1 
ATOM   809  C C   . SER A 1 102 ? 12.017  -6.792  4.468   1.00 13.65 ? 102 SER A C   1 
ATOM   810  O O   . SER A 1 102 ? 12.244  -7.840  5.072   1.00 16.43 ? 102 SER A O   1 
ATOM   811  C CB  . SER A 1 102 ? 11.339  -6.811  2.075   1.00 14.12 ? 102 SER A CB  1 
ATOM   812  O OG  . SER A 1 102 ? 10.456  -6.404  1.027   1.00 18.33 ? 102 SER A OG  1 
ATOM   813  N N   . ASN A 1 103 ? 12.770  -5.697  4.623   1.00 12.87 ? 103 ASN A N   1 
ATOM   814  C CA  . ASN A 1 103 ? 13.995  -5.702  5.406   1.00 12.61 ? 103 ASN A CA  1 
ATOM   815  C C   . ASN A 1 103 ? 13.745  -5.364  6.869   1.00 11.83 ? 103 ASN A C   1 
ATOM   816  O O   . ASN A 1 103 ? 14.730  -5.159  7.579   1.00 11.28 ? 103 ASN A O   1 
ATOM   817  C CB  . ASN A 1 103 ? 14.965  -4.703  4.794   1.00 12.23 ? 103 ASN A CB  1 
ATOM   818  C CG  . ASN A 1 103 ? 14.441  -3.278  4.886   1.00 14.66 ? 103 ASN A CG  1 
ATOM   819  O OD1 . ASN A 1 103 ? 13.231  -3.043  5.036   1.00 14.23 ? 103 ASN A OD1 1 
ATOM   820  N ND2 . ASN A 1 103 ? 15.306  -2.274  4.812   1.00 12.37 ? 103 ASN A ND2 1 
ATOM   821  N N   . GLY A 1 104 ? 12.500  -5.256  7.365   1.00 10.37 ? 104 GLY A N   1 
ATOM   822  C CA  . GLY A 1 104 ? 12.270  -4.958  8.773   1.00 9.73  ? 104 GLY A CA  1 
ATOM   823  C C   . GLY A 1 104 ? 12.037  -3.481  9.048   1.00 9.10  ? 104 GLY A C   1 
ATOM   824  O O   . GLY A 1 104 ? 11.562  -3.126  10.127  1.00 8.42  ? 104 GLY A O   1 
ATOM   825  N N   . GLU A 1 105 ? 12.348  -2.566  8.133   1.00 9.18  ? 105 GLU A N   1 
ATOM   826  C CA  . GLU A 1 105 ? 12.126  -1.148  8.387   1.00 9.94  ? 105 GLU A CA  1 
ATOM   827  C C   . GLU A 1 105 ? 10.639  -0.887  8.449   1.00 9.65  ? 105 GLU A C   1 
ATOM   828  O O   . GLU A 1 105 ? 9.836   -1.645  7.874   1.00 9.85  ? 105 GLU A O   1 
ATOM   829  C CB  . GLU A 1 105 ? 12.718  -0.283  7.285   1.00 12.09 ? 105 GLU A CB  1 
ATOM   830  C CG  . GLU A 1 105 ? 14.211  -0.318  7.462   1.00 16.46 ? 105 GLU A CG  1 
ATOM   831  C CD  . GLU A 1 105 ? 14.986  0.613   6.547   1.00 21.58 ? 105 GLU A CD  1 
ATOM   832  O OE1 . GLU A 1 105 ? 15.597  1.530   7.100   1.00 26.12 ? 105 GLU A OE1 1 
ATOM   833  O OE2 . GLU A 1 105 ? 15.010  0.431   5.327   1.00 19.24 ? 105 GLU A OE2 1 
ATOM   834  N N   . THR A 1 106 ? 10.230  0.143   9.165   1.00 9.77  ? 106 THR A N   1 
ATOM   835  C CA  . THR A 1 106 ? 8.800   0.424   9.235   1.00 10.50 ? 106 THR A CA  1 
ATOM   836  C C   . THR A 1 106 ? 8.467   1.842   8.777   1.00 8.52  ? 106 THR A C   1 
ATOM   837  O O   . THR A 1 106 ? 9.332   2.725   8.766   1.00 9.70  ? 106 THR A O   1 
ATOM   838  C CB  . THR A 1 106 ? 8.281   0.200   10.686  1.00 9.87  ? 106 THR A CB  1 
ATOM   839  O OG1 . THR A 1 106 ? 8.808   1.282   11.435  1.00 15.14 ? 106 THR A OG1 1 
ATOM   840  C CG2 . THR A 1 106 ? 8.683   -1.126  11.316  1.00 11.02 ? 106 THR A CG2 1 
ATOM   841  N N   . VAL A 1 107 ? 7.238   2.076   8.329   1.00 8.04  ? 107 VAL A N   1 
ATOM   842  C CA  . VAL A 1 107 ? 6.762   3.424   8.021   1.00 9.00  ? 107 VAL A CA  1 
ATOM   843  C C   . VAL A 1 107 ? 5.351   3.482   8.611   1.00 8.54  ? 107 VAL A C   1 
ATOM   844  O O   . VAL A 1 107 ? 4.651   2.476   8.774   1.00 8.34  ? 107 VAL A O   1 
ATOM   845  C CB  . VAL A 1 107 ? 6.837   3.725   6.448   1.00 10.34 ? 107 VAL A CB  1 
ATOM   846  C CG1 . VAL A 1 107 ? 6.285   2.627   5.651   1.00 16.62 ? 107 VAL A CG1 1 
ATOM   847  C CG2 . VAL A 1 107 ? 5.978   4.923   6.055   1.00 12.11 ? 107 VAL A CG2 1 
ATOM   848  N N   . GLU A 1 108 ? 5.004   4.637   9.149   1.00 8.72  ? 108 GLU A N   1 
ATOM   849  C CA  . GLU A 1 108 ? 3.715   4.812   9.798   1.00 8.62  ? 108 GLU A CA  1 
ATOM   850  C C   . GLU A 1 108 ? 2.969   5.863   9.016   1.00 10.23 ? 108 GLU A C   1 
ATOM   851  O O   . GLU A 1 108 ? 3.604   6.766   8.468   1.00 11.91 ? 108 GLU A O   1 
ATOM   852  C CB  . GLU A 1 108 ? 3.891   5.286   11.221  1.00 8.33  ? 108 GLU A CB  1 
ATOM   853  C CG  . GLU A 1 108 ? 4.445   4.188   12.123  1.00 9.73  ? 108 GLU A CG  1 
ATOM   854  C CD  . GLU A 1 108 ? 5.949   3.993   12.031  1.00 15.17 ? 108 GLU A CD  1 
ATOM   855  O OE1 . GLU A 1 108 ? 6.666   4.987   12.080  1.00 17.90 ? 108 GLU A OE1 1 
ATOM   856  O OE2 . GLU A 1 108 ? 6.389   2.849   11.904  1.00 16.28 ? 108 GLU A OE2 1 
ATOM   857  N N   . PHE A 1 109 ? 1.653   5.846   8.935   1.00 7.98  ? 109 PHE A N   1 
ATOM   858  C CA  . PHE A 1 109 ? 0.961   6.852   8.157   1.00 7.32  ? 109 PHE A CA  1 
ATOM   859  C C   . PHE A 1 109 ? -0.340  7.058   8.932   1.00 8.24  ? 109 PHE A C   1 
ATOM   860  O O   . PHE A 1 109 ? -0.932  6.060   9.381   1.00 7.47  ? 109 PHE A O   1 
ATOM   861  C CB  . PHE A 1 109 ? 0.725   6.307   6.745   1.00 7.17  ? 109 PHE A CB  1 
ATOM   862  C CG  . PHE A 1 109 ? -0.096  7.213   5.836   1.00 8.09  ? 109 PHE A CG  1 
ATOM   863  C CD1 . PHE A 1 109 ? 0.433   8.421   5.370   1.00 10.18 ? 109 PHE A CD1 1 
ATOM   864  C CD2 . PHE A 1 109 ? -1.390  6.817   5.469   1.00 9.53  ? 109 PHE A CD2 1 
ATOM   865  C CE1 . PHE A 1 109 ? -0.345  9.223   4.533   1.00 8.71  ? 109 PHE A CE1 1 
ATOM   866  C CE2 . PHE A 1 109 ? -2.163  7.624   4.635   1.00 7.29  ? 109 PHE A CE2 1 
ATOM   867  C CZ  . PHE A 1 109 ? -1.633  8.817   4.175   1.00 7.28  ? 109 PHE A CZ  1 
ATOM   868  N N   . PRO A 1 110 ? -0.812  8.288   9.186   1.00 8.39  ? 110 PRO A N   1 
ATOM   869  C CA  . PRO A 1 110 ? -2.079  8.508   9.854   1.00 7.34  ? 110 PRO A CA  1 
ATOM   870  C C   . PRO A 1 110 ? -3.298  7.870   9.167   1.00 8.41  ? 110 PRO A C   1 
ATOM   871  O O   . PRO A 1 110 ? -3.455  7.773   7.948   1.00 8.76  ? 110 PRO A O   1 
ATOM   872  C CB  . PRO A 1 110 ? -2.159  10.010  9.949   1.00 7.84  ? 110 PRO A CB  1 
ATOM   873  C CG  . PRO A 1 110 ? -1.377  10.490  8.761   1.00 11.56 ? 110 PRO A CG  1 
ATOM   874  C CD  . PRO A 1 110 ? -0.216  9.528   8.683   1.00 9.77  ? 110 PRO A CD  1 
ATOM   875  N N   . ASN A 1 111 ? -4.173  7.370   10.029  1.00 7.60  ? 111 ASN A N   1 
ATOM   876  C CA  . ASN A 1 111 ? -5.462  6.857   9.609   1.00 8.06  ? 111 ASN A CA  1 
ATOM   877  C C   . ASN A 1 111 ? -6.292  8.130   9.633   1.00 9.24  ? 111 ASN A C   1 
ATOM   878  O O   . ASN A 1 111 ? -6.953  8.408   10.630  1.00 10.73 ? 111 ASN A O   1 
ATOM   879  C CB  . ASN A 1 111 ? -5.956  5.873   10.630  1.00 9.68  ? 111 ASN A CB  1 
ATOM   880  C CG  . ASN A 1 111 ? -7.273  5.239   10.283  1.00 8.74  ? 111 ASN A CG  1 
ATOM   881  O OD1 . ASN A 1 111 ? -7.640  4.252   10.891  1.00 12.06 ? 111 ASN A OD1 1 
ATOM   882  N ND2 . ASN A 1 111 ? -8.082  5.707   9.347   1.00 7.71  ? 111 ASN A ND2 1 
ATOM   883  N N   . ARG A 1 112 ? -6.309  8.907   8.548   1.00 8.80  ? 112 ARG A N   1 
ATOM   884  C CA  . ARG A 1 112 ? -6.937  10.226  8.455   1.00 10.57 ? 112 ARG A CA  1 
ATOM   885  C C   . ARG A 1 112 ? -8.451  10.288  8.668   1.00 11.84 ? 112 ARG A C   1 
ATOM   886  O O   . ARG A 1 112 ? -9.021  11.284  9.107   1.00 11.45 ? 112 ARG A O   1 
ATOM   887  C CB  . ARG A 1 112 ? -6.618  10.799  7.093   1.00 10.48 ? 112 ARG A CB  1 
ATOM   888  C CG  . ARG A 1 112 ? -5.164  11.128  6.977   1.00 10.67 ? 112 ARG A CG  1 
ATOM   889  C CD  . ARG A 1 112 ? -4.793  11.545  5.580   1.00 9.58  ? 112 ARG A CD  1 
ATOM   890  N NE  . ARG A 1 112 ? -3.435  12.064  5.596   1.00 9.19  ? 112 ARG A NE  1 
ATOM   891  C CZ  . ARG A 1 112 ? -2.712  12.279  4.505   1.00 9.04  ? 112 ARG A CZ  1 
ATOM   892  N NH1 . ARG A 1 112 ? -1.485  12.770  4.629   1.00 9.46  ? 112 ARG A NH1 1 
ATOM   893  N NH2 . ARG A 1 112 ? -3.181  11.948  3.316   1.00 7.69  ? 112 ARG A NH2 1 
ATOM   894  N N   . ASN A 1 113 ? -9.152  9.209   8.301   1.00 11.79 ? 113 ASN A N   1 
ATOM   895  C CA  . ASN A 1 113 ? -10.592 9.134   8.463   1.00 12.85 ? 113 ASN A CA  1 
ATOM   896  C C   . ASN A 1 113 ? -11.018 8.467   9.775   1.00 11.89 ? 113 ASN A C   1 
ATOM   897  O O   . ASN A 1 113 ? -12.206 8.437   10.056  1.00 13.10 ? 113 ASN A O   1 
ATOM   898  C CB  . ASN A 1 113 ? -11.181 8.381   7.247   1.00 15.76 ? 113 ASN A CB  1 
ATOM   899  C CG  . ASN A 1 113 ? -10.658 8.772   5.854   1.00 19.40 ? 113 ASN A CG  1 
ATOM   900  O OD1 . ASN A 1 113 ? -10.669 7.912   4.979   1.00 25.40 ? 113 ASN A OD1 1 
ATOM   901  N ND2 . ASN A 1 113 ? -10.070 9.921   5.497   1.00 18.83 ? 113 ASN A ND2 1 
ATOM   902  N N   . LYS A 1 114 ? -10.103 7.942   10.592  1.00 11.51 ? 114 LYS A N   1 
ATOM   903  C CA  . LYS A 1 114 ? -10.398 7.175   11.806  1.00 12.55 ? 114 LYS A CA  1 
ATOM   904  C C   . LYS A 1 114 ? -11.303 5.969   11.516  1.00 13.44 ? 114 LYS A C   1 
ATOM   905  O O   . LYS A 1 114 ? -12.206 5.594   12.262  1.00 15.19 ? 114 LYS A O   1 
ATOM   906  C CB  . LYS A 1 114 ? -11.032 8.082   12.873  1.00 15.02 ? 114 LYS A CB  1 
ATOM   907  C CG  . LYS A 1 114 ? -10.013 9.116   13.366  1.00 21.18 ? 114 LYS A CG  1 
ATOM   908  C CD  . LYS A 1 114 ? -10.563 9.858   14.576  1.00 23.80 ? 114 LYS A CD  1 
ATOM   909  C CE  . LYS A 1 114 ? -10.493 8.994   15.851  1.00 25.09 ? 114 LYS A CE  1 
ATOM   910  N NZ  . LYS A 1 114 ? -11.195 9.607   16.970  1.00 24.98 ? 114 LYS A NZ  1 
ATOM   911  N N   . ASP A 1 115 ? -11.040 5.292   10.395  1.00 11.60 ? 115 ASP A N   1 
ATOM   912  C CA  . ASP A 1 115 ? -11.832 4.141   10.016  1.00 11.80 ? 115 ASP A CA  1 
ATOM   913  C C   . ASP A 1 115 ? -11.444 2.899   10.806  1.00 11.64 ? 115 ASP A C   1 
ATOM   914  O O   . ASP A 1 115 ? -10.269 2.700   11.133  1.00 12.00 ? 115 ASP A O   1 
ATOM   915  C CB  . ASP A 1 115 ? -11.638 3.832   8.553   1.00 15.86 ? 115 ASP A CB  1 
ATOM   916  C CG  . ASP A 1 115 ? -12.276 4.755   7.520   1.00 19.57 ? 115 ASP A CG  1 
ATOM   917  O OD1 . ASP A 1 115 ? -11.656 5.036   6.489   1.00 23.73 ? 115 ASP A OD1 1 
ATOM   918  O OD2 . ASP A 1 115 ? -13.399 5.183   7.718   1.00 21.97 ? 115 ASP A OD2 1 
ATOM   919  N N   . ALA A 1 116 ? -12.385 1.982   11.055  1.00 10.40 ? 116 ALA A N   1 
ATOM   920  C CA  . ALA A 1 116 ? -12.045 0.791   11.802  1.00 10.82 ? 116 ALA A CA  1 
ATOM   921  C C   . ALA A 1 116 ? -12.039 -0.504  10.976  1.00 10.78 ? 116 ALA A C   1 
ATOM   922  O O   . ALA A 1 116 ? -11.710 -1.587  11.472  1.00 10.71 ? 116 ALA A O   1 
ATOM   923  C CB  . ALA A 1 116 ? -13.039 0.698   12.941  1.00 13.05 ? 116 ALA A CB  1 
ATOM   924  N N   . ALA A 1 117 ? -12.487 -0.466  9.721   1.00 10.44 ? 117 ALA A N   1 
ATOM   925  C CA  . ALA A 1 117 ? -12.511 -1.667  8.896   1.00 10.20 ? 117 ALA A CA  1 
ATOM   926  C C   . ALA A 1 117 ? -12.421 -1.219  7.449   1.00 10.73 ? 117 ALA A C   1 
ATOM   927  O O   . ALA A 1 117 ? -12.836 -0.085  7.151   1.00 11.34 ? 117 ALA A O   1 
ATOM   928  C CB  . ALA A 1 117 ? -13.823 -2.458  9.076   1.00 9.46  ? 117 ALA A CB  1 
ATOM   929  N N   . PHE A 1 118 ? -11.901 -2.059  6.553   1.00 9.63  ? 118 PHE A N   1 
ATOM   930  C CA  . PHE A 1 118 ? -11.727 -1.728  5.142   1.00 9.03  ? 118 PHE A CA  1 
ATOM   931  C C   . PHE A 1 118 ? -12.119 -2.976  4.372   1.00 10.55 ? 118 PHE A C   1 
ATOM   932  O O   . PHE A 1 118 ? -11.762 -4.103  4.727   1.00 10.91 ? 118 PHE A O   1 
ATOM   933  C CB  . PHE A 1 118 ? -10.266 -1.372  4.809   1.00 8.11  ? 118 PHE A CB  1 
ATOM   934  C CG  . PHE A 1 118 ? -9.781  -0.148  5.582   1.00 8.63  ? 118 PHE A CG  1 
ATOM   935  C CD1 . PHE A 1 118 ? -10.246 1.139   5.230   1.00 8.16  ? 118 PHE A CD1 1 
ATOM   936  C CD2 . PHE A 1 118 ? -8.915  -0.325  6.672   1.00 8.65  ? 118 PHE A CD2 1 
ATOM   937  C CE1 . PHE A 1 118 ? -9.839  2.230   5.990   1.00 7.59  ? 118 PHE A CE1 1 
ATOM   938  C CE2 . PHE A 1 118 ? -8.532  0.795   7.405   1.00 9.77  ? 118 PHE A CE2 1 
ATOM   939  C CZ  . PHE A 1 118 ? -8.988  2.059   7.076   1.00 8.15  ? 118 PHE A CZ  1 
ATOM   940  N N   . ASN A 1 119 ? -12.880 -2.730  3.313   1.00 9.50  ? 119 ASN A N   1 
ATOM   941  C CA  . ASN A 1 119 ? -13.401 -3.803  2.515   1.00 10.84 ? 119 ASN A CA  1 
ATOM   942  C C   . ASN A 1 119 ? -12.681 -4.005  1.210   1.00 9.01  ? 119 ASN A C   1 
ATOM   943  O O   . ASN A 1 119 ? -13.141 -4.851  0.448   1.00 11.28 ? 119 ASN A O   1 
ATOM   944  C CB  . ASN A 1 119 ? -14.886 -3.572  2.227   1.00 14.01 ? 119 ASN A CB  1 
ATOM   945  C CG  . ASN A 1 119 ? -15.749 -4.200  3.318   1.00 20.18 ? 119 ASN A CG  1 
ATOM   946  O OD1 . ASN A 1 119 ? -15.326 -4.734  4.339   1.00 22.46 ? 119 ASN A OD1 1 
ATOM   947  N ND2 . ASN A 1 119 ? -17.052 -4.185  3.140   1.00 27.47 ? 119 ASN A ND2 1 
ATOM   948  N N   . LEU A 1 120 ? -11.605 -3.311  0.896   1.00 7.83  ? 120 LEU A N   1 
ATOM   949  C CA  . LEU A 1 120 ? -10.933 -3.551  -0.379  1.00 7.08  ? 120 LEU A CA  1 
ATOM   950  C C   . LEU A 1 120 ? -9.441  -3.394  -0.187  1.00 7.23  ? 120 LEU A C   1 
ATOM   951  O O   . LEU A 1 120 ? -9.008  -2.405  0.415   1.00 7.55  ? 120 LEU A O   1 
ATOM   952  C CB  . LEU A 1 120 ? -11.394 -2.557  -1.458  1.00 7.12  ? 120 LEU A CB  1 
ATOM   953  C CG  . LEU A 1 120 ? -10.727 -2.699  -2.844  1.00 6.52  ? 120 LEU A CG  1 
ATOM   954  C CD1 . LEU A 1 120 ? -10.992 -4.104  -3.403  1.00 8.38  ? 120 LEU A CD1 1 
ATOM   955  C CD2 . LEU A 1 120 ? -11.252 -1.653  -3.779  1.00 8.94  ? 120 LEU A CD2 1 
ATOM   956  N N   . ILE A 1 121 ? -8.668  -4.380  -0.629  1.00 6.87  ? 121 ILE A N   1 
ATOM   957  C CA  . ILE A 1 121 ? -7.213  -4.302  -0.611  1.00 6.97  ? 121 ILE A CA  1 
ATOM   958  C C   . ILE A 1 121 ? -6.820  -4.540  -2.055  1.00 6.55  ? 121 ILE A C   1 
ATOM   959  O O   . ILE A 1 121 ? -7.297  -5.534  -2.601  1.00 5.48  ? 121 ILE A O   1 
ATOM   960  C CB  . ILE A 1 121 ? -6.579  -5.407  0.290   1.00 8.11  ? 121 ILE A CB  1 
ATOM   961  C CG1 . ILE A 1 121 ? -6.875  -5.183  1.761   1.00 9.56  ? 121 ILE A CG1 1 
ATOM   962  C CG2 . ILE A 1 121 ? -5.070  -5.370  0.114   1.00 8.85  ? 121 ILE A CG2 1 
ATOM   963  C CD1 . ILE A 1 121 ? -7.789  -6.263  2.328   1.00 12.37 ? 121 ILE A CD1 1 
ATOM   964  N N   . TYR A 1 122 ? -6.048  -3.729  -2.740  1.00 4.20  ? 122 TYR A N   1 
ATOM   965  C CA  . TYR A 1 122 ? -5.612  -4.118  -4.035  1.00 4.72  ? 122 TYR A CA  1 
ATOM   966  C C   . TYR A 1 122 ? -4.232  -3.589  -4.360  1.00 7.35  ? 122 TYR A C   1 
ATOM   967  O O   . TYR A 1 122 ? -3.732  -2.601  -3.798  1.00 6.16  ? 122 TYR A O   1 
ATOM   968  C CB  . TYR A 1 122 ? -6.662  -3.643  -5.055  1.00 5.57  ? 122 TYR A CB  1 
ATOM   969  C CG  . TYR A 1 122 ? -6.753  -2.179  -5.381  1.00 8.18  ? 122 TYR A CG  1 
ATOM   970  C CD1 . TYR A 1 122 ? -5.993  -1.640  -6.433  1.00 8.87  ? 122 TYR A CD1 1 
ATOM   971  C CD2 . TYR A 1 122 ? -7.642  -1.396  -4.662  1.00 8.08  ? 122 TYR A CD2 1 
ATOM   972  C CE1 . TYR A 1 122 ? -6.137  -0.296  -6.770  1.00 9.53  ? 122 TYR A CE1 1 
ATOM   973  C CE2 . TYR A 1 122 ? -7.787  -0.054  -5.003  1.00 11.06 ? 122 TYR A CE2 1 
ATOM   974  C CZ  . TYR A 1 122 ? -7.041  0.484   -6.051  1.00 10.91 ? 122 TYR A CZ  1 
ATOM   975  O OH  . TYR A 1 122 ? -7.218  1.818   -6.386  1.00 11.65 ? 122 TYR A OH  1 
ATOM   976  N N   . LEU A 1 123 ? -3.611  -4.281  -5.302  1.00 8.01  ? 123 LEU A N   1 
ATOM   977  C CA  . LEU A 1 123 ? -2.329  -3.867  -5.842  1.00 8.67  ? 123 LEU A CA  1 
ATOM   978  C C   . LEU A 1 123 ? -2.599  -3.394  -7.264  1.00 9.64  ? 123 LEU A C   1 
ATOM   979  O O   . LEU A 1 123 ? -3.378  -4.044  -7.970  1.00 11.25 ? 123 LEU A O   1 
ATOM   980  C CB  . LEU A 1 123 ? -1.348  -5.050  -5.850  1.00 10.03 ? 123 LEU A CB  1 
ATOM   981  C CG  . LEU A 1 123 ? 0.035   -4.751  -6.416  1.00 9.77  ? 123 LEU A CG  1 
ATOM   982  C CD1 . LEU A 1 123 ? 1.117   -5.294  -5.525  1.00 13.34 ? 123 LEU A CD1 1 
ATOM   983  C CD2 . LEU A 1 123 ? 0.110   -5.364  -7.793  1.00 13.89 ? 123 LEU A CD2 1 
ATOM   984  N N   . ALA A 1 124 ? -1.966  -2.307  -7.707  1.00 8.47  ? 124 ALA A N   1 
ATOM   985  C CA  . ALA A 1 124 ? -2.065  -1.805  -9.061  1.00 9.35  ? 124 ALA A CA  1 
ATOM   986  C C   . ALA A 1 124 ? -0.673  -1.417  -9.542  1.00 9.10  ? 124 ALA A C   1 
ATOM   987  O O   . ALA A 1 124 ? 0.241   -1.176  -8.749  1.00 7.48  ? 124 ALA A O   1 
ATOM   988  C CB  . ALA A 1 124 ? -2.918  -0.555  -9.127  1.00 8.83  ? 124 ALA A CB  1 
ATOM   989  N N   . GLY A 1 125 ? -0.496  -1.339  -10.867 1.00 8.58  ? 125 GLY A N   1 
ATOM   990  C CA  . GLY A 1 125 ? 0.772   -0.881  -11.407 1.00 8.10  ? 125 GLY A CA  1 
ATOM   991  C C   . GLY A 1 125 ? 1.680   -2.067  -11.738 1.00 8.10  ? 125 GLY A C   1 
ATOM   992  O O   . GLY A 1 125 ? 1.230   -3.206  -11.961 1.00 8.98  ? 125 GLY A O   1 
ATOM   993  N N   . ASP A 1 126 ? 2.978   -1.803  -11.738 1.00 7.93  ? 126 ASP A N   1 
ATOM   994  C CA  . ASP A 1 126 ? 3.954   -2.760  -12.275 1.00 6.91  ? 126 ASP A CA  1 
ATOM   995  C C   . ASP A 1 126 ? 4.592   -3.804  -11.353 1.00 7.03  ? 126 ASP A C   1 
ATOM   996  O O   . ASP A 1 126 ? 5.827   -3.867  -11.128 1.00 6.48  ? 126 ASP A O   1 
ATOM   997  C CB  . ASP A 1 126 ? 5.076   -1.978  -12.948 1.00 7.87  ? 126 ASP A CB  1 
ATOM   998  C CG  . ASP A 1 126 ? 4.682   -1.112  -14.143 1.00 11.44 ? 126 ASP A CG  1 
ATOM   999  O OD1 . ASP A 1 126 ? 5.354   -0.111  -14.379 1.00 10.04 ? 126 ASP A OD1 1 
ATOM   1000 O OD2 . ASP A 1 126 ? 3.721   -1.429  -14.839 1.00 9.33  ? 126 ASP A OD2 1 
ATOM   1001 N N   . ALA A 1 127 ? 3.678   -4.607  -10.819 1.00 6.72  ? 127 ALA A N   1 
ATOM   1002 C CA  . ALA A 1 127 ? 4.005   -5.726  -9.948  1.00 6.61  ? 127 ALA A CA  1 
ATOM   1003 C C   . ALA A 1 127 ? 2.862   -6.744  -9.924  1.00 7.84  ? 127 ALA A C   1 
ATOM   1004 O O   . ALA A 1 127 ? 1.808   -6.561  -10.563 1.00 7.52  ? 127 ALA A O   1 
ATOM   1005 C CB  . ALA A 1 127 ? 4.268   -5.236  -8.527  1.00 4.44  ? 127 ALA A CB  1 
ATOM   1006 N N   . ARG A 1 128 ? 3.077   -7.875  -9.272  1.00 6.10  ? 128 ARG A N   1 
ATOM   1007 C CA  . ARG A 1 128 ? 2.052   -8.878  -9.133  1.00 8.38  ? 128 ARG A CA  1 
ATOM   1008 C C   . ARG A 1 128 ? 2.141   -9.460  -7.736  1.00 8.12  ? 128 ARG A C   1 
ATOM   1009 O O   . ARG A 1 128 ? 3.176   -9.348  -7.099  1.00 7.86  ? 128 ARG A O   1 
ATOM   1010 C CB  . ARG A 1 128 ? 2.251   -9.942  -10.242 1.00 11.13 ? 128 ARG A CB  1 
ATOM   1011 C CG  . ARG A 1 128 ? 3.607   -10.614 -10.266 1.00 16.72 ? 128 ARG A CG  1 
ATOM   1012 C CD  . ARG A 1 128 ? 3.849   -11.328 -11.595 1.00 22.22 ? 128 ARG A CD  1 
ATOM   1013 N NE  . ARG A 1 128 ? 5.136   -12.031 -11.558 1.00 27.46 ? 128 ARG A NE  1 
ATOM   1014 C CZ  . ARG A 1 128 ? 5.290   -13.247 -10.981 1.00 29.07 ? 128 ARG A CZ  1 
ATOM   1015 N NH1 . ARG A 1 128 ? 4.254   -13.902 -10.410 1.00 29.56 ? 128 ARG A NH1 1 
ATOM   1016 N NH2 . ARG A 1 128 ? 6.520   -13.792 -10.921 1.00 29.29 ? 128 ARG A NH2 1 
ATOM   1017 N N   . LEU A 1 129 ? 1.046   -9.997  -7.215  1.00 9.27  ? 129 LEU A N   1 
ATOM   1018 C CA  . LEU A 1 129 ? 1.058   -10.587 -5.883  1.00 9.86  ? 129 LEU A CA  1 
ATOM   1019 C C   . LEU A 1 129 ? 1.132   -12.084 -6.055  1.00 9.67  ? 129 LEU A C   1 
ATOM   1020 O O   . LEU A 1 129 ? 0.647   -12.604 -7.063  1.00 9.42  ? 129 LEU A O   1 
ATOM   1021 C CB  . LEU A 1 129 ? -0.207  -10.268 -5.088  1.00 11.12 ? 129 LEU A CB  1 
ATOM   1022 C CG  . LEU A 1 129 ? -0.423  -8.829  -4.591  1.00 12.17 ? 129 LEU A CG  1 
ATOM   1023 C CD1 . LEU A 1 129 ? -1.726  -8.715  -3.793  1.00 12.15 ? 129 LEU A CD1 1 
ATOM   1024 C CD2 . LEU A 1 129 ? 0.782   -8.432  -3.694  1.00 12.68 ? 129 LEU A CD2 1 
ATOM   1025 N N   . THR A 1 130 ? 1.813   -12.734 -5.131  1.00 7.90  ? 130 THR A N   1 
ATOM   1026 C CA  . THR A 1 130 ? 1.961   -14.168 -5.158  1.00 9.60  ? 130 THR A CA  1 
ATOM   1027 C C   . THR A 1 130 ? 1.336   -14.845 -3.938  1.00 7.92  ? 130 THR A C   1 
ATOM   1028 O O   . THR A 1 130 ? 1.037   -16.036 -4.009  1.00 9.18  ? 130 THR A O   1 
ATOM   1029 C CB  . THR A 1 130 ? 3.455   -14.528 -5.257  1.00 9.29  ? 130 THR A CB  1 
ATOM   1030 O OG1 . THR A 1 130 ? 4.088   -13.898 -4.164  1.00 12.39 ? 130 THR A OG1 1 
ATOM   1031 C CG2 . THR A 1 130 ? 4.101   -14.075 -6.581  1.00 11.88 ? 130 THR A CG2 1 
ATOM   1032 N N   . PHE A 1 131 ? 1.128   -14.149 -2.803  1.00 6.80  ? 131 PHE A N   1 
ATOM   1033 C CA  . PHE A 1 131 ? 0.438   -14.769 -1.682  1.00 6.91  ? 131 PHE A CA  1 
ATOM   1034 C C   . PHE A 1 131 ? -0.204  -13.687 -0.829  1.00 7.71  ? 131 PHE A C   1 
ATOM   1035 O O   . PHE A 1 131 ? 0.167   -12.515 -0.954  1.00 7.18  ? 131 PHE A O   1 
ATOM   1036 C CB  . PHE A 1 131 ? 1.412   -15.623 -0.812  1.00 6.34  ? 131 PHE A CB  1 
ATOM   1037 C CG  . PHE A 1 131 ? 2.410   -14.875 0.060   1.00 9.07  ? 131 PHE A CG  1 
ATOM   1038 C CD1 . PHE A 1 131 ? 3.684   -14.569 -0.430  1.00 12.44 ? 131 PHE A CD1 1 
ATOM   1039 C CD2 . PHE A 1 131 ? 2.049   -14.506 1.362   1.00 12.18 ? 131 PHE A CD2 1 
ATOM   1040 C CE1 . PHE A 1 131 ? 4.610   -13.892 0.382   1.00 12.88 ? 131 PHE A CE1 1 
ATOM   1041 C CE2 . PHE A 1 131 ? 2.971   -13.829 2.160   1.00 13.51 ? 131 PHE A CE2 1 
ATOM   1042 C CZ  . PHE A 1 131 ? 4.241   -13.526 1.668   1.00 12.65 ? 131 PHE A CZ  1 
ATOM   1043 N N   . VAL A 1 132 ? -1.140  -14.026 0.054   1.00 7.10  ? 132 VAL A N   1 
ATOM   1044 C CA  . VAL A 1 132 ? -1.767  -13.045 0.917   1.00 6.85  ? 132 VAL A CA  1 
ATOM   1045 C C   . VAL A 1 132 ? -2.202  -13.763 2.186   1.00 7.19  ? 132 VAL A C   1 
ATOM   1046 O O   . VAL A 1 132 ? -2.657  -14.914 2.113   1.00 7.65  ? 132 VAL A O   1 
ATOM   1047 C CB  . VAL A 1 132 ? -2.999  -12.371 0.172   1.00 7.76  ? 132 VAL A CB  1 
ATOM   1048 C CG1 . VAL A 1 132 ? -4.045  -13.401 -0.285  1.00 6.05  ? 132 VAL A CG1 1 
ATOM   1049 C CG2 . VAL A 1 132 ? -3.669  -11.393 1.130   1.00 8.25  ? 132 VAL A CG2 1 
ATOM   1050 N N   . ARG A 1 133 ? -2.063  -13.129 3.354   1.00 6.97  ? 133 ARG A N   1 
ATOM   1051 C CA  . ARG A 1 133 ? -2.618  -13.669 4.580   1.00 6.70  ? 133 ARG A CA  1 
ATOM   1052 C C   . ARG A 1 133 ? -3.415  -12.530 5.173   1.00 6.61  ? 133 ARG A C   1 
ATOM   1053 O O   . ARG A 1 133 ? -2.864  -11.429 5.290   1.00 7.69  ? 133 ARG A O   1 
ATOM   1054 C CB  . ARG A 1 133 ? -1.548  -14.055 5.568   1.00 10.66 ? 133 ARG A CB  1 
ATOM   1055 C CG  . ARG A 1 133 ? -0.682  -15.214 5.115   1.00 16.43 ? 133 ARG A CG  1 
ATOM   1056 C CD  . ARG A 1 133 ? -0.023  -15.930 6.287   1.00 22.30 ? 133 ARG A CD  1 
ATOM   1057 N NE  . ARG A 1 133 ? 0.972   -15.100 6.932   1.00 29.32 ? 133 ARG A NE  1 
ATOM   1058 C CZ  . ARG A 1 133 ? 2.221   -15.006 6.467   1.00 32.49 ? 133 ARG A CZ  1 
ATOM   1059 N NH1 . ARG A 1 133 ? 2.628   -15.680 5.387   1.00 35.49 ? 133 ARG A NH1 1 
ATOM   1060 N NH2 . ARG A 1 133 ? 3.065   -14.176 7.078   1.00 34.63 ? 133 ARG A NH2 1 
ATOM   1061 N N   . LEU A 1 134 ? -4.678  -12.658 5.521   1.00 6.91  ? 134 LEU A N   1 
ATOM   1062 C CA  . LEU A 1 134 ? -5.420  -11.572 6.153   1.00 7.18  ? 134 LEU A CA  1 
ATOM   1063 C C   . LEU A 1 134 ? -6.133  -12.269 7.287   1.00 9.05  ? 134 LEU A C   1 
ATOM   1064 O O   . LEU A 1 134 ? -7.013  -13.114 7.063   1.00 9.88  ? 134 LEU A O   1 
ATOM   1065 C CB  . LEU A 1 134 ? -6.393  -10.959 5.147   1.00 8.94  ? 134 LEU A CB  1 
ATOM   1066 C CG  . LEU A 1 134 ? -7.475  -10.010 5.693   1.00 10.01 ? 134 LEU A CG  1 
ATOM   1067 C CD1 . LEU A 1 134 ? -6.767  -8.829  6.325   1.00 11.07 ? 134 LEU A CD1 1 
ATOM   1068 C CD2 . LEU A 1 134 ? -8.433  -9.552  4.596   1.00 9.62  ? 134 LEU A CD2 1 
ATOM   1069 N N   . GLU A 1 135 ? -5.712  -11.987 8.500   1.00 10.43 ? 135 GLU A N   1 
ATOM   1070 C CA  . GLU A 1 135 ? -6.215  -12.705 9.667   1.00 13.45 ? 135 GLU A CA  1 
ATOM   1071 C C   . GLU A 1 135 ? -5.936  -11.975 10.985  1.00 13.61 ? 135 GLU A C   1 
ATOM   1072 O O   . GLU A 1 135 ? -6.563  -12.290 11.990  1.00 15.26 ? 135 GLU A O   1 
ATOM   1073 C CB  . GLU A 1 135 ? -5.594  -14.121 9.708   1.00 16.86 ? 135 GLU A CB  1 
ATOM   1074 C CG  . GLU A 1 135 ? -4.064  -14.093 9.758   1.00 25.82 ? 135 GLU A CG  1 
ATOM   1075 C CD  . GLU A 1 135 ? -3.303  -15.425 9.687   1.00 31.67 ? 135 GLU A CD  1 
ATOM   1076 O OE1 . GLU A 1 135 ? -2.174  -15.385 9.170   1.00 34.88 ? 135 GLU A OE1 1 
ATOM   1077 O OE2 . GLU A 1 135 ? -3.814  -16.465 10.143  1.00 35.45 ? 135 GLU A OE2 1 
ATOM   1078 O OXT . GLU A 1 135 ? -5.122  -11.070 11.007  1.00 12.00 ? 135 GLU A OXT 1 
HETATM 1079 O O1  . MES B 2 .   ? -5.207  5.178   -7.362  1.00 30.97 ? 777 MES A O1  1 
HETATM 1080 C C2  . MES B 2 .   ? -6.584  5.104   -7.751  1.00 28.39 ? 777 MES A C2  1 
HETATM 1081 C C3  . MES B 2 .   ? -6.728  4.270   -9.023  1.00 30.47 ? 777 MES A C3  1 
HETATM 1082 N N4  . MES B 2 .   ? -5.928  3.126   -8.767  1.00 31.66 ? 777 MES A N4  1 
HETATM 1083 C C5  . MES B 2 .   ? -4.571  3.063   -8.362  1.00 28.96 ? 777 MES A C5  1 
HETATM 1084 C C6  . MES B 2 .   ? -4.488  3.970   -7.133  1.00 28.07 ? 777 MES A C6  1 
HETATM 1085 C C7  . MES B 2 .   ? -5.705  2.151   -9.811  1.00 34.34 ? 777 MES A C7  1 
HETATM 1086 C C8  . MES B 2 .   ? -7.061  1.581   -10.167 1.00 39.47 ? 777 MES A C8  1 
HETATM 1087 S S   . MES B 2 .   ? -6.801  0.288   -11.446 1.00 45.38 ? 777 MES A S   1 
HETATM 1088 O O1S . MES B 2 .   ? -8.198  -0.137  -11.755 1.00 44.29 ? 777 MES A O1S 1 
HETATM 1089 O O2S . MES B 2 .   ? -6.159  -0.828  -10.746 1.00 45.08 ? 777 MES A O2S 1 
HETATM 1090 O O3S . MES B 2 .   ? -5.974  0.754   -12.635 1.00 43.49 ? 777 MES A O3S 1 
HETATM 1091 O O   . HOH C 3 .   ? 11.839  -6.234  -1.436  1.00 41.34 ? 401 HOH A O   1 
HETATM 1092 O O   . HOH C 3 .   ? 16.370  -8.187  -3.555  1.00 41.25 ? 402 HOH A O   1 
HETATM 1093 O O   . HOH C 3 .   ? -8.443  6.532   6.955   1.00 24.33 ? 403 HOH A O   1 
HETATM 1094 O O   . HOH C 3 .   ? 14.825  6.834   -13.568 1.00 35.46 ? 404 HOH A O   1 
HETATM 1095 O O   . HOH C 3 .   ? 18.744  6.976   -12.211 1.00 42.29 ? 405 HOH A O   1 
HETATM 1096 O O   . HOH C 3 .   ? 6.098   7.159   -15.177 1.00 33.45 ? 406 HOH A O   1 
HETATM 1097 O O   . HOH C 3 .   ? 16.979  4.045   6.721   1.00 41.76 ? 407 HOH A O   1 
HETATM 1098 O O   . HOH C 3 .   ? 16.863  -4.868  -11.410 1.00 31.06 ? 408 HOH A O   1 
HETATM 1099 O O   . HOH C 3 .   ? 19.148  -6.204  -10.327 0.50 23.21 ? 409 HOH A O   1 
HETATM 1100 O O   . HOH C 3 .   ? 9.294   4.474   11.613  1.00 44.23 ? 410 HOH A O   1 
HETATM 1101 O O   . HOH C 3 .   ? -2.849  -1.951  -12.384 1.00 41.35 ? 411 HOH A O   1 
HETATM 1102 O O   . HOH C 3 .   ? -16.098 -0.907  5.856   1.00 43.33 ? 412 HOH A O   1 
HETATM 1103 O O   . HOH C 3 .   ? -11.277 11.181  -6.203  1.00 43.02 ? 415 HOH A O   1 
HETATM 1104 O O   . HOH C 3 .   ? -13.166 10.851  -8.278  1.00 40.40 ? 416 HOH A O   1 
HETATM 1105 O O   . HOH C 3 .   ? -15.886 11.008  -9.099  1.00 40.10 ? 417 HOH A O   1 
HETATM 1106 O O   . HOH C 3 .   ? 18.393  -8.299  -8.332  1.00 45.17 ? 418 HOH A O   1 
HETATM 1107 O O   . HOH C 3 .   ? 6.652   -13.773 -3.783  1.00 38.10 ? 419 HOH A O   1 
HETATM 1108 O O   . HOH C 3 .   ? 7.344   -7.546  6.029   1.00 34.50 ? 420 HOH A O   1 
HETATM 1109 O O   . HOH C 3 .   ? 3.399   -17.720 -3.502  1.00 44.88 ? 422 HOH A O   1 
HETATM 1110 O O   . HOH C 3 .   ? 17.642  5.471   -10.165 1.00 37.69 ? 425 HOH A O   1 
HETATM 1111 O O   . HOH C 3 .   ? -1.098  -10.326 -9.166  1.00 14.30 ? 502 HOH A O   1 
HETATM 1112 O O   . HOH C 3 .   ? -11.436 -7.303  1.698   1.00 12.54 ? 503 HOH A O   1 
HETATM 1113 O O   . HOH C 3 .   ? -12.809 -10.101 8.829   1.00 9.21  ? 505 HOH A O   1 
HETATM 1114 O O   . HOH C 3 .   ? -17.164 -10.700 7.567   1.00 16.16 ? 506 HOH A O   1 
HETATM 1115 O O   . HOH C 3 .   ? -5.418  -3.794  11.743  1.00 17.60 ? 507 HOH A O   1 
HETATM 1116 O O   . HOH C 3 .   ? 11.856  -5.949  -4.634  1.00 15.73 ? 510 HOH A O   1 
HETATM 1117 O O   . HOH C 3 .   ? -10.379 7.713   1.961   1.00 13.06 ? 518 HOH A O   1 
HETATM 1118 O O   . HOH C 3 .   ? -14.557 -0.173  3.475   1.00 18.18 ? 519 HOH A O   1 
HETATM 1119 O O   . HOH C 3 .   ? -8.186  11.421  3.833   1.00 12.88 ? 525 HOH A O   1 
HETATM 1120 O O   . HOH C 3 .   ? 15.150  4.803   -11.606 1.00 20.37 ? 526 HOH A O   1 
HETATM 1121 O O   . HOH C 3 .   ? 10.587  8.667   -15.348 1.00 23.17 ? 527 HOH A O   1 
HETATM 1122 O O   . HOH C 3 .   ? -13.570 8.508   0.196   1.00 20.27 ? 530 HOH A O   1 
HETATM 1123 O O   . HOH C 3 .   ? 7.012   13.719  3.660   1.00 38.58 ? 535 HOH A O   1 
HETATM 1124 O O   . HOH C 3 .   ? 15.605  -1.728  -9.088  1.00 22.42 ? 539 HOH A O   1 
HETATM 1125 O O   . HOH C 3 .   ? 2.980   -3.969  10.449  1.00 18.69 ? 546 HOH A O   1 
HETATM 1126 O O   . HOH C 3 .   ? 5.060   0.373   11.400  1.00 15.01 ? 548 HOH A O   1 
HETATM 1127 O O   . HOH C 3 .   ? -6.759  14.247  -7.396  1.00 27.30 ? 557 HOH A O   1 
HETATM 1128 O O   . HOH C 3 .   ? 8.503   6.937   -16.481 1.00 33.83 ? 563 HOH A O   1 
HETATM 1129 O O   . HOH C 3 .   ? -5.583  7.616   6.179   1.00 17.17 ? 570 HOH A O   1 
HETATM 1130 O O   . HOH C 3 .   ? 5.560   -3.238  -0.573  1.00 35.64 ? 573 HOH A O   1 
HETATM 1131 O O   . HOH C 3 .   ? 16.754  1.182   -3.672  1.00 36.47 ? 577 HOH A O   1 
HETATM 1132 O O   . HOH C 3 .   ? -1.196  -4.602  -11.483 1.00 31.23 ? 578 HOH A O   1 
HETATM 1133 O O   . HOH C 3 .   ? -1.120  -7.623  -10.467 1.00 46.89 ? 579 HOH A O   1 
HETATM 1134 O O   . HOH C 3 .   ? -15.429 -9.781  9.668   1.00 28.25 ? 580 HOH A O   1 
HETATM 1135 O O   . HOH C 3 .   ? -0.980  -11.590 8.252   1.00 21.98 ? 581 HOH A O   1 
HETATM 1136 O O   . HOH C 3 .   ? 4.863   0.738   -17.085 1.00 46.73 ? 585 HOH A O   1 
HETATM 1137 O O   . HOH C 3 .   ? 1.072   2.955   -8.645  1.00 20.31 ? 586 HOH A O   1 
HETATM 1138 O O   . HOH C 3 .   ? -13.682 1.832   5.283   1.00 28.42 ? 588 HOH A O   1 
HETATM 1139 O O   . HOH C 3 .   ? 15.937  5.763   -1.758  1.00 35.47 ? 597 HOH A O   1 
HETATM 1140 O O   . HOH C 3 .   ? 12.464  1.547   10.612  1.00 22.84 ? 600 HOH A O   1 
HETATM 1141 O O   . HOH C 3 .   ? 8.134   -4.358  1.604   1.00 15.66 ? 602 HOH A O   1 
HETATM 1142 O O   . HOH C 3 .   ? 13.762  -12.289 -5.180  1.00 33.63 ? 605 HOH A O   1 
HETATM 1143 O O   . HOH C 3 .   ? 4.787   -5.924  11.626  1.00 29.25 ? 606 HOH A O   1 
HETATM 1144 O O   . HOH C 3 .   ? 7.104   6.728   9.161   1.00 26.76 ? 607 HOH A O   1 
HETATM 1145 O O   . HOH C 3 .   ? 4.521   8.385   6.329   1.00 43.82 ? 608 HOH A O   1 
HETATM 1146 O O   . HOH C 3 .   ? -2.225  13.825  7.755   1.00 33.40 ? 609 HOH A O   1 
HETATM 1147 O O   . HOH C 3 .   ? -13.088 -3.072  13.716  1.00 30.43 ? 611 HOH A O   1 
HETATM 1148 O O   . HOH C 3 .   ? 15.794  -4.802  -17.625 1.00 33.68 ? 619 HOH A O   1 
HETATM 1149 O O   . HOH C 3 .   ? 3.581   3.685   -16.997 1.00 18.78 ? 622 HOH A O   1 
HETATM 1150 O O   . HOH C 3 .   ? 4.080   5.335   -14.889 1.00 21.52 ? 623 HOH A O   1 
HETATM 1151 O O   . HOH C 3 .   ? -4.046  15.666  4.143   1.00 27.43 ? 630 HOH A O   1 
HETATM 1152 O O   . HOH C 3 .   ? -7.637  14.027  9.118   1.00 45.06 ? 633 HOH A O   1 
HETATM 1153 O O   . HOH C 3 .   ? 7.666   -12.505 -1.449  1.00 27.59 ? 640 HOH A O   1 
HETATM 1154 O O   . HOH C 3 .   ? 7.085   -1.153  -17.329 1.00 37.07 ? 648 HOH A O   1 
HETATM 1155 O O   . HOH C 3 .   ? 0.216   8.162   -6.269  1.00 19.24 ? 701 HOH A O   1 
HETATM 1156 O O   . HOH C 3 .   ? -0.115  10.911  -3.969  1.00 18.49 ? 702 HOH A O   1 
HETATM 1157 O O   . HOH C 3 .   ? 0.352   10.940  -6.314  1.00 38.29 ? 703 HOH A O   1 
HETATM 1158 O O   . HOH C 3 .   ? 3.244   13.041  -6.459  1.00 27.93 ? 704 HOH A O   1 
HETATM 1159 O O   . HOH C 3 .   ? 1.182   12.149  -8.166  1.00 29.22 ? 705 HOH A O   1 
# 
